data_6ATB
#
_entry.id   6ATB
#
_cell.length_a   98.460
_cell.length_b   208.400
_cell.length_c   98.860
_cell.angle_alpha   90.00
_cell.angle_beta   90.00
_cell.angle_gamma   90.00
#
_symmetry.space_group_name_H-M   'P 21 21 21'
#
loop_
_entity.id
_entity.type
_entity.pdbx_description
1 polymer 'Nicotinamide phosphoribosyltransferase'
2 non-polymer "N-{4-[(1,3-dioxo-1,3-dihydro-2H-isoindol-2-yl)methyl]phenyl}-N'-[(pyridin-3-yl)methyl]urea"
3 non-polymer GLYCEROL
4 non-polymer 'PHOSPHATE ION'
5 non-polymer 'DIMETHYL SULFOXIDE'
6 water water
#
_entity_poly.entity_id   1
_entity_poly.type   'polypeptide(L)'
_entity_poly.pdbx_seq_one_letter_code
;MNPAAEAEFNILLATDSYKVTHYKQYPPNTSKVYSYFECREKKTENSKLRKVKYEETVFYGLQYILNKYLKGKVVTKEKI
QEAKDVYKEHFQDDVFNEKGWNYILEKYDGHLPIEIKAVPEGFVIPRGNVLFTVENTDPECYWLTNWIETILVQSWYPIT
VATNSREQKKILAKYLLETSGNLDGLEYKLHDFGYRGVSSQETAGIGASAHLVNFKGTDTVAGLALIKKYYGTKDPVPGY
SVPAAEHSTITAWGKDHEKDAFEHIVTQFSSVPVSVVSDSYDIYNACEKIWGEDLRHLIVSRSTQAPLIIRPDSGNPLDT
VLKVLEILGKKFPVTENSKGYKLLPPYLRVIQGDGVDINTLQEIVEGMKQKMWSIENIAFGSGGGLLQKLTRDLLNCSFK
CSYVVTNGLGINVFKDPVADPNKRSKKGRLSLHRTPAGNFVTLEEGKGDLEEYGQDLLHTVFKNGKVTKSYSFDEIRKNA
QLNIELEAAHHLEHHHHHHHH
;
_entity_poly.pdbx_strand_id   A,B,C,D
#
loop_
_chem_comp.id
_chem_comp.type
_chem_comp.name
_chem_comp.formula
BWA non-polymer N-{4-[(1,3-dioxo-1,3-dihydro-2H-isoindol-2-yl)methyl]phenyl}-N'-[(pyridin-3-yl)methyl]urea 'C22 H18 N4 O3'
DMS non-polymer 'DIMETHYL SULFOXIDE' 'C2 H6 O S'
GOL non-polymer GLYCEROL 'C3 H8 O3'
PO4 non-polymer 'PHOSPHATE ION' 'O4 P -3'
#
# COMPACT_ATOMS: atom_id res chain seq x y z
N PHE A 9 11.32 16.16 13.30
CA PHE A 9 11.97 16.70 12.11
C PHE A 9 13.21 15.91 11.66
N ASN A 10 13.29 15.63 10.36
CA ASN A 10 14.37 14.88 9.74
C ASN A 10 14.87 15.64 8.51
N ILE A 11 16.05 16.28 8.63
CA ILE A 11 16.70 17.08 7.58
C ILE A 11 16.94 16.26 6.31
N LEU A 12 17.06 14.91 6.45
CA LEU A 12 17.32 13.99 5.35
C LEU A 12 16.11 13.86 4.45
N LEU A 13 14.93 14.23 5.00
CA LEU A 13 13.62 14.23 4.35
C LEU A 13 13.14 15.68 4.12
N ALA A 14 14.05 16.67 4.23
CA ALA A 14 13.77 18.10 4.10
C ALA A 14 14.51 18.75 2.93
N THR A 15 14.40 18.12 1.75
CA THR A 15 15.00 18.57 0.50
C THR A 15 14.12 18.13 -0.63
N ASP A 16 14.36 18.70 -1.82
CA ASP A 16 13.71 18.32 -3.06
C ASP A 16 14.18 16.91 -3.38
N SER A 17 13.29 16.06 -3.86
CA SER A 17 13.64 14.67 -4.14
C SER A 17 14.89 14.52 -4.97
N TYR A 18 14.95 15.22 -6.09
CA TYR A 18 16.08 15.14 -6.99
C TYR A 18 17.44 15.38 -6.34
N LYS A 19 17.51 16.22 -5.29
CA LYS A 19 18.75 16.49 -4.56
C LYS A 19 19.34 15.25 -3.86
N VAL A 20 18.51 14.19 -3.67
CA VAL A 20 18.94 12.88 -3.13
C VAL A 20 19.89 12.18 -4.17
N THR A 21 19.75 12.52 -5.47
CA THR A 21 20.50 11.93 -6.59
C THR A 21 21.71 12.74 -7.11
N HIS A 22 21.91 13.95 -6.59
CA HIS A 22 22.97 14.87 -7.01
C HIS A 22 24.40 14.46 -6.72
N TYR A 23 24.64 13.67 -5.65
CA TYR A 23 25.98 13.18 -5.28
C TYR A 23 26.63 12.37 -6.40
N LYS A 24 25.80 11.64 -7.16
CA LYS A 24 26.15 10.84 -8.34
C LYS A 24 26.31 11.68 -9.60
N GLN A 25 26.04 13.01 -9.53
CA GLN A 25 26.01 13.91 -10.70
C GLN A 25 27.14 14.93 -10.85
N TYR A 26 27.73 15.36 -9.74
CA TYR A 26 28.80 16.34 -9.74
C TYR A 26 30.07 15.78 -10.43
N PRO A 27 31.02 16.62 -10.91
CA PRO A 27 32.22 16.03 -11.52
C PRO A 27 32.96 15.13 -10.54
N PRO A 28 33.50 13.98 -11.02
CA PRO A 28 34.28 13.12 -10.10
C PRO A 28 35.44 13.91 -9.51
N ASN A 29 35.81 13.63 -8.26
CA ASN A 29 36.88 14.32 -7.52
C ASN A 29 36.60 15.80 -7.22
N THR A 30 35.34 16.10 -6.81
CA THR A 30 34.87 17.42 -6.41
C THR A 30 34.95 17.46 -4.90
N SER A 31 35.80 18.36 -4.38
CA SER A 31 36.07 18.51 -2.96
C SER A 31 35.30 19.69 -2.38
N LYS A 32 34.83 20.59 -3.24
CA LYS A 32 34.10 21.78 -2.78
C LYS A 32 33.01 22.20 -3.76
N VAL A 33 31.83 22.53 -3.22
CA VAL A 33 30.69 23.13 -3.92
C VAL A 33 30.39 24.34 -3.06
N TYR A 34 30.50 25.54 -3.62
CA TYR A 34 30.24 26.78 -2.92
C TYR A 34 29.06 27.45 -3.59
N SER A 35 28.08 27.87 -2.80
CA SER A 35 26.85 28.49 -3.32
C SER A 35 26.52 29.75 -2.57
N TYR A 36 25.67 30.61 -3.20
CA TYR A 36 25.29 31.88 -2.63
C TYR A 36 23.81 32.20 -2.90
N PHE A 37 23.26 33.07 -2.06
CA PHE A 37 21.89 33.55 -2.17
C PHE A 37 21.92 35.02 -2.46
N GLU A 38 21.01 35.46 -3.34
CA GLU A 38 20.86 36.85 -3.73
C GLU A 38 19.41 37.15 -4.12
N CYS A 39 19.06 38.45 -4.16
CA CYS A 39 17.77 38.93 -4.64
C CYS A 39 18.09 39.61 -5.96
N ARG A 40 18.04 38.79 -7.02
CA ARG A 40 18.44 39.13 -8.38
C ARG A 40 17.79 40.40 -8.90
N GLU A 41 18.57 41.25 -9.58
CA GLU A 41 18.07 42.45 -10.24
C GLU A 41 17.19 42.00 -11.40
N LYS A 42 15.93 42.52 -11.45
CA LYS A 42 14.91 42.19 -12.45
C LYS A 42 15.18 42.88 -13.78
N LYS A 53 11.00 48.93 -8.43
CA LYS A 53 10.09 48.90 -7.29
C LYS A 53 10.80 48.49 -5.99
N TYR A 54 11.28 47.24 -5.92
CA TYR A 54 11.92 46.82 -4.67
C TYR A 54 13.42 46.81 -4.80
N GLU A 55 14.01 48.00 -4.94
CA GLU A 55 15.43 48.27 -5.15
C GLU A 55 16.37 47.76 -4.02
N GLU A 56 15.85 47.61 -2.80
CA GLU A 56 16.58 47.17 -1.63
C GLU A 56 15.72 46.24 -0.81
N THR A 57 16.35 45.21 -0.26
CA THR A 57 15.71 44.18 0.54
C THR A 57 16.27 44.21 1.95
N VAL A 58 15.48 43.70 2.89
CA VAL A 58 15.83 43.56 4.29
C VAL A 58 16.26 42.13 4.46
N PHE A 59 17.52 41.89 4.90
CA PHE A 59 17.93 40.51 5.14
C PHE A 59 17.42 40.02 6.51
N TYR A 60 16.41 39.16 6.50
CA TYR A 60 15.83 38.68 7.75
C TYR A 60 15.37 37.24 7.63
N GLY A 61 15.57 36.46 8.71
CA GLY A 61 15.07 35.08 8.82
C GLY A 61 16.00 33.88 8.85
N LEU A 62 17.25 34.02 8.41
CA LEU A 62 18.23 32.91 8.38
C LEU A 62 18.45 32.26 9.77
N GLN A 63 18.60 33.09 10.82
CA GLN A 63 18.83 32.66 12.21
C GLN A 63 17.76 31.67 12.70
N TYR A 64 16.50 31.89 12.29
CA TYR A 64 15.37 31.02 12.62
C TYR A 64 15.63 29.65 12.01
N ILE A 65 15.95 29.62 10.71
CA ILE A 65 16.29 28.39 9.96
C ILE A 65 17.53 27.69 10.58
N LEU A 66 18.62 28.43 10.81
CA LEU A 66 19.86 27.89 11.42
C LEU A 66 19.59 27.22 12.75
N ASN A 67 18.89 27.91 13.65
CA ASN A 67 18.56 27.39 14.99
C ASN A 67 17.59 26.24 15.03
N LYS A 68 16.47 26.33 14.28
CA LYS A 68 15.43 25.32 14.31
C LYS A 68 15.72 24.03 13.54
N TYR A 69 16.48 24.14 12.44
CA TYR A 69 16.70 23.05 11.50
C TYR A 69 18.10 22.49 11.26
N LEU A 70 19.15 23.34 11.31
CA LEU A 70 20.50 22.90 10.94
C LEU A 70 21.48 22.66 12.09
N LYS A 71 21.35 23.42 13.20
CA LYS A 71 22.27 23.30 14.34
C LYS A 71 22.19 21.97 15.13
N GLY A 72 23.34 21.53 15.66
CA GLY A 72 23.49 20.32 16.48
C GLY A 72 23.50 19.01 15.74
N LYS A 73 23.29 17.90 16.47
CA LYS A 73 23.25 16.56 15.89
C LYS A 73 21.90 16.39 15.16
N VAL A 74 21.93 16.53 13.83
CA VAL A 74 20.73 16.47 12.97
C VAL A 74 20.64 15.15 12.22
N VAL A 75 21.67 14.31 12.37
CA VAL A 75 21.75 12.99 11.74
C VAL A 75 21.79 11.94 12.85
N THR A 76 20.98 10.89 12.74
CA THR A 76 20.98 9.75 13.65
C THR A 76 20.86 8.50 12.78
N LYS A 77 21.11 7.30 13.38
CA LYS A 77 21.00 6.00 12.70
C LYS A 77 19.55 5.78 12.24
N GLU A 78 18.60 6.24 13.06
CA GLU A 78 17.16 6.14 12.82
C GLU A 78 16.75 7.02 11.63
N LYS A 79 17.19 8.30 11.63
CA LYS A 79 16.96 9.28 10.56
C LYS A 79 17.52 8.79 9.23
N ILE A 80 18.73 8.16 9.25
CA ILE A 80 19.33 7.54 8.06
C ILE A 80 18.43 6.39 7.57
N GLN A 81 17.98 5.55 8.51
CA GLN A 81 17.14 4.40 8.23
C GLN A 81 15.76 4.79 7.66
N GLU A 82 15.11 5.80 8.28
CA GLU A 82 13.82 6.37 7.86
C GLU A 82 13.98 6.93 6.43
N ALA A 83 15.01 7.79 6.19
CA ALA A 83 15.28 8.31 4.82
C ALA A 83 15.47 7.17 3.75
N LYS A 84 16.30 6.16 4.08
CA LYS A 84 16.58 5.00 3.23
C LYS A 84 15.29 4.24 2.89
N ASP A 85 14.47 3.96 3.91
CA ASP A 85 13.20 3.26 3.71
C ASP A 85 12.20 4.05 2.84
N VAL A 86 12.10 5.35 3.10
CA VAL A 86 11.20 6.22 2.35
C VAL A 86 11.66 6.35 0.89
N TYR A 87 12.91 6.76 0.68
CA TYR A 87 13.47 6.96 -0.65
C TYR A 87 13.47 5.71 -1.56
N LYS A 88 13.70 4.52 -0.98
CA LYS A 88 13.66 3.21 -1.64
C LYS A 88 12.32 3.05 -2.33
N GLU A 89 11.24 3.43 -1.62
CA GLU A 89 9.86 3.37 -2.08
C GLU A 89 9.49 4.52 -2.98
N HIS A 90 10.04 5.71 -2.68
CA HIS A 90 9.82 6.96 -3.40
C HIS A 90 10.40 6.94 -4.81
N PHE A 91 11.63 6.40 -4.96
CA PHE A 91 12.27 6.31 -6.28
C PHE A 91 12.05 4.96 -6.95
N GLN A 92 11.61 3.93 -6.17
CA GLN A 92 11.39 2.56 -6.67
C GLN A 92 12.77 2.06 -7.16
N ASP A 93 13.82 2.43 -6.38
CA ASP A 93 15.24 2.21 -6.58
C ASP A 93 15.99 2.72 -5.34
N ASP A 94 17.14 2.08 -5.02
CA ASP A 94 17.99 2.47 -3.90
C ASP A 94 19.06 3.42 -4.44
N VAL A 95 18.81 4.73 -4.27
CA VAL A 95 19.70 5.79 -4.78
C VAL A 95 20.13 6.77 -3.66
N PHE A 96 19.65 6.52 -2.43
CA PHE A 96 19.96 7.31 -1.25
C PHE A 96 21.42 7.12 -0.82
N ASN A 97 22.13 8.23 -0.57
CA ASN A 97 23.52 8.20 -0.13
C ASN A 97 23.65 7.88 1.35
N GLU A 98 23.40 6.61 1.68
CA GLU A 98 23.54 6.05 3.02
C GLU A 98 24.96 6.18 3.55
N LYS A 99 26.00 5.91 2.72
CA LYS A 99 27.43 6.03 3.11
C LYS A 99 27.79 7.46 3.47
N GLY A 100 27.37 8.40 2.60
CA GLY A 100 27.60 9.84 2.71
C GLY A 100 27.08 10.43 4.00
N TRP A 101 25.83 10.06 4.40
CA TRP A 101 25.19 10.53 5.64
C TRP A 101 25.77 9.80 6.85
N ASN A 102 26.05 8.48 6.69
CA ASN A 102 26.67 7.66 7.76
C ASN A 102 28.02 8.24 8.14
N TYR A 103 28.75 8.81 7.14
CA TYR A 103 30.02 9.47 7.32
C TYR A 103 29.88 10.65 8.27
N ILE A 104 28.88 11.54 8.01
CA ILE A 104 28.62 12.72 8.85
C ILE A 104 28.30 12.23 10.29
N LEU A 105 27.55 11.12 10.41
CA LEU A 105 27.18 10.57 11.72
C LEU A 105 28.40 10.16 12.56
N GLU A 106 29.32 9.35 11.97
CA GLU A 106 30.53 8.84 12.64
C GLU A 106 31.58 9.91 12.87
N LYS A 107 32.00 10.57 11.77
CA LYS A 107 33.06 11.59 11.83
C LYS A 107 32.69 12.86 12.60
N TYR A 108 31.43 13.32 12.52
CA TYR A 108 31.11 14.59 13.19
C TYR A 108 29.98 14.54 14.23
N ASP A 109 29.46 13.33 14.49
CA ASP A 109 28.39 13.11 15.46
C ASP A 109 27.13 13.83 14.98
N GLY A 110 26.81 13.60 13.70
CA GLY A 110 25.65 14.16 13.02
C GLY A 110 25.63 15.66 12.78
N HIS A 111 26.72 16.39 13.13
CA HIS A 111 26.85 17.84 12.92
C HIS A 111 27.26 18.10 11.46
N LEU A 112 26.51 18.98 10.78
CA LEU A 112 26.71 19.27 9.36
C LEU A 112 28.02 19.99 9.10
N PRO A 113 28.97 19.37 8.36
CA PRO A 113 30.22 20.09 8.03
C PRO A 113 29.98 21.11 6.91
N ILE A 114 29.37 22.23 7.29
CA ILE A 114 28.95 23.35 6.44
C ILE A 114 29.37 24.67 7.08
N GLU A 115 29.61 25.69 6.25
CA GLU A 115 29.95 27.04 6.68
C GLU A 115 29.03 28.05 5.94
N ILE A 116 28.33 28.89 6.73
CA ILE A 116 27.40 29.90 6.24
C ILE A 116 27.87 31.24 6.69
N LYS A 117 28.13 32.12 5.72
CA LYS A 117 28.61 33.49 5.95
C LYS A 117 27.50 34.34 5.43
N ALA A 118 27.04 35.31 6.26
CA ALA A 118 25.88 36.14 5.94
C ALA A 118 26.01 37.57 6.38
N VAL A 119 25.28 38.47 5.68
CA VAL A 119 25.20 39.87 6.03
C VAL A 119 24.38 39.99 7.36
N PRO A 120 24.70 40.93 8.29
CA PRO A 120 23.92 41.01 9.54
C PRO A 120 22.42 41.14 9.30
N GLU A 121 21.63 40.40 10.10
CA GLU A 121 20.17 40.44 9.97
C GLU A 121 19.64 41.86 10.21
N GLY A 122 18.68 42.26 9.41
CA GLY A 122 18.11 43.60 9.46
C GLY A 122 18.72 44.55 8.45
N PHE A 123 19.92 44.21 7.93
CA PHE A 123 20.62 45.03 6.93
C PHE A 123 19.76 45.23 5.68
N VAL A 124 19.75 46.48 5.18
CA VAL A 124 19.01 46.90 3.99
C VAL A 124 20.05 47.00 2.85
N ILE A 125 20.01 46.00 1.94
CA ILE A 125 20.98 45.81 0.89
C ILE A 125 20.33 45.95 -0.46
N PRO A 126 20.97 46.64 -1.43
CA PRO A 126 20.36 46.74 -2.77
C PRO A 126 20.34 45.38 -3.47
N ARG A 127 19.40 45.21 -4.44
CA ARG A 127 19.27 43.99 -5.22
C ARG A 127 20.56 43.62 -5.94
N GLY A 128 20.71 42.33 -6.28
CA GLY A 128 21.85 41.78 -7.00
C GLY A 128 23.11 41.73 -6.16
N ASN A 129 22.98 41.59 -4.84
CA ASN A 129 24.13 41.52 -3.94
C ASN A 129 24.12 40.20 -3.20
N VAL A 130 25.32 39.68 -2.88
CA VAL A 130 25.45 38.43 -2.12
C VAL A 130 24.92 38.63 -0.72
N LEU A 131 23.89 37.83 -0.35
CA LEU A 131 23.32 38.00 0.98
C LEU A 131 23.91 37.00 1.93
N PHE A 132 24.15 35.80 1.46
CA PHE A 132 24.76 34.72 2.24
C PHE A 132 25.35 33.69 1.32
N THR A 133 26.37 32.98 1.82
CA THR A 133 27.11 31.90 1.13
C THR A 133 27.10 30.62 1.96
N VAL A 134 27.19 29.45 1.29
CA VAL A 134 27.16 28.08 1.83
C VAL A 134 28.28 27.26 1.14
N GLU A 135 29.04 26.49 1.94
CA GLU A 135 30.10 25.62 1.45
C GLU A 135 30.33 24.48 2.43
N ASN A 136 30.80 23.35 1.90
CA ASN A 136 31.16 22.21 2.73
C ASN A 136 32.56 22.42 3.32
N THR A 137 32.77 22.09 4.61
CA THR A 137 34.07 22.21 5.28
C THR A 137 34.87 20.90 5.14
N ASP A 138 34.22 19.82 4.65
CA ASP A 138 34.85 18.53 4.43
C ASP A 138 34.60 18.12 2.99
N PRO A 139 35.65 17.66 2.25
CA PRO A 139 35.49 17.29 0.83
C PRO A 139 34.53 16.12 0.53
N GLU A 140 34.30 15.25 1.52
CA GLU A 140 33.42 14.10 1.36
C GLU A 140 31.97 14.57 1.30
N CYS A 141 31.75 15.82 1.78
CA CYS A 141 30.44 16.46 1.88
C CYS A 141 30.18 17.56 0.84
N TYR A 142 30.81 17.44 -0.35
CA TYR A 142 30.69 18.37 -1.50
C TYR A 142 29.20 18.47 -1.90
N TRP A 143 28.46 17.33 -1.77
CA TRP A 143 27.05 17.15 -2.12
C TRP A 143 26.15 17.84 -1.07
N LEU A 144 26.68 18.10 0.15
CA LEU A 144 25.89 18.70 1.24
C LEU A 144 25.41 20.13 1.00
N THR A 145 26.25 20.97 0.39
CA THR A 145 26.00 22.38 0.10
C THR A 145 24.61 22.61 -0.52
N ASN A 146 24.33 21.89 -1.61
CA ASN A 146 23.08 21.99 -2.32
C ASN A 146 21.98 21.12 -1.82
N TRP A 147 22.29 20.22 -0.87
CA TRP A 147 21.26 19.38 -0.25
C TRP A 147 20.36 20.34 0.55
N ILE A 148 21.01 21.24 1.33
CA ILE A 148 20.33 22.23 2.20
C ILE A 148 19.82 23.49 1.49
N GLU A 149 19.94 23.56 0.14
CA GLU A 149 19.40 24.71 -0.60
C GLU A 149 17.92 24.90 -0.30
N THR A 150 17.11 23.83 -0.40
CA THR A 150 15.66 23.88 -0.20
C THR A 150 15.24 24.62 1.09
N ILE A 151 15.83 24.24 2.24
CA ILE A 151 15.55 24.79 3.56
C ILE A 151 15.97 26.24 3.67
N LEU A 152 17.13 26.57 3.06
CA LEU A 152 17.73 27.90 3.10
C LEU A 152 17.02 28.88 2.19
N VAL A 153 16.63 28.43 0.98
CA VAL A 153 15.88 29.25 0.01
C VAL A 153 14.55 29.77 0.61
N GLN A 154 13.96 29.04 1.59
CA GLN A 154 12.74 29.45 2.28
C GLN A 154 12.89 30.73 3.09
N SER A 155 14.14 31.26 3.16
CA SER A 155 14.42 32.55 3.79
C SER A 155 13.88 33.69 2.87
N TRP A 156 13.41 33.33 1.63
CA TRP A 156 12.81 34.28 0.70
C TRP A 156 11.60 34.89 1.36
N TYR A 157 10.86 34.05 2.11
CA TYR A 157 9.65 34.45 2.77
C TYR A 157 9.84 35.51 3.82
N PRO A 158 10.61 35.34 4.93
CA PRO A 158 10.79 36.46 5.88
C PRO A 158 11.43 37.70 5.25
N ILE A 159 12.32 37.50 4.26
CA ILE A 159 12.96 38.60 3.55
C ILE A 159 11.90 39.44 2.83
N THR A 160 11.10 38.77 1.97
CA THR A 160 10.06 39.40 1.15
C THR A 160 9.02 40.09 2.00
N VAL A 161 8.57 39.44 3.10
CA VAL A 161 7.58 40.02 4.01
C VAL A 161 8.17 41.29 4.66
N ALA A 162 9.41 41.22 5.18
CA ALA A 162 10.06 42.37 5.83
C ALA A 162 10.27 43.51 4.85
N THR A 163 10.62 43.19 3.58
CA THR A 163 10.84 44.18 2.51
C THR A 163 9.53 44.86 2.12
N ASN A 164 8.49 44.09 1.81
CA ASN A 164 7.20 44.63 1.40
C ASN A 164 6.57 45.46 2.54
N SER A 165 6.79 45.05 3.81
CA SER A 165 6.33 45.77 5.00
C SER A 165 7.08 47.11 5.11
N ARG A 166 8.43 47.11 4.85
CA ARG A 166 9.28 48.31 4.89
C ARG A 166 8.88 49.33 3.83
N GLU A 167 8.54 48.85 2.63
CA GLU A 167 8.10 49.66 1.51
C GLU A 167 6.77 50.34 1.81
N GLN A 168 5.88 49.68 2.55
CA GLN A 168 4.58 50.25 2.93
C GLN A 168 4.74 51.35 3.99
N LYS A 169 5.77 51.21 4.86
CA LYS A 169 6.15 52.16 5.89
C LYS A 169 6.72 53.39 5.21
N LYS A 170 7.51 53.22 4.09
CA LYS A 170 8.06 54.33 3.29
C LYS A 170 6.91 55.15 2.69
N ILE A 171 5.86 54.49 2.13
CA ILE A 171 4.70 55.16 1.57
C ILE A 171 3.97 55.92 2.70
N LEU A 172 3.67 55.20 3.81
CA LEU A 172 3.03 55.77 4.98
C LEU A 172 3.85 56.93 5.54
N ALA A 173 5.20 56.78 5.61
CA ALA A 173 6.10 57.84 6.07
C ALA A 173 6.01 59.11 5.22
N LYS A 174 6.02 58.96 3.89
CA LYS A 174 5.95 60.05 2.92
C LYS A 174 4.64 60.84 3.02
N TYR A 175 3.50 60.16 3.10
CA TYR A 175 2.19 60.81 3.16
C TYR A 175 1.82 61.38 4.52
N LEU A 176 2.27 60.73 5.60
CA LEU A 176 2.03 61.21 6.97
C LEU A 176 2.79 62.52 7.16
N LEU A 177 4.05 62.58 6.68
CA LEU A 177 4.90 63.78 6.74
C LEU A 177 4.32 64.94 5.92
N GLU A 178 3.78 64.66 4.71
CA GLU A 178 3.19 65.67 3.82
C GLU A 178 1.88 66.26 4.38
N THR A 179 0.99 65.41 4.94
CA THR A 179 -0.34 65.77 5.43
C THR A 179 -0.36 66.23 6.89
N SER A 180 0.65 65.86 7.70
CA SER A 180 0.65 66.22 9.12
C SER A 180 1.84 67.06 9.60
N GLY A 181 3.00 66.83 8.99
CA GLY A 181 4.22 67.52 9.36
C GLY A 181 5.17 66.69 10.21
N ASN A 182 4.70 65.53 10.71
CA ASN A 182 5.49 64.61 11.54
C ASN A 182 5.25 63.13 11.16
N LEU A 183 5.90 62.21 11.89
CA LEU A 183 5.82 60.75 11.73
C LEU A 183 5.32 60.05 13.01
N ASP A 184 4.48 60.77 13.80
CA ASP A 184 3.92 60.30 15.07
C ASP A 184 2.96 59.15 14.80
N GLY A 185 3.15 58.04 15.53
CA GLY A 185 2.32 56.84 15.44
C GLY A 185 2.48 55.99 14.19
N LEU A 186 3.59 56.18 13.44
CA LEU A 186 3.91 55.45 12.20
C LEU A 186 4.00 53.94 12.43
N GLU A 187 4.61 53.54 13.56
CA GLU A 187 4.79 52.17 14.03
C GLU A 187 3.49 51.38 14.22
N TYR A 188 2.32 52.08 14.22
CA TYR A 188 1.00 51.49 14.43
C TYR A 188 0.03 51.72 13.27
N LYS A 189 0.53 52.28 12.16
CA LYS A 189 -0.26 52.60 10.97
C LYS A 189 -0.58 51.40 10.04
N LEU A 190 0.23 50.33 10.07
CA LEU A 190 -0.02 49.13 9.26
C LEU A 190 -0.07 47.90 10.17
N HIS A 191 -1.31 47.45 10.50
CA HIS A 191 -1.56 46.33 11.42
C HIS A 191 -1.69 44.99 10.70
N ASP A 192 -1.19 43.93 11.35
CA ASP A 192 -1.19 42.57 10.82
C ASP A 192 -2.46 41.81 11.19
N PHE A 193 -3.25 41.43 10.14
CA PHE A 193 -4.53 40.72 10.19
C PHE A 193 -4.45 39.36 9.45
N GLY A 194 -3.24 38.97 9.04
CA GLY A 194 -2.96 37.82 8.20
C GLY A 194 -2.93 36.41 8.76
N TYR A 195 -3.19 36.22 10.08
CA TYR A 195 -3.13 34.90 10.72
C TYR A 195 -4.00 33.85 10.01
N ARG A 196 -5.26 34.18 9.69
CA ARG A 196 -6.20 33.24 9.05
C ARG A 196 -5.90 32.93 7.57
N GLY A 197 -5.34 33.94 6.87
CA GLY A 197 -5.10 33.92 5.43
C GLY A 197 -3.75 33.40 4.98
N VAL A 198 -2.94 32.87 5.92
CA VAL A 198 -1.63 32.26 5.61
C VAL A 198 -1.88 30.76 5.49
N SER A 199 -0.92 30.04 4.88
CA SER A 199 -0.99 28.61 4.63
C SER A 199 -0.76 27.69 5.83
N SER A 200 -0.29 28.22 6.97
CA SER A 200 0.04 27.39 8.15
C SER A 200 0.40 28.19 9.36
N GLN A 201 0.38 27.52 10.54
CA GLN A 201 0.81 28.06 11.83
C GLN A 201 2.29 28.51 11.81
N GLU A 202 3.16 27.80 11.07
CA GLU A 202 4.59 28.17 10.99
C GLU A 202 4.78 29.48 10.23
N THR A 203 4.11 29.58 9.07
CA THR A 203 4.11 30.74 8.18
C THR A 203 3.61 31.97 8.91
N ALA A 204 2.59 31.80 9.79
CA ALA A 204 1.99 32.87 10.60
C ALA A 204 3.07 33.53 11.49
N GLY A 205 3.78 32.70 12.24
CA GLY A 205 4.86 33.13 13.12
C GLY A 205 6.00 33.75 12.35
N ILE A 206 6.41 33.09 11.23
CA ILE A 206 7.49 33.60 10.37
C ILE A 206 7.16 34.97 9.80
N GLY A 207 6.05 35.05 9.04
CA GLY A 207 5.55 36.28 8.43
C GLY A 207 5.30 37.39 9.42
N ALA A 208 4.54 37.11 10.49
CA ALA A 208 4.28 38.11 11.51
C ALA A 208 5.55 38.70 12.09
N SER A 209 6.55 37.86 12.38
CA SER A 209 7.86 38.29 12.91
C SER A 209 8.58 39.20 11.94
N ALA A 210 8.44 38.95 10.62
CA ALA A 210 9.04 39.78 9.57
C ALA A 210 8.34 41.13 9.41
N HIS A 211 7.03 41.21 9.71
CA HIS A 211 6.29 42.46 9.67
C HIS A 211 6.73 43.34 10.84
N LEU A 212 6.91 42.72 12.04
CA LEU A 212 7.34 43.37 13.28
C LEU A 212 8.73 44.02 13.25
N VAL A 213 9.52 43.74 12.21
CA VAL A 213 10.85 44.32 12.00
C VAL A 213 10.65 45.83 11.75
N ASN A 214 9.51 46.17 11.13
CA ASN A 214 9.16 47.54 10.72
C ASN A 214 8.00 48.22 11.54
N PHE A 215 7.02 47.44 12.02
CA PHE A 215 5.87 47.94 12.76
C PHE A 215 5.71 47.28 14.14
N LYS A 216 4.76 47.79 14.95
CA LYS A 216 4.50 47.28 16.30
C LYS A 216 3.12 46.65 16.49
N GLY A 217 2.21 46.84 15.53
CA GLY A 217 0.85 46.32 15.62
C GLY A 217 0.62 45.00 14.92
N THR A 218 0.29 43.96 15.69
CA THR A 218 -0.02 42.64 15.15
C THR A 218 -1.19 41.96 15.87
N ASP A 219 -1.95 41.10 15.13
CA ASP A 219 -3.04 40.27 15.63
C ASP A 219 -2.64 38.80 15.50
N THR A 220 -1.55 38.59 14.74
CA THR A 220 -0.95 37.28 14.55
C THR A 220 -0.03 36.98 15.73
N VAL A 221 -0.65 36.51 16.85
CA VAL A 221 0.00 36.19 18.13
C VAL A 221 1.27 35.32 17.98
N ALA A 222 1.23 34.30 17.10
CA ALA A 222 2.35 33.37 16.78
C ALA A 222 3.72 34.08 16.55
N GLY A 223 3.72 35.24 15.91
CA GLY A 223 4.91 36.05 15.67
C GLY A 223 5.66 36.47 16.94
N LEU A 224 4.95 36.60 18.09
CA LEU A 224 5.60 36.99 19.34
C LEU A 224 6.49 35.88 19.92
N ALA A 225 6.02 34.61 19.93
CA ALA A 225 6.77 33.47 20.48
C ALA A 225 8.00 33.15 19.65
N LEU A 226 7.91 33.28 18.29
CA LEU A 226 9.03 33.04 17.40
C LEU A 226 10.20 33.99 17.78
N ILE A 227 9.92 35.31 17.85
CA ILE A 227 10.88 36.37 18.16
C ILE A 227 11.57 36.12 19.49
N LYS A 228 10.76 35.78 20.52
CA LYS A 228 11.21 35.48 21.87
C LYS A 228 12.17 34.30 21.89
N LYS A 229 11.85 33.22 21.17
CA LYS A 229 12.64 32.01 21.12
C LYS A 229 13.94 32.14 20.34
N TYR A 230 13.89 32.78 19.15
CA TYR A 230 15.00 32.87 18.21
C TYR A 230 15.76 34.16 18.17
N TYR A 231 15.16 35.25 18.64
CA TYR A 231 15.80 36.55 18.52
C TYR A 231 16.02 37.28 19.83
N GLY A 232 14.93 37.72 20.48
CA GLY A 232 14.98 38.44 21.76
C GLY A 232 14.80 39.95 21.68
N THR A 233 14.02 40.47 22.65
CA THR A 233 13.72 41.91 22.81
C THR A 233 13.90 42.33 24.26
N LYS A 234 14.37 43.57 24.49
CA LYS A 234 14.50 44.14 25.83
C LYS A 234 13.09 44.39 26.35
N ASP A 235 12.17 44.86 25.47
CA ASP A 235 10.75 45.07 25.78
C ASP A 235 10.13 43.70 26.10
N PRO A 236 9.07 43.54 26.93
CA PRO A 236 8.54 42.18 27.18
C PRO A 236 7.93 41.50 25.95
N VAL A 237 7.27 42.30 25.09
CA VAL A 237 6.66 41.82 23.84
C VAL A 237 7.09 42.66 22.64
N PRO A 238 7.32 42.01 21.47
CA PRO A 238 7.69 42.78 20.27
C PRO A 238 6.51 43.46 19.54
N GLY A 239 5.27 43.05 19.84
CA GLY A 239 4.08 43.55 19.18
C GLY A 239 2.89 43.76 20.07
N TYR A 240 2.01 44.67 19.65
CA TYR A 240 0.81 45.09 20.40
C TYR A 240 -0.50 45.10 19.61
N SER A 241 -1.62 45.08 20.36
CA SER A 241 -2.96 45.17 19.80
C SER A 241 -3.95 45.94 20.70
N VAL A 242 -5.16 46.18 20.16
CA VAL A 242 -6.23 46.88 20.84
C VAL A 242 -7.49 45.98 20.76
N PRO A 243 -8.49 46.15 21.66
CA PRO A 243 -9.73 45.37 21.53
C PRO A 243 -10.45 45.75 20.25
N ALA A 244 -11.15 44.80 19.63
CA ALA A 244 -11.85 45.00 18.37
C ALA A 244 -12.96 44.01 18.16
N ALA A 245 -14.00 44.43 17.45
CA ALA A 245 -15.11 43.56 17.11
C ALA A 245 -14.83 42.87 15.79
N GLU A 246 -15.58 41.78 15.58
CA GLU A 246 -15.63 41.04 14.35
C GLU A 246 -17.13 40.95 14.07
N HIS A 247 -17.52 40.52 12.85
CA HIS A 247 -18.92 40.40 12.45
C HIS A 247 -19.81 39.65 13.43
N SER A 248 -19.33 38.52 13.98
CA SER A 248 -20.08 37.68 14.92
C SER A 248 -20.49 38.41 16.17
N THR A 249 -19.60 39.28 16.71
CA THR A 249 -19.92 40.03 17.93
C THR A 249 -20.95 41.11 17.67
N ILE A 250 -21.07 41.56 16.40
CA ILE A 250 -22.08 42.53 15.98
C ILE A 250 -23.38 41.81 15.66
N THR A 251 -23.31 40.92 14.64
CA THR A 251 -24.45 40.16 14.09
C THR A 251 -25.15 39.24 15.08
N ALA A 252 -24.45 38.81 16.16
CA ALA A 252 -25.02 37.95 17.20
C ALA A 252 -26.10 38.68 18.01
N TRP A 253 -26.14 40.03 17.96
CA TRP A 253 -27.15 40.83 18.65
C TRP A 253 -28.52 40.85 17.94
N GLY A 254 -28.54 40.48 16.66
CA GLY A 254 -29.74 40.48 15.81
C GLY A 254 -29.63 41.62 14.83
N LYS A 255 -30.23 41.48 13.64
CA LYS A 255 -30.17 42.56 12.63
C LYS A 255 -30.78 43.89 13.07
N ASP A 256 -31.69 43.86 14.07
CA ASP A 256 -32.33 45.06 14.61
C ASP A 256 -31.54 45.69 15.75
N HIS A 257 -30.53 44.98 16.28
CA HIS A 257 -29.76 45.40 17.45
C HIS A 257 -28.29 45.70 17.24
N GLU A 258 -27.94 46.32 16.10
CA GLU A 258 -26.58 46.73 15.74
C GLU A 258 -26.12 47.90 16.63
N LYS A 259 -27.06 48.79 17.01
CA LYS A 259 -26.82 49.94 17.89
C LYS A 259 -26.44 49.45 19.26
N ASP A 260 -27.16 48.41 19.74
CA ASP A 260 -26.99 47.76 21.04
C ASP A 260 -25.62 47.13 21.16
N ALA A 261 -25.20 46.43 20.08
CA ALA A 261 -23.91 45.77 19.89
C ALA A 261 -22.81 46.81 20.03
N PHE A 262 -22.89 47.85 19.20
CA PHE A 262 -21.95 48.97 19.16
C PHE A 262 -21.80 49.62 20.53
N GLU A 263 -22.94 49.91 21.21
CA GLU A 263 -23.05 50.54 22.53
C GLU A 263 -22.35 49.73 23.59
N HIS A 264 -22.68 48.42 23.67
CA HIS A 264 -22.10 47.47 24.62
C HIS A 264 -20.62 47.36 24.44
N ILE A 265 -20.15 47.29 23.16
CA ILE A 265 -18.72 47.14 22.83
C ILE A 265 -17.92 48.36 23.29
N VAL A 266 -18.35 49.58 22.91
CA VAL A 266 -17.67 50.84 23.27
C VAL A 266 -17.69 51.10 24.77
N THR A 267 -18.73 50.59 25.47
CA THR A 267 -18.91 50.68 26.93
C THR A 267 -18.00 49.67 27.61
N GLN A 268 -17.84 48.45 27.05
CA GLN A 268 -16.93 47.46 27.65
C GLN A 268 -15.44 47.86 27.52
N PHE A 269 -15.08 48.61 26.46
CA PHE A 269 -13.70 49.07 26.21
C PHE A 269 -13.67 50.61 26.10
N SER A 270 -14.09 51.27 27.18
CA SER A 270 -14.21 52.72 27.23
C SER A 270 -12.90 53.44 27.56
N SER A 271 -11.91 52.71 28.08
CA SER A 271 -10.61 53.26 28.48
C SER A 271 -9.42 52.98 27.55
N VAL A 272 -9.64 52.16 26.52
CA VAL A 272 -8.63 51.75 25.55
C VAL A 272 -9.16 52.03 24.13
N PRO A 273 -8.29 52.20 23.11
CA PRO A 273 -8.81 52.37 21.75
C PRO A 273 -9.63 51.12 21.40
N VAL A 274 -10.79 51.28 20.75
CA VAL A 274 -11.61 50.15 20.36
C VAL A 274 -11.97 50.20 18.91
N SER A 275 -11.69 49.10 18.20
CA SER A 275 -11.95 48.99 16.75
C SER A 275 -13.29 48.27 16.57
N VAL A 276 -14.27 48.94 15.95
CA VAL A 276 -15.58 48.31 15.81
C VAL A 276 -15.96 48.20 14.33
N VAL A 277 -16.03 46.96 13.81
CA VAL A 277 -16.40 46.73 12.41
C VAL A 277 -17.85 47.29 12.20
N SER A 278 -17.99 48.22 11.24
CA SER A 278 -19.24 48.96 10.99
C SER A 278 -20.04 48.64 9.71
N ASP A 279 -19.62 47.63 8.94
CA ASP A 279 -20.23 47.27 7.66
C ASP A 279 -21.16 46.04 7.63
N SER A 280 -21.54 45.47 8.79
CA SER A 280 -22.35 44.25 8.85
C SER A 280 -23.64 44.31 8.01
N TYR A 281 -24.26 45.52 7.91
CA TYR A 281 -25.51 45.73 7.17
C TYR A 281 -25.44 46.92 6.22
N ASP A 282 -25.04 48.09 6.75
CA ASP A 282 -24.91 49.36 6.03
C ASP A 282 -23.93 50.26 6.80
N ILE A 283 -22.71 50.35 6.25
CA ILE A 283 -21.56 51.14 6.72
C ILE A 283 -21.89 52.63 6.78
N TYR A 284 -22.60 53.11 5.74
CA TYR A 284 -23.01 54.51 5.59
C TYR A 284 -24.04 54.91 6.64
N ASN A 285 -25.00 54.04 6.93
CA ASN A 285 -26.00 54.25 7.96
C ASN A 285 -25.38 54.17 9.37
N ALA A 286 -24.39 53.27 9.56
CA ALA A 286 -23.78 53.06 10.86
C ALA A 286 -22.94 54.25 11.27
N CYS A 287 -22.31 54.92 10.28
CA CYS A 287 -21.49 56.10 10.48
C CYS A 287 -22.37 57.35 10.67
N GLU A 288 -23.44 57.47 9.85
CA GLU A 288 -24.35 58.61 9.87
C GLU A 288 -25.37 58.58 11.00
N LYS A 289 -26.10 57.48 11.14
CA LYS A 289 -27.17 57.37 12.12
C LYS A 289 -26.75 56.78 13.46
N ILE A 290 -26.11 55.60 13.45
CA ILE A 290 -25.69 54.96 14.71
C ILE A 290 -24.56 55.72 15.42
N TRP A 291 -23.42 55.94 14.75
CA TRP A 291 -22.32 56.63 15.39
C TRP A 291 -22.56 58.15 15.45
N GLY A 292 -22.93 58.74 14.30
CA GLY A 292 -23.10 60.17 14.13
C GLY A 292 -24.30 60.84 14.77
N GLU A 293 -25.28 60.05 15.31
CA GLU A 293 -26.49 60.57 15.99
C GLU A 293 -26.85 59.82 17.27
N ASP A 294 -27.29 58.54 17.16
CA ASP A 294 -27.74 57.79 18.33
C ASP A 294 -26.70 57.60 19.42
N LEU A 295 -25.45 57.23 19.04
CA LEU A 295 -24.36 56.98 19.99
C LEU A 295 -23.28 58.03 19.99
N ARG A 296 -23.52 59.17 19.31
CA ARG A 296 -22.60 60.33 19.25
C ARG A 296 -22.16 60.80 20.65
N HIS A 297 -23.06 60.73 21.64
CA HIS A 297 -22.77 61.09 23.04
C HIS A 297 -21.74 60.16 23.65
N LEU A 298 -21.59 58.94 23.14
CA LEU A 298 -20.63 57.96 23.67
C LEU A 298 -19.25 58.05 23.01
N ILE A 299 -19.09 58.88 21.95
CA ILE A 299 -17.83 58.99 21.19
C ILE A 299 -17.09 60.25 21.55
N VAL A 300 -17.81 61.38 21.57
CA VAL A 300 -17.26 62.71 21.86
C VAL A 300 -16.66 62.87 23.28
N SER A 301 -16.94 61.90 24.17
CA SER A 301 -16.50 61.77 25.57
C SER A 301 -15.18 60.98 25.71
N ARG A 302 -14.83 60.20 24.67
CA ARG A 302 -13.67 59.33 24.64
C ARG A 302 -12.34 60.09 24.70
N SER A 303 -11.34 59.46 25.30
CA SER A 303 -9.99 59.96 25.49
C SER A 303 -9.22 59.97 24.16
N THR A 304 -8.15 60.79 24.07
CA THR A 304 -7.26 60.88 22.91
C THR A 304 -6.40 59.60 22.82
N GLN A 305 -6.14 58.96 23.97
CA GLN A 305 -5.37 57.70 24.10
C GLN A 305 -6.26 56.47 23.98
N ALA A 306 -7.59 56.69 23.82
CA ALA A 306 -8.60 55.63 23.70
C ALA A 306 -9.72 56.00 22.70
N PRO A 307 -9.41 56.32 21.43
CA PRO A 307 -10.48 56.69 20.51
C PRO A 307 -11.34 55.50 20.02
N LEU A 308 -12.44 55.82 19.30
CA LEU A 308 -13.29 54.86 18.62
C LEU A 308 -12.66 54.76 17.24
N ILE A 309 -12.38 53.53 16.80
CA ILE A 309 -11.82 53.30 15.47
C ILE A 309 -12.91 52.66 14.63
N ILE A 310 -13.46 53.43 13.70
CA ILE A 310 -14.50 52.91 12.85
C ILE A 310 -13.85 52.07 11.76
N ARG A 311 -14.31 50.81 11.67
CA ARG A 311 -13.77 49.88 10.69
C ARG A 311 -14.73 49.50 9.56
N PRO A 312 -14.65 50.14 8.35
CA PRO A 312 -15.41 49.61 7.20
C PRO A 312 -14.71 48.29 6.78
N ASP A 313 -15.37 47.40 6.01
CA ASP A 313 -14.79 46.10 5.64
C ASP A 313 -15.26 45.55 4.27
N SER A 314 -15.88 46.39 3.44
CA SER A 314 -16.42 45.98 2.14
C SER A 314 -16.50 47.17 1.21
N GLY A 315 -16.79 46.91 -0.06
CA GLY A 315 -16.88 47.91 -1.11
C GLY A 315 -15.50 48.27 -1.58
N ASN A 316 -15.40 49.22 -2.53
CA ASN A 316 -14.13 49.68 -3.07
C ASN A 316 -13.33 50.33 -1.93
N PRO A 317 -12.08 49.88 -1.66
CA PRO A 317 -11.33 50.44 -0.53
C PRO A 317 -11.17 51.97 -0.42
N LEU A 318 -10.75 52.62 -1.52
CA LEU A 318 -10.58 54.07 -1.56
C LEU A 318 -11.94 54.81 -1.46
N ASP A 319 -12.92 54.43 -2.28
CA ASP A 319 -14.25 55.06 -2.28
C ASP A 319 -14.98 54.97 -0.94
N THR A 320 -14.87 53.81 -0.26
CA THR A 320 -15.47 53.56 1.06
C THR A 320 -14.84 54.45 2.12
N VAL A 321 -13.48 54.56 2.16
CA VAL A 321 -12.74 55.40 3.12
C VAL A 321 -13.17 56.85 3.02
N LEU A 322 -13.12 57.40 1.77
CA LEU A 322 -13.52 58.78 1.47
C LEU A 322 -14.98 59.03 1.83
N LYS A 323 -15.85 58.07 1.56
CA LYS A 323 -17.26 58.17 1.90
C LYS A 323 -17.49 58.17 3.42
N VAL A 324 -16.75 57.33 4.17
CA VAL A 324 -16.81 57.22 5.63
C VAL A 324 -16.33 58.54 6.27
N LEU A 325 -15.16 59.07 5.82
CA LEU A 325 -14.58 60.32 6.30
C LEU A 325 -15.49 61.51 6.06
N GLU A 326 -16.10 61.56 4.87
CA GLU A 326 -17.05 62.60 4.45
C GLU A 326 -18.25 62.60 5.39
N ILE A 327 -18.77 61.40 5.75
CA ILE A 327 -19.89 61.28 6.70
C ILE A 327 -19.50 61.80 8.09
N LEU A 328 -18.40 61.29 8.64
CA LEU A 328 -17.95 61.67 9.97
C LEU A 328 -17.60 63.15 10.08
N GLY A 329 -17.11 63.73 8.98
CA GLY A 329 -16.80 65.15 8.87
C GLY A 329 -18.03 66.05 8.98
N LYS A 330 -19.22 65.50 8.70
CA LYS A 330 -20.53 66.17 8.76
C LYS A 330 -21.20 65.99 10.12
N LYS A 331 -20.80 64.97 10.90
CA LYS A 331 -21.43 64.69 12.20
C LYS A 331 -20.53 65.02 13.39
N PHE A 332 -19.24 65.29 13.13
CA PHE A 332 -18.23 65.57 14.13
C PHE A 332 -17.39 66.80 13.77
N PRO A 333 -16.86 67.52 14.79
CA PRO A 333 -16.05 68.71 14.48
C PRO A 333 -14.66 68.42 13.89
N VAL A 334 -14.42 68.91 12.67
CA VAL A 334 -13.15 68.74 11.94
C VAL A 334 -12.30 70.01 12.01
N THR A 335 -10.99 69.85 12.27
CA THR A 335 -10.05 70.98 12.27
C THR A 335 -9.18 70.92 10.99
N GLU A 336 -8.33 71.94 10.81
CA GLU A 336 -7.40 72.04 9.69
C GLU A 336 -6.02 72.08 10.33
N ASN A 337 -5.24 70.99 10.19
CA ASN A 337 -3.91 70.89 10.80
C ASN A 337 -2.90 71.93 10.28
N SER A 338 -1.71 72.01 10.92
CA SER A 338 -0.61 72.92 10.58
C SER A 338 -0.11 72.82 9.12
N LYS A 339 -0.54 71.77 8.39
CA LYS A 339 -0.19 71.54 6.98
C LYS A 339 -1.38 71.79 6.04
N GLY A 340 -2.52 72.19 6.62
CA GLY A 340 -3.73 72.52 5.88
C GLY A 340 -4.63 71.35 5.55
N TYR A 341 -4.43 70.22 6.24
CA TYR A 341 -5.20 69.00 6.02
C TYR A 341 -6.24 68.75 7.11
N LYS A 342 -7.43 68.28 6.68
CA LYS A 342 -8.56 67.98 7.55
C LYS A 342 -8.21 66.85 8.51
N LEU A 343 -8.60 67.04 9.76
CA LEU A 343 -8.32 66.13 10.84
C LEU A 343 -9.57 65.92 11.69
N LEU A 344 -9.98 64.64 11.88
CA LEU A 344 -11.10 64.24 12.70
C LEU A 344 -10.81 64.61 14.20
N PRO A 345 -11.81 64.63 15.11
CA PRO A 345 -11.49 64.90 16.52
C PRO A 345 -10.66 63.75 17.11
N PRO A 346 -9.82 64.02 18.15
CA PRO A 346 -8.89 62.96 18.62
C PRO A 346 -9.50 61.69 19.18
N TYR A 347 -10.78 61.72 19.52
CA TYR A 347 -11.52 60.56 20.03
C TYR A 347 -12.11 59.69 18.88
N LEU A 348 -11.83 60.07 17.62
CA LEU A 348 -12.36 59.38 16.45
C LEU A 348 -11.31 59.13 15.34
N ARG A 349 -11.18 57.85 14.96
CA ARG A 349 -10.26 57.38 13.93
C ARG A 349 -10.89 56.32 12.99
N VAL A 350 -10.21 56.01 11.90
CA VAL A 350 -10.67 55.03 10.92
C VAL A 350 -9.56 54.02 10.63
N ILE A 351 -9.94 52.78 10.33
CA ILE A 351 -9.02 51.71 9.91
C ILE A 351 -9.60 51.04 8.68
N GLN A 352 -8.81 50.94 7.59
CA GLN A 352 -9.22 50.24 6.38
C GLN A 352 -8.46 48.93 6.40
N GLY A 353 -9.18 47.83 6.63
CA GLY A 353 -8.56 46.52 6.71
C GLY A 353 -9.07 45.52 5.70
N ASP A 354 -9.66 45.99 4.60
CA ASP A 354 -10.19 45.12 3.54
C ASP A 354 -9.52 45.48 2.23
N GLY A 355 -8.98 44.46 1.55
CA GLY A 355 -8.25 44.61 0.29
C GLY A 355 -6.99 45.46 0.37
N VAL A 356 -6.34 45.47 1.53
CA VAL A 356 -5.13 46.29 1.62
C VAL A 356 -3.90 45.47 1.27
N ASP A 357 -3.19 45.94 0.25
CA ASP A 357 -1.88 45.49 -0.19
C ASP A 357 -1.11 46.76 -0.46
N ILE A 358 0.15 46.65 -0.88
CA ILE A 358 1.01 47.79 -1.19
C ILE A 358 0.44 48.70 -2.30
N ASN A 359 -0.36 48.16 -3.23
CA ASN A 359 -0.89 48.96 -4.32
C ASN A 359 -2.08 49.78 -3.91
N THR A 360 -2.97 49.16 -3.14
CA THR A 360 -4.18 49.81 -2.65
C THR A 360 -3.92 50.77 -1.53
N LEU A 361 -2.91 50.51 -0.69
CA LEU A 361 -2.51 51.42 0.38
C LEU A 361 -2.06 52.75 -0.25
N GLN A 362 -1.26 52.67 -1.30
CA GLN A 362 -0.74 53.80 -2.04
C GLN A 362 -1.88 54.58 -2.70
N GLU A 363 -2.88 53.86 -3.29
CA GLU A 363 -4.07 54.46 -3.91
C GLU A 363 -4.90 55.25 -2.85
N ILE A 364 -5.12 54.63 -1.66
CA ILE A 364 -5.86 55.21 -0.53
C ILE A 364 -5.18 56.46 0.05
N VAL A 365 -3.87 56.39 0.36
CA VAL A 365 -3.16 57.54 0.89
C VAL A 365 -3.08 58.71 -0.11
N GLU A 366 -2.97 58.41 -1.42
CA GLU A 366 -2.94 59.44 -2.48
C GLU A 366 -4.33 60.05 -2.70
N GLY A 367 -5.37 59.24 -2.66
CA GLY A 367 -6.75 59.68 -2.80
C GLY A 367 -7.21 60.53 -1.63
N MET A 368 -6.75 60.19 -0.42
CA MET A 368 -7.02 60.95 0.81
C MET A 368 -6.34 62.33 0.74
N LYS A 369 -5.04 62.37 0.42
CA LYS A 369 -4.25 63.60 0.22
C LYS A 369 -4.93 64.56 -0.80
N GLN A 370 -5.47 63.99 -1.86
CA GLN A 370 -6.14 64.72 -2.94
C GLN A 370 -7.42 65.34 -2.44
N LYS A 371 -8.13 64.65 -1.52
CA LYS A 371 -9.37 65.13 -0.92
C LYS A 371 -9.12 65.95 0.36
N MET A 372 -7.85 66.39 0.57
CA MET A 372 -7.37 67.19 1.71
C MET A 372 -7.58 66.59 3.11
N TRP A 373 -7.60 65.25 3.19
CA TRP A 373 -7.71 64.51 4.45
C TRP A 373 -6.31 64.13 4.93
N SER A 374 -6.01 64.36 6.21
CA SER A 374 -4.70 63.98 6.75
C SER A 374 -4.60 62.43 6.96
N ILE A 375 -3.35 61.90 6.97
CA ILE A 375 -3.06 60.46 7.18
C ILE A 375 -3.12 60.12 8.69
N GLU A 376 -3.21 61.15 9.56
CA GLU A 376 -3.36 61.00 11.01
C GLU A 376 -4.70 60.35 11.29
N ASN A 377 -5.67 60.55 10.39
CA ASN A 377 -7.04 60.04 10.48
C ASN A 377 -7.15 58.54 10.30
N ILE A 378 -6.21 57.97 9.50
CA ILE A 378 -6.21 56.58 9.06
C ILE A 378 -5.10 55.67 9.58
N ALA A 379 -5.45 54.39 9.70
CA ALA A 379 -4.58 53.26 9.98
C ALA A 379 -5.04 52.18 9.00
N PHE A 380 -4.13 51.27 8.67
CA PHE A 380 -4.41 50.20 7.73
C PHE A 380 -4.25 48.87 8.37
N GLY A 381 -5.12 47.95 7.96
CA GLY A 381 -5.08 46.56 8.36
C GLY A 381 -4.84 45.73 7.12
N SER A 382 -3.85 44.84 7.16
CA SER A 382 -3.52 44.01 5.99
C SER A 382 -3.34 42.56 6.42
N GLY A 383 -3.99 41.66 5.68
CA GLY A 383 -4.01 40.24 5.97
C GLY A 383 -3.23 39.44 4.96
N GLY A 384 -3.95 38.81 4.04
CA GLY A 384 -3.38 38.05 2.94
C GLY A 384 -2.41 38.84 2.07
N GLY A 385 -2.66 40.15 1.91
CA GLY A 385 -1.79 41.03 1.14
C GLY A 385 -0.45 41.26 1.81
N LEU A 386 -0.43 41.17 3.15
CA LEU A 386 0.75 41.37 3.99
C LEU A 386 1.62 40.10 4.10
N LEU A 387 0.97 38.96 4.41
CA LEU A 387 1.67 37.71 4.67
C LEU A 387 1.47 36.58 3.67
N GLN A 388 0.51 36.68 2.76
CA GLN A 388 0.29 35.57 1.83
C GLN A 388 0.53 35.85 0.36
N LYS A 389 -0.02 36.95 -0.17
CA LYS A 389 0.07 37.29 -1.59
C LYS A 389 1.49 37.71 -1.98
N LEU A 390 2.46 36.80 -1.77
CA LEU A 390 3.89 37.01 -2.02
C LEU A 390 4.50 35.72 -2.48
N THR A 391 5.42 35.82 -3.44
CA THR A 391 6.16 34.69 -4.01
C THR A 391 7.67 35.00 -4.06
N ARG A 392 8.47 33.96 -4.27
CA ARG A 392 9.93 33.97 -4.39
C ARG A 392 10.38 34.82 -5.61
N ASP A 393 9.47 35.05 -6.57
CA ASP A 393 9.67 35.81 -7.81
C ASP A 393 9.61 37.30 -7.62
N LEU A 394 8.98 37.79 -6.52
CA LEU A 394 8.87 39.21 -6.23
C LEU A 394 10.23 39.89 -6.08
N LEU A 395 11.20 39.23 -5.43
CA LEU A 395 12.54 39.79 -5.25
C LEU A 395 13.57 38.95 -6.00
N ASN A 396 13.09 37.99 -6.83
CA ASN A 396 13.94 37.07 -7.60
C ASN A 396 14.99 36.37 -6.72
N CYS A 397 14.56 35.91 -5.53
CA CYS A 397 15.35 35.21 -4.53
C CYS A 397 15.90 33.94 -5.16
N SER A 398 17.26 33.82 -5.22
CA SER A 398 17.90 32.69 -5.88
C SER A 398 19.13 32.20 -5.17
N PHE A 399 19.32 30.88 -5.19
CA PHE A 399 20.45 30.15 -4.64
C PHE A 399 21.14 29.41 -5.80
N LYS A 400 22.43 29.72 -6.02
CA LYS A 400 23.19 29.15 -7.14
C LYS A 400 24.61 28.85 -6.74
N CYS A 401 25.16 27.80 -7.37
CA CYS A 401 26.54 27.39 -7.20
C CYS A 401 27.40 28.33 -8.05
N SER A 402 28.38 28.98 -7.41
CA SER A 402 29.25 29.94 -8.11
C SER A 402 30.73 29.48 -8.23
N TYR A 403 31.11 28.44 -7.47
CA TYR A 403 32.47 27.97 -7.38
C TYR A 403 32.55 26.51 -6.94
N VAL A 404 33.43 25.75 -7.64
CA VAL A 404 33.74 24.34 -7.34
C VAL A 404 35.25 24.10 -7.35
N VAL A 405 35.67 23.05 -6.64
CA VAL A 405 37.06 22.62 -6.62
C VAL A 405 36.98 21.17 -7.04
N THR A 406 37.42 20.90 -8.29
CA THR A 406 37.52 19.57 -8.92
C THR A 406 39.01 19.31 -9.25
N ASN A 407 39.52 18.11 -8.87
CA ASN A 407 40.91 17.71 -9.03
C ASN A 407 41.87 18.74 -8.42
N GLY A 408 41.43 19.36 -7.34
CA GLY A 408 42.16 20.37 -6.59
C GLY A 408 42.22 21.76 -7.19
N LEU A 409 41.62 21.96 -8.36
CA LEU A 409 41.64 23.24 -9.07
C LEU A 409 40.29 23.90 -8.99
N GLY A 410 40.26 25.12 -8.48
CA GLY A 410 39.05 25.91 -8.34
C GLY A 410 38.61 26.58 -9.62
N ILE A 411 37.35 26.38 -10.01
CA ILE A 411 36.79 27.02 -11.22
C ILE A 411 35.55 27.87 -10.87
N ASN A 412 35.44 29.01 -11.54
CA ASN A 412 34.26 29.88 -11.40
C ASN A 412 33.17 29.24 -12.27
N VAL A 413 32.01 28.92 -11.67
CA VAL A 413 30.83 28.31 -12.30
C VAL A 413 29.59 29.26 -12.25
N PHE A 414 28.67 29.12 -13.21
CA PHE A 414 27.53 30.02 -13.38
C PHE A 414 26.59 29.52 -14.44
N LYS A 415 25.36 30.02 -14.44
CA LYS A 415 24.39 29.72 -15.49
C LYS A 415 24.20 31.00 -16.32
N ASP A 416 23.93 30.83 -17.60
CA ASP A 416 23.71 31.98 -18.48
C ASP A 416 22.69 31.55 -19.55
N PRO A 417 21.38 31.37 -19.21
CA PRO A 417 20.43 30.89 -20.25
C PRO A 417 20.26 31.91 -21.36
N VAL A 418 20.26 31.44 -22.61
CA VAL A 418 20.12 32.27 -23.81
C VAL A 418 18.87 33.12 -23.78
N ALA A 419 17.71 32.52 -23.42
CA ALA A 419 16.42 33.19 -23.42
C ALA A 419 16.13 34.10 -22.24
N ASP A 420 16.95 34.02 -21.16
CA ASP A 420 16.74 34.87 -19.99
C ASP A 420 18.02 35.41 -19.33
N PRO A 421 18.50 36.58 -19.78
CA PRO A 421 19.72 37.16 -19.17
C PRO A 421 19.62 37.54 -17.69
N ASN A 422 18.38 37.72 -17.16
CA ASN A 422 18.12 38.00 -15.74
C ASN A 422 18.48 36.77 -14.92
N LYS A 423 18.38 35.56 -15.53
CA LYS A 423 18.71 34.28 -14.88
C LYS A 423 20.22 33.97 -14.80
N ARG A 424 21.08 34.87 -15.31
CA ARG A 424 22.53 34.76 -15.25
C ARG A 424 22.97 34.94 -13.78
N SER A 425 23.88 34.08 -13.28
CA SER A 425 24.35 34.10 -11.89
C SER A 425 25.79 34.63 -11.71
N LYS A 426 26.22 34.90 -10.46
CA LYS A 426 27.57 35.39 -10.14
C LYS A 426 28.69 34.32 -10.24
N LYS A 427 29.94 34.75 -10.49
CA LYS A 427 31.11 33.85 -10.65
C LYS A 427 32.11 33.83 -9.50
N GLY A 428 32.54 32.61 -9.14
CA GLY A 428 33.54 32.34 -8.11
C GLY A 428 33.15 32.66 -6.68
N ARG A 429 34.17 32.83 -5.84
CA ARG A 429 34.03 33.15 -4.44
C ARG A 429 33.60 34.62 -4.28
N LEU A 430 32.53 34.85 -3.49
CA LEU A 430 31.93 36.16 -3.30
C LEU A 430 32.16 36.77 -1.94
N SER A 431 32.09 38.12 -1.89
CA SER A 431 32.24 38.91 -0.68
C SER A 431 31.45 40.18 -0.86
N LEU A 432 31.00 40.80 0.25
CA LEU A 432 30.22 42.05 0.28
C LEU A 432 31.00 43.13 1.02
N HIS A 433 31.14 44.30 0.41
CA HIS A 433 31.92 45.39 0.99
C HIS A 433 31.17 46.69 1.04
N ARG A 434 31.53 47.56 2.02
CA ARG A 434 30.99 48.92 2.09
C ARG A 434 31.93 49.78 1.27
N THR A 435 31.35 50.65 0.45
CA THR A 435 32.12 51.49 -0.43
C THR A 435 32.49 52.77 0.30
N PRO A 436 33.51 53.56 -0.17
CA PRO A 436 33.83 54.84 0.50
C PRO A 436 32.64 55.80 0.66
N ALA A 437 31.67 55.75 -0.28
CA ALA A 437 30.47 56.59 -0.26
C ALA A 437 29.40 56.02 0.66
N GLY A 438 29.73 54.92 1.36
CA GLY A 438 28.85 54.26 2.33
C GLY A 438 27.78 53.36 1.77
N ASN A 439 27.92 52.95 0.51
CA ASN A 439 27.01 52.05 -0.20
C ASN A 439 27.61 50.64 -0.26
N PHE A 440 27.01 49.67 -1.03
CA PHE A 440 27.44 48.25 -1.07
C PHE A 440 27.91 47.73 -2.42
N VAL A 441 28.88 46.83 -2.38
CA VAL A 441 29.37 46.22 -3.61
C VAL A 441 29.62 44.73 -3.41
N THR A 442 29.28 43.90 -4.41
CA THR A 442 29.55 42.46 -4.37
C THR A 442 30.74 42.19 -5.28
N LEU A 443 31.84 41.66 -4.68
CA LEU A 443 33.03 41.29 -5.43
C LEU A 443 32.99 39.86 -5.83
N GLU A 444 33.33 39.58 -7.08
CA GLU A 444 33.29 38.22 -7.62
C GLU A 444 34.70 37.69 -7.83
N GLU A 445 34.79 36.40 -8.22
CA GLU A 445 36.02 35.67 -8.57
C GLU A 445 37.15 35.81 -7.52
N GLY A 446 36.78 35.80 -6.24
CA GLY A 446 37.71 35.93 -5.11
C GLY A 446 38.43 37.27 -4.96
N LYS A 447 38.08 38.30 -5.78
CA LYS A 447 38.68 39.64 -5.77
C LYS A 447 38.57 40.37 -4.42
N GLY A 448 37.64 39.92 -3.57
CA GLY A 448 37.43 40.47 -2.24
C GLY A 448 38.57 40.23 -1.28
N ASP A 449 39.45 39.27 -1.61
CA ASP A 449 40.65 38.93 -0.82
C ASP A 449 41.68 40.07 -0.78
N LEU A 450 41.65 40.98 -1.79
CA LEU A 450 42.54 42.13 -1.88
C LEU A 450 42.12 43.26 -0.94
N GLU A 451 40.85 43.22 -0.44
CA GLU A 451 40.25 44.17 0.50
C GLU A 451 40.38 45.66 0.14
N GLU A 452 40.24 45.99 -1.16
CA GLU A 452 40.30 47.36 -1.69
C GLU A 452 39.25 48.27 -1.00
N TYR A 453 38.04 47.71 -0.71
CA TYR A 453 36.95 48.39 0.00
C TYR A 453 36.76 47.74 1.39
N GLY A 454 37.87 47.53 2.08
CA GLY A 454 37.86 46.98 3.43
C GLY A 454 37.49 45.52 3.54
N GLN A 455 37.02 45.15 4.74
CA GLN A 455 36.68 43.78 5.11
C GLN A 455 35.33 43.31 4.59
N ASP A 456 35.21 41.99 4.40
CA ASP A 456 34.00 41.33 3.97
C ASP A 456 32.91 41.59 5.04
N LEU A 457 31.71 42.00 4.61
CA LEU A 457 30.60 42.30 5.51
C LEU A 457 29.87 41.05 5.93
N LEU A 458 30.13 39.92 5.22
CA LEU A 458 29.53 38.61 5.52
C LEU A 458 30.28 37.88 6.66
N HIS A 459 29.64 37.79 7.82
CA HIS A 459 30.17 37.13 9.00
C HIS A 459 29.77 35.67 9.00
N THR A 460 30.61 34.77 9.58
CA THR A 460 30.29 33.35 9.74
C THR A 460 29.21 33.27 10.83
N VAL A 461 28.00 32.80 10.42
CA VAL A 461 26.84 32.65 11.30
C VAL A 461 26.66 31.19 11.67
N PHE A 462 27.21 30.32 10.84
CA PHE A 462 27.12 28.90 11.03
C PHE A 462 28.39 28.19 10.60
N LYS A 463 28.93 27.33 11.49
CA LYS A 463 30.07 26.45 11.20
C LYS A 463 29.99 25.12 11.94
N ASN A 464 29.99 24.03 11.19
CA ASN A 464 29.97 22.65 11.70
C ASN A 464 28.94 22.33 12.81
N GLY A 465 27.66 22.60 12.54
CA GLY A 465 26.54 22.36 13.46
C GLY A 465 26.40 23.37 14.58
N LYS A 466 27.16 24.50 14.46
CA LYS A 466 27.15 25.55 15.49
C LYS A 466 26.76 26.91 14.94
N VAL A 467 25.93 27.65 15.69
CA VAL A 467 25.53 29.01 15.34
C VAL A 467 26.56 29.90 16.01
N THR A 468 27.48 30.41 15.21
CA THR A 468 28.63 31.20 15.63
C THR A 468 28.37 32.71 15.83
N LYS A 469 27.24 33.24 15.32
CA LYS A 469 26.92 34.66 15.42
C LYS A 469 25.40 34.86 15.39
N SER A 470 24.85 35.56 16.40
CA SER A 470 23.42 35.85 16.56
C SER A 470 23.14 37.34 16.70
N TYR A 471 21.87 37.71 16.50
CA TYR A 471 21.39 39.07 16.56
C TYR A 471 20.06 39.08 17.29
N SER A 472 19.85 40.11 18.08
CA SER A 472 18.60 40.30 18.79
C SER A 472 17.64 41.00 17.82
N PHE A 473 16.33 40.92 18.08
CA PHE A 473 15.31 41.60 17.29
C PHE A 473 15.50 43.13 17.31
N ASP A 474 15.97 43.69 18.47
CA ASP A 474 16.27 45.12 18.64
C ASP A 474 17.36 45.57 17.65
N GLU A 475 18.42 44.74 17.51
CA GLU A 475 19.52 44.96 16.57
C GLU A 475 19.00 44.98 15.12
N ILE A 476 18.15 44.01 14.76
CA ILE A 476 17.49 43.84 13.45
C ILE A 476 16.61 45.03 13.15
N ARG A 477 15.79 45.45 14.12
CA ARG A 477 14.93 46.64 14.02
C ARG A 477 15.75 47.92 13.80
N LYS A 478 16.91 48.02 14.51
CA LYS A 478 17.82 49.17 14.34
C LYS A 478 18.41 49.14 12.91
N ASN A 479 18.86 47.97 12.43
CA ASN A 479 19.44 47.87 11.08
C ASN A 479 18.47 48.14 9.96
N ALA A 480 17.19 47.78 10.14
CA ALA A 480 16.10 47.96 9.16
C ALA A 480 15.42 49.32 9.14
N GLN A 481 15.77 50.22 10.08
CA GLN A 481 15.25 51.60 10.15
C GLN A 481 15.24 52.33 8.79
N LEU A 482 14.27 53.23 8.60
CA LEU A 482 14.17 54.08 7.43
C LEU A 482 15.19 55.24 7.60
N ASN A 483 15.62 55.85 6.47
CA ASN A 483 16.54 57.00 6.46
C ASN A 483 15.87 58.25 7.08
N ILE A 484 14.54 58.37 6.89
CA ILE A 484 13.70 59.45 7.41
C ILE A 484 13.43 59.32 8.92
N PHE B 9 3.40 24.40 21.22
CA PHE B 9 2.13 24.87 20.69
C PHE B 9 1.11 25.09 21.79
N ASN B 10 0.59 26.30 21.85
CA ASN B 10 -0.39 26.67 22.84
C ASN B 10 -1.60 27.25 22.12
N ILE B 11 -2.74 26.55 22.17
CA ILE B 11 -3.99 26.99 21.52
C ILE B 11 -4.49 28.41 21.96
N LEU B 12 -4.17 28.79 23.18
CA LEU B 12 -4.51 30.07 23.78
C LEU B 12 -3.76 31.23 23.13
N LEU B 13 -2.69 30.89 22.38
CA LEU B 13 -1.82 31.83 21.68
C LEU B 13 -1.90 31.61 20.15
N ALA B 14 -2.87 30.79 19.72
CA ALA B 14 -3.08 30.43 18.32
C ALA B 14 -4.40 30.96 17.71
N THR B 15 -4.74 32.21 18.07
CA THR B 15 -5.92 32.91 17.56
C THR B 15 -5.51 34.36 17.23
N ASP B 16 -6.36 35.09 16.48
CA ASP B 16 -6.17 36.52 16.23
C ASP B 16 -6.33 37.21 17.61
N SER B 17 -5.50 38.22 17.91
CA SER B 17 -5.49 38.94 19.20
C SER B 17 -6.84 39.46 19.60
N TYR B 18 -7.59 40.07 18.67
CA TYR B 18 -8.93 40.60 19.00
C TYR B 18 -9.91 39.58 19.52
N LYS B 19 -9.73 38.28 19.19
CA LYS B 19 -10.59 37.20 19.69
C LYS B 19 -10.47 37.00 21.20
N VAL B 20 -9.30 37.42 21.80
CA VAL B 20 -9.06 37.42 23.24
C VAL B 20 -10.13 38.28 23.94
N THR B 21 -10.52 39.39 23.27
CA THR B 21 -11.45 40.41 23.75
C THR B 21 -12.94 40.12 23.46
N HIS B 22 -13.23 39.09 22.66
CA HIS B 22 -14.58 38.78 22.20
C HIS B 22 -15.62 38.28 23.20
N TYR B 23 -15.20 37.51 24.22
CA TYR B 23 -16.13 37.02 25.24
C TYR B 23 -16.96 38.16 25.94
N LYS B 24 -16.39 39.39 26.01
CA LYS B 24 -17.00 40.61 26.59
C LYS B 24 -17.97 41.30 25.60
N GLN B 25 -17.97 40.87 24.31
CA GLN B 25 -18.74 41.55 23.26
C GLN B 25 -20.06 40.91 22.85
N TYR B 26 -20.17 39.59 23.02
CA TYR B 26 -21.41 38.90 22.66
C TYR B 26 -22.62 39.36 23.51
N PRO B 27 -23.88 39.20 23.05
CA PRO B 27 -24.99 39.62 23.90
C PRO B 27 -24.95 38.90 25.26
N PRO B 28 -25.21 39.57 26.40
CA PRO B 28 -25.20 38.82 27.69
C PRO B 28 -26.24 37.70 27.67
N ASN B 29 -25.93 36.57 28.37
CA ASN B 29 -26.73 35.34 28.46
C ASN B 29 -26.78 34.55 27.17
N THR B 30 -25.64 34.48 26.43
CA THR B 30 -25.48 33.71 25.19
C THR B 30 -24.96 32.30 25.58
N SER B 31 -25.74 31.26 25.25
CA SER B 31 -25.37 29.89 25.59
C SER B 31 -24.75 29.12 24.43
N LYS B 32 -25.02 29.56 23.20
CA LYS B 32 -24.57 28.90 22.00
C LYS B 32 -24.18 29.88 20.92
N VAL B 33 -23.02 29.63 20.28
CA VAL B 33 -22.54 30.35 19.09
C VAL B 33 -22.21 29.21 18.09
N TYR B 34 -22.94 29.16 16.96
CA TYR B 34 -22.83 28.16 15.91
C TYR B 34 -22.38 28.85 14.62
N SER B 35 -21.23 28.45 14.13
CA SER B 35 -20.58 29.04 12.96
C SER B 35 -20.31 27.99 11.88
N TYR B 36 -20.10 28.45 10.63
CA TYR B 36 -19.90 27.56 9.50
C TYR B 36 -18.83 28.06 8.54
N PHE B 37 -18.31 27.14 7.73
CA PHE B 37 -17.34 27.45 6.72
C PHE B 37 -17.90 27.12 5.34
N GLU B 38 -17.66 28.00 4.38
CA GLU B 38 -18.03 27.84 2.96
C GLU B 38 -16.96 28.48 2.06
N CYS B 39 -17.05 28.19 0.75
CA CYS B 39 -16.25 28.81 -0.29
C CYS B 39 -17.29 29.60 -1.04
N ARG B 40 -17.52 30.84 -0.60
CA ARG B 40 -18.59 31.70 -1.16
C ARG B 40 -18.63 31.81 -2.68
N GLU B 41 -19.85 31.90 -3.23
CA GLU B 41 -20.05 32.10 -4.67
C GLU B 41 -19.64 33.53 -5.05
N LYS B 42 -19.32 33.76 -6.34
CA LYS B 42 -18.99 35.09 -6.85
C LYS B 42 -19.94 35.50 -7.96
N VAL B 52 -9.72 31.65 -14.43
CA VAL B 52 -10.35 30.34 -14.28
C VAL B 52 -11.44 30.43 -13.20
N LYS B 53 -12.66 29.97 -13.53
CA LYS B 53 -13.75 29.94 -12.56
C LYS B 53 -13.70 28.62 -11.81
N TYR B 54 -13.80 28.66 -10.49
CA TYR B 54 -13.69 27.46 -9.67
C TYR B 54 -15.04 27.11 -9.11
N GLU B 55 -15.94 26.59 -9.96
CA GLU B 55 -17.32 26.23 -9.67
C GLU B 55 -17.50 25.22 -8.54
N GLU B 56 -16.48 24.36 -8.29
CA GLU B 56 -16.56 23.32 -7.25
C GLU B 56 -15.22 23.17 -6.53
N THR B 57 -15.26 22.83 -5.23
CA THR B 57 -14.04 22.71 -4.42
C THR B 57 -13.87 21.31 -3.84
N VAL B 58 -12.62 20.93 -3.55
CA VAL B 58 -12.21 19.67 -2.93
C VAL B 58 -12.03 19.96 -1.45
N PHE B 59 -12.82 19.31 -0.58
CA PHE B 59 -12.70 19.53 0.85
C PHE B 59 -11.58 18.63 1.37
N TYR B 60 -10.48 19.25 1.82
CA TYR B 60 -9.32 18.51 2.30
C TYR B 60 -8.53 19.32 3.32
N GLY B 61 -7.98 18.66 4.33
CA GLY B 61 -7.08 19.28 5.29
C GLY B 61 -7.56 19.44 6.71
N LEU B 62 -8.86 19.29 6.98
CA LEU B 62 -9.36 19.48 8.34
C LEU B 62 -8.81 18.44 9.33
N GLN B 63 -8.75 17.15 8.93
CA GLN B 63 -8.28 16.06 9.77
C GLN B 63 -6.91 16.32 10.38
N TYR B 64 -6.00 16.93 9.59
CA TYR B 64 -4.65 17.32 9.98
C TYR B 64 -4.72 18.35 11.15
N ILE B 65 -5.49 19.45 10.96
CA ILE B 65 -5.71 20.50 11.95
C ILE B 65 -6.32 19.92 13.25
N LEU B 66 -7.35 19.06 13.11
CA LEU B 66 -8.03 18.40 14.24
C LEU B 66 -7.06 17.56 15.05
N ASN B 67 -6.20 16.76 14.37
CA ASN B 67 -5.25 15.89 15.05
C ASN B 67 -4.06 16.60 15.66
N LYS B 68 -3.40 17.48 14.88
CA LYS B 68 -2.23 18.22 15.30
C LYS B 68 -2.51 19.31 16.33
N TYR B 69 -3.62 20.04 16.21
CA TYR B 69 -3.86 21.15 17.13
C TYR B 69 -5.08 21.10 18.05
N LEU B 70 -6.13 20.36 17.70
CA LEU B 70 -7.37 20.42 18.49
C LEU B 70 -7.69 19.32 19.47
N LYS B 71 -7.26 18.08 19.18
CA LYS B 71 -7.59 16.92 20.01
C LYS B 71 -6.82 16.83 21.29
N GLY B 72 -7.46 16.22 22.29
CA GLY B 72 -6.88 15.98 23.59
C GLY B 72 -6.85 17.17 24.52
N LYS B 73 -5.96 17.07 25.51
CA LYS B 73 -5.75 18.07 26.54
C LYS B 73 -4.92 19.15 25.91
N VAL B 74 -5.58 20.19 25.41
CA VAL B 74 -4.89 21.30 24.72
C VAL B 74 -4.67 22.49 25.66
N VAL B 75 -5.14 22.34 26.91
CA VAL B 75 -5.05 23.36 27.95
C VAL B 75 -4.37 22.75 29.17
N THR B 76 -3.37 23.46 29.72
CA THR B 76 -2.65 23.12 30.96
C THR B 76 -2.62 24.39 31.80
N LYS B 77 -2.23 24.31 33.09
CA LYS B 77 -2.13 25.50 33.93
C LYS B 77 -0.99 26.40 33.46
N GLU B 78 0.07 25.83 32.83
CA GLU B 78 1.24 26.56 32.31
C GLU B 78 0.85 27.37 31.07
N LYS B 79 0.09 26.72 30.12
CA LYS B 79 -0.42 27.34 28.91
C LYS B 79 -1.33 28.50 29.24
N ILE B 80 -2.12 28.41 30.34
CA ILE B 80 -3.00 29.48 30.80
C ILE B 80 -2.18 30.66 31.37
N GLN B 81 -1.17 30.36 32.20
CA GLN B 81 -0.30 31.40 32.79
C GLN B 81 0.56 32.10 31.72
N GLU B 82 1.14 31.32 30.77
CA GLU B 82 1.94 31.81 29.64
C GLU B 82 1.12 32.82 28.81
N ALA B 83 -0.13 32.46 28.43
CA ALA B 83 -1.04 33.30 27.65
C ALA B 83 -1.38 34.58 28.39
N LYS B 84 -1.70 34.46 29.70
CA LYS B 84 -2.04 35.58 30.59
C LYS B 84 -0.91 36.64 30.60
N ASP B 85 0.35 36.17 30.72
CA ASP B 85 1.54 37.05 30.76
C ASP B 85 1.75 37.85 29.47
N VAL B 86 1.60 37.18 28.32
CA VAL B 86 1.76 37.71 26.97
C VAL B 86 0.68 38.75 26.67
N TYR B 87 -0.59 38.42 26.95
CA TYR B 87 -1.70 39.32 26.69
C TYR B 87 -1.69 40.61 27.52
N LYS B 88 -1.31 40.50 28.81
CA LYS B 88 -1.18 41.65 29.71
C LYS B 88 -0.20 42.65 29.08
N GLU B 89 0.86 42.15 28.41
CA GLU B 89 1.85 42.98 27.73
C GLU B 89 1.36 43.43 26.33
N HIS B 90 0.81 42.46 25.55
CA HIS B 90 0.29 42.66 24.20
C HIS B 90 -0.82 43.74 24.19
N PHE B 91 -1.81 43.60 25.09
CA PHE B 91 -2.90 44.58 25.20
C PHE B 91 -2.61 45.79 26.12
N GLN B 92 -1.57 45.70 27.00
CA GLN B 92 -1.23 46.75 27.98
C GLN B 92 -2.50 46.96 28.84
N ASP B 93 -3.15 45.82 29.15
CA ASP B 93 -4.42 45.71 29.85
C ASP B 93 -4.74 44.23 30.12
N ASP B 94 -5.62 43.99 31.09
CA ASP B 94 -6.06 42.65 31.47
C ASP B 94 -7.43 42.37 30.83
N VAL B 95 -7.41 41.72 29.67
CA VAL B 95 -8.61 41.37 28.92
C VAL B 95 -8.75 39.85 28.92
N PHE B 96 -7.63 39.14 28.87
CA PHE B 96 -7.61 37.68 28.83
C PHE B 96 -8.62 36.94 29.75
N ASN B 97 -9.49 36.12 29.16
CA ASN B 97 -10.48 35.31 29.86
C ASN B 97 -9.82 34.15 30.60
N GLU B 98 -9.10 34.48 31.69
CA GLU B 98 -8.42 33.47 32.49
C GLU B 98 -9.40 32.48 33.12
N LYS B 99 -10.58 32.97 33.58
CA LYS B 99 -11.64 32.14 34.20
C LYS B 99 -12.20 31.12 33.24
N GLY B 100 -12.51 31.57 32.02
CA GLY B 100 -13.07 30.76 30.94
C GLY B 100 -12.16 29.61 30.56
N TRP B 101 -10.87 29.92 30.35
CA TRP B 101 -9.88 28.89 30.05
C TRP B 101 -9.66 27.94 31.22
N ASN B 102 -9.64 28.46 32.48
CA ASN B 102 -9.53 27.63 33.70
C ASN B 102 -10.71 26.67 33.83
N TYR B 103 -11.92 27.09 33.41
CA TYR B 103 -13.14 26.27 33.40
C TYR B 103 -12.96 25.02 32.54
N ILE B 104 -12.31 25.15 31.36
CA ILE B 104 -12.07 24.02 30.45
C ILE B 104 -11.08 23.04 31.07
N LEU B 105 -10.02 23.57 31.71
CA LEU B 105 -9.01 22.77 32.38
C LEU B 105 -9.61 21.98 33.55
N GLU B 106 -10.43 22.64 34.39
CA GLU B 106 -11.08 22.00 35.54
C GLU B 106 -12.20 21.02 35.15
N LYS B 107 -13.20 21.46 34.34
CA LYS B 107 -14.36 20.62 33.99
C LYS B 107 -14.09 19.55 32.94
N TYR B 108 -13.27 19.86 31.91
CA TYR B 108 -13.06 18.92 30.82
C TYR B 108 -11.67 18.33 30.71
N ASP B 109 -10.81 18.61 31.71
CA ASP B 109 -9.43 18.15 31.71
C ASP B 109 -8.70 18.64 30.42
N GLY B 110 -8.84 19.94 30.16
CA GLY B 110 -8.20 20.62 29.03
C GLY B 110 -8.73 20.28 27.64
N HIS B 111 -9.81 19.48 27.54
CA HIS B 111 -10.43 19.07 26.28
C HIS B 111 -11.44 20.10 25.83
N LEU B 112 -11.46 20.43 24.52
CA LEU B 112 -12.37 21.45 23.99
C LEU B 112 -13.82 21.05 23.93
N PRO B 113 -14.74 21.74 24.68
CA PRO B 113 -16.19 21.44 24.54
C PRO B 113 -16.73 22.05 23.23
N ILE B 114 -16.33 21.44 22.12
CA ILE B 114 -16.70 21.87 20.77
C ILE B 114 -17.14 20.62 20.00
N GLU B 115 -18.04 20.82 19.05
CA GLU B 115 -18.46 19.79 18.10
C GLU B 115 -18.30 20.37 16.68
N ILE B 116 -17.56 19.63 15.82
CA ILE B 116 -17.34 19.98 14.41
C ILE B 116 -17.97 18.92 13.51
N LYS B 117 -18.91 19.35 12.65
CA LYS B 117 -19.56 18.51 11.67
C LYS B 117 -18.99 18.88 10.35
N ALA B 118 -18.58 17.89 9.56
CA ALA B 118 -17.94 18.18 8.27
C ALA B 118 -18.29 17.23 7.15
N VAL B 119 -18.25 17.78 5.95
CA VAL B 119 -18.41 17.02 4.73
C VAL B 119 -17.19 16.03 4.64
N PRO B 120 -17.34 14.79 4.14
CA PRO B 120 -16.19 13.88 4.08
C PRO B 120 -15.05 14.44 3.23
N GLU B 121 -13.83 14.19 3.69
CA GLU B 121 -12.65 14.66 3.00
C GLU B 121 -12.50 13.99 1.66
N GLY B 122 -12.20 14.82 0.66
CA GLY B 122 -12.09 14.40 -0.72
C GLY B 122 -13.31 14.81 -1.49
N PHE B 123 -14.43 15.01 -0.79
CA PHE B 123 -15.67 15.42 -1.46
C PHE B 123 -15.53 16.68 -2.27
N VAL B 124 -16.17 16.65 -3.44
CA VAL B 124 -16.17 17.72 -4.42
C VAL B 124 -17.56 18.34 -4.41
N ILE B 125 -17.63 19.55 -3.84
CA ILE B 125 -18.83 20.33 -3.57
C ILE B 125 -18.85 21.66 -4.32
N PRO B 126 -19.99 22.00 -4.97
CA PRO B 126 -20.10 23.31 -5.64
C PRO B 126 -19.96 24.50 -4.65
N ARG B 127 -19.46 25.61 -5.14
CA ARG B 127 -19.28 26.87 -4.40
C ARG B 127 -20.58 27.34 -3.75
N GLY B 128 -20.46 27.92 -2.56
CA GLY B 128 -21.59 28.48 -1.82
C GLY B 128 -22.33 27.47 -0.97
N ASN B 129 -21.68 26.36 -0.62
CA ASN B 129 -22.26 25.33 0.24
C ASN B 129 -21.49 25.21 1.54
N VAL B 130 -22.18 24.75 2.61
CA VAL B 130 -21.58 24.51 3.90
C VAL B 130 -20.64 23.32 3.77
N LEU B 131 -19.39 23.45 4.28
CA LEU B 131 -18.43 22.32 4.23
C LEU B 131 -18.19 21.77 5.62
N PHE B 132 -18.26 22.65 6.62
CA PHE B 132 -18.15 22.29 8.01
C PHE B 132 -18.82 23.31 8.94
N THR B 133 -19.26 22.84 10.11
CA THR B 133 -19.86 23.71 11.13
C THR B 133 -19.13 23.51 12.46
N VAL B 134 -19.09 24.57 13.29
CA VAL B 134 -18.46 24.60 14.61
C VAL B 134 -19.46 25.19 15.65
N GLU B 135 -19.57 24.54 16.82
CA GLU B 135 -20.41 24.99 17.93
C GLU B 135 -19.87 24.52 19.26
N ASN B 136 -20.17 25.25 20.34
CA ASN B 136 -19.76 24.86 21.68
C ASN B 136 -20.76 23.84 22.24
N THR B 137 -20.29 22.82 22.97
CA THR B 137 -21.16 21.80 23.57
C THR B 137 -21.50 22.16 25.02
N ASP B 138 -20.83 23.20 25.58
CA ASP B 138 -21.06 23.68 26.93
C ASP B 138 -21.40 25.17 26.87
N PRO B 139 -22.54 25.59 27.49
CA PRO B 139 -22.96 27.02 27.45
C PRO B 139 -21.96 28.06 27.94
N GLU B 140 -21.08 27.68 28.88
CA GLU B 140 -20.05 28.54 29.47
C GLU B 140 -18.98 28.92 28.40
N CYS B 141 -18.82 28.04 27.39
CA CYS B 141 -17.84 28.13 26.32
C CYS B 141 -18.40 28.63 25.00
N TYR B 142 -19.44 29.50 25.07
CA TYR B 142 -20.09 30.15 23.93
C TYR B 142 -19.03 30.93 23.09
N TRP B 143 -17.98 31.41 23.78
CA TRP B 143 -16.88 32.21 23.23
C TRP B 143 -15.86 31.35 22.48
N LEU B 144 -15.81 30.03 22.78
CA LEU B 144 -14.85 29.10 22.19
C LEU B 144 -15.02 28.84 20.67
N THR B 145 -16.29 28.87 20.19
CA THR B 145 -16.62 28.69 18.78
C THR B 145 -15.80 29.59 17.89
N ASN B 146 -15.85 30.92 18.12
CA ASN B 146 -15.10 31.80 17.26
C ASN B 146 -13.64 32.02 17.64
N TRP B 147 -13.18 31.47 18.79
CA TRP B 147 -11.78 31.52 19.21
C TRP B 147 -10.96 30.67 18.20
N ILE B 148 -11.51 29.50 17.86
CA ILE B 148 -10.84 28.54 16.99
C ILE B 148 -11.06 28.81 15.51
N GLU B 149 -11.66 29.97 15.19
CA GLU B 149 -11.88 30.37 13.79
C GLU B 149 -10.55 30.49 13.03
N THR B 150 -9.61 31.27 13.57
CA THR B 150 -8.29 31.51 12.97
C THR B 150 -7.59 30.22 12.49
N ILE B 151 -7.47 29.22 13.37
CA ILE B 151 -6.84 27.94 13.06
C ILE B 151 -7.66 27.08 12.04
N LEU B 152 -9.01 27.10 12.13
CA LEU B 152 -9.86 26.32 11.24
C LEU B 152 -9.89 26.89 9.85
N VAL B 153 -9.93 28.23 9.73
CA VAL B 153 -9.96 28.97 8.44
C VAL B 153 -8.67 28.72 7.60
N GLN B 154 -7.57 28.31 8.26
CA GLN B 154 -6.32 27.97 7.59
C GLN B 154 -6.47 26.77 6.69
N SER B 155 -7.63 26.07 6.79
CA SER B 155 -8.02 24.97 5.92
C SER B 155 -8.28 25.45 4.50
N TRP B 156 -8.39 26.77 4.28
CA TRP B 156 -8.51 27.36 2.96
C TRP B 156 -7.36 26.89 2.09
N TYR B 157 -6.17 26.74 2.70
CA TYR B 157 -4.94 26.38 1.97
C TYR B 157 -4.95 24.97 1.37
N PRO B 158 -5.09 23.86 2.14
CA PRO B 158 -5.16 22.53 1.51
C PRO B 158 -6.40 22.41 0.62
N ILE B 159 -7.51 23.07 0.98
CA ILE B 159 -8.70 23.12 0.12
C ILE B 159 -8.33 23.72 -1.23
N THR B 160 -7.68 24.90 -1.21
CA THR B 160 -7.30 25.64 -2.42
C THR B 160 -6.24 24.93 -3.26
N VAL B 161 -5.23 24.34 -2.59
CA VAL B 161 -4.18 23.60 -3.31
C VAL B 161 -4.83 22.40 -4.04
N ALA B 162 -5.62 21.60 -3.33
CA ALA B 162 -6.34 20.45 -3.88
C ALA B 162 -7.30 20.74 -5.04
N THR B 163 -8.01 21.90 -5.01
CA THR B 163 -8.98 22.35 -6.02
C THR B 163 -8.27 22.82 -7.29
N ASN B 164 -7.27 23.67 -7.14
CA ASN B 164 -6.50 24.20 -8.26
C ASN B 164 -5.67 23.08 -8.94
N SER B 165 -5.15 22.14 -8.14
CA SER B 165 -4.40 20.99 -8.63
C SER B 165 -5.33 20.12 -9.49
N ARG B 166 -6.55 19.83 -8.98
CA ARG B 166 -7.62 19.05 -9.63
C ARG B 166 -8.09 19.72 -10.90
N GLU B 167 -8.19 21.06 -10.88
CA GLU B 167 -8.58 21.84 -12.03
C GLU B 167 -7.55 21.71 -13.14
N GLN B 168 -6.24 21.62 -12.77
CA GLN B 168 -5.13 21.41 -13.73
C GLN B 168 -5.21 19.97 -14.26
N LYS B 169 -5.60 19.00 -13.39
CA LYS B 169 -5.82 17.62 -13.78
C LYS B 169 -6.92 17.52 -14.84
N LYS B 170 -8.05 18.28 -14.71
CA LYS B 170 -9.16 18.32 -15.68
C LYS B 170 -8.69 18.71 -17.07
N ILE B 171 -7.77 19.70 -17.16
CA ILE B 171 -7.17 20.20 -18.39
C ILE B 171 -6.31 19.09 -18.98
N LEU B 172 -5.37 18.59 -18.17
CA LEU B 172 -4.47 17.51 -18.55
C LEU B 172 -5.20 16.26 -19.03
N ALA B 173 -6.30 15.85 -18.35
CA ALA B 173 -7.11 14.69 -18.72
C ALA B 173 -7.85 14.91 -20.05
N LYS B 174 -8.42 16.12 -20.24
CA LYS B 174 -9.11 16.49 -21.49
C LYS B 174 -8.16 16.34 -22.68
N TYR B 175 -6.98 16.98 -22.60
CA TYR B 175 -5.99 16.97 -23.68
C TYR B 175 -5.27 15.64 -23.91
N LEU B 176 -5.03 14.86 -22.85
CA LEU B 176 -4.42 13.55 -22.99
C LEU B 176 -5.43 12.59 -23.70
N LEU B 177 -6.72 12.74 -23.37
CA LEU B 177 -7.78 11.94 -24.00
C LEU B 177 -7.99 12.36 -25.47
N GLU B 178 -8.02 13.67 -25.77
CA GLU B 178 -8.19 14.16 -27.14
C GLU B 178 -7.03 13.82 -28.09
N THR B 179 -5.80 13.69 -27.55
CA THR B 179 -4.59 13.47 -28.33
C THR B 179 -4.07 12.04 -28.30
N SER B 180 -4.54 11.22 -27.36
CA SER B 180 -4.10 9.82 -27.24
C SER B 180 -5.19 8.74 -27.09
N GLY B 181 -6.42 9.15 -26.74
CA GLY B 181 -7.56 8.25 -26.58
C GLY B 181 -7.65 7.55 -25.23
N ASN B 182 -6.71 7.85 -24.32
CA ASN B 182 -6.71 7.29 -22.98
C ASN B 182 -6.11 8.29 -21.94
N LEU B 183 -5.99 7.84 -20.68
CA LEU B 183 -5.49 8.64 -19.54
C LEU B 183 -4.29 7.98 -18.87
N ASP B 184 -3.49 7.21 -19.64
CA ASP B 184 -2.28 6.56 -19.11
C ASP B 184 -1.28 7.63 -18.76
N GLY B 185 -0.71 7.54 -17.57
CA GLY B 185 0.26 8.51 -17.08
C GLY B 185 -0.27 9.86 -16.64
N LEU B 186 -1.60 9.98 -16.44
CA LEU B 186 -2.26 11.22 -16.00
C LEU B 186 -1.82 11.63 -14.59
N GLU B 187 -1.67 10.68 -13.67
CA GLU B 187 -1.28 11.00 -12.30
C GLU B 187 0.20 11.36 -12.13
N TYR B 188 0.96 11.39 -13.24
CA TYR B 188 2.38 11.72 -13.19
C TYR B 188 2.70 12.90 -14.12
N LYS B 189 1.65 13.56 -14.66
CA LYS B 189 1.80 14.71 -15.57
C LYS B 189 1.95 16.11 -14.95
N LEU B 190 1.69 16.24 -13.65
CA LEU B 190 1.88 17.52 -12.96
C LEU B 190 2.69 17.27 -11.69
N HIS B 191 3.99 17.57 -11.74
CA HIS B 191 4.93 17.32 -10.64
C HIS B 191 5.10 18.53 -9.73
N ASP B 192 5.14 18.29 -8.40
CA ASP B 192 5.32 19.31 -7.41
C ASP B 192 6.85 19.63 -7.24
N PHE B 193 7.24 20.85 -7.65
CA PHE B 193 8.58 21.44 -7.57
C PHE B 193 8.57 22.63 -6.58
N GLY B 194 7.49 22.74 -5.79
CA GLY B 194 7.22 23.87 -4.92
C GLY B 194 7.81 23.95 -3.53
N TYR B 195 8.66 23.00 -3.12
CA TYR B 195 9.27 22.97 -1.78
C TYR B 195 10.04 24.28 -1.38
N ARG B 196 10.86 24.82 -2.29
CA ARG B 196 11.69 26.00 -2.00
C ARG B 196 10.89 27.32 -2.07
N GLY B 197 9.84 27.33 -2.90
CA GLY B 197 8.97 28.47 -3.17
C GLY B 197 7.84 28.71 -2.18
N VAL B 198 7.70 27.83 -1.19
CA VAL B 198 6.70 28.00 -0.14
C VAL B 198 7.29 28.77 1.05
N SER B 199 6.41 29.29 1.91
CA SER B 199 6.77 30.11 3.06
C SER B 199 7.39 29.42 4.29
N SER B 200 7.18 28.10 4.46
CA SER B 200 7.68 27.34 5.61
C SER B 200 7.67 25.84 5.35
N GLN B 201 8.36 25.07 6.22
CA GLN B 201 8.40 23.60 6.22
C GLN B 201 6.99 23.00 6.41
N GLU B 202 6.16 23.57 7.30
CA GLU B 202 4.79 23.11 7.56
C GLU B 202 3.89 23.32 6.33
N THR B 203 3.95 24.50 5.71
CA THR B 203 3.22 24.81 4.47
C THR B 203 3.58 23.80 3.36
N ALA B 204 4.88 23.48 3.22
CA ALA B 204 5.38 22.53 2.21
C ALA B 204 4.68 21.17 2.32
N GLY B 205 4.64 20.63 3.54
CA GLY B 205 3.98 19.36 3.87
C GLY B 205 2.50 19.40 3.62
N ILE B 206 1.82 20.47 4.07
CA ILE B 206 0.38 20.63 3.83
C ILE B 206 0.08 20.71 2.32
N GLY B 207 0.70 21.68 1.64
CA GLY B 207 0.50 21.89 0.20
C GLY B 207 0.80 20.66 -0.62
N ALA B 208 1.93 19.95 -0.32
CA ALA B 208 2.27 18.75 -1.09
C ALA B 208 1.25 17.63 -0.90
N SER B 209 0.75 17.43 0.34
CA SER B 209 -0.29 16.44 0.60
C SER B 209 -1.56 16.74 -0.22
N ALA B 210 -1.98 18.02 -0.28
CA ALA B 210 -3.15 18.45 -1.06
C ALA B 210 -2.99 18.21 -2.56
N HIS B 211 -1.77 18.42 -3.14
CA HIS B 211 -1.55 18.10 -4.56
C HIS B 211 -1.57 16.57 -4.74
N LEU B 212 -1.14 15.82 -3.70
CA LEU B 212 -1.12 14.37 -3.75
C LEU B 212 -2.51 13.66 -3.79
N VAL B 213 -3.59 14.45 -3.60
CA VAL B 213 -4.99 14.05 -3.70
C VAL B 213 -5.34 13.77 -5.18
N ASN B 214 -4.65 14.45 -6.10
CA ASN B 214 -4.93 14.38 -7.53
C ASN B 214 -3.83 13.71 -8.36
N PHE B 215 -2.57 13.82 -7.89
CA PHE B 215 -1.37 13.36 -8.58
C PHE B 215 -0.53 12.47 -7.70
N LYS B 216 0.45 11.80 -8.29
CA LYS B 216 1.35 10.86 -7.60
C LYS B 216 2.79 11.35 -7.61
N GLY B 217 3.07 12.39 -8.40
CA GLY B 217 4.42 12.95 -8.51
C GLY B 217 4.69 14.15 -7.64
N THR B 218 5.67 14.03 -6.75
CA THR B 218 6.14 15.11 -5.89
C THR B 218 7.62 15.06 -5.60
N ASP B 219 8.23 16.24 -5.45
CA ASP B 219 9.61 16.43 -5.02
C ASP B 219 9.61 17.00 -3.59
N THR B 220 8.41 17.40 -3.10
CA THR B 220 8.24 17.96 -1.75
C THR B 220 8.05 16.77 -0.83
N VAL B 221 9.19 16.18 -0.41
CA VAL B 221 9.33 15.00 0.45
C VAL B 221 8.47 15.11 1.72
N ALA B 222 8.36 16.35 2.26
CA ALA B 222 7.58 16.74 3.45
C ALA B 222 6.12 16.25 3.48
N GLY B 223 5.46 16.21 2.32
CA GLY B 223 4.07 15.76 2.21
C GLY B 223 3.84 14.27 2.41
N LEU B 224 4.89 13.44 2.22
CA LEU B 224 4.76 11.98 2.40
C LEU B 224 4.52 11.64 3.88
N ALA B 225 5.35 12.22 4.76
CA ALA B 225 5.28 12.07 6.21
C ALA B 225 3.95 12.52 6.79
N LEU B 226 3.38 13.64 6.26
CA LEU B 226 2.09 14.18 6.70
C LEU B 226 0.95 13.20 6.37
N ILE B 227 0.92 12.70 5.13
CA ILE B 227 -0.09 11.71 4.74
C ILE B 227 0.04 10.45 5.65
N LYS B 228 1.27 9.90 5.78
CA LYS B 228 1.55 8.74 6.62
C LYS B 228 1.05 8.96 8.04
N LYS B 229 1.38 10.12 8.64
CA LYS B 229 1.01 10.42 10.01
C LYS B 229 -0.47 10.66 10.23
N TYR B 230 -1.13 11.43 9.35
CA TYR B 230 -2.51 11.88 9.54
C TYR B 230 -3.56 11.25 8.69
N TYR B 231 -3.20 10.59 7.60
CA TYR B 231 -4.22 10.01 6.73
C TYR B 231 -4.05 8.52 6.49
N GLY B 232 -2.89 8.12 5.98
CA GLY B 232 -2.56 6.73 5.76
C GLY B 232 -2.91 6.25 4.37
N THR B 233 -2.05 5.38 3.83
CA THR B 233 -2.20 4.78 2.51
C THR B 233 -1.90 3.29 2.59
N LYS B 234 -2.59 2.50 1.74
CA LYS B 234 -2.40 1.05 1.57
C LYS B 234 -1.00 0.89 0.98
N ASP B 235 -0.65 1.76 0.00
CA ASP B 235 0.67 1.87 -0.64
C ASP B 235 1.76 2.28 0.36
N PRO B 236 3.04 1.87 0.14
CA PRO B 236 4.11 2.27 1.07
C PRO B 236 4.30 3.78 1.15
N VAL B 237 4.31 4.45 -0.02
CA VAL B 237 4.44 5.91 -0.12
C VAL B 237 3.27 6.53 -0.93
N PRO B 238 2.86 7.77 -0.59
CA PRO B 238 1.77 8.40 -1.36
C PRO B 238 2.26 9.11 -2.63
N GLY B 239 3.57 9.37 -2.71
CA GLY B 239 4.16 10.06 -3.84
C GLY B 239 5.48 9.47 -4.25
N TYR B 240 5.79 9.61 -5.54
CA TYR B 240 6.98 9.08 -6.21
C TYR B 240 7.68 10.17 -7.02
N SER B 241 8.98 9.99 -7.27
CA SER B 241 9.79 10.91 -8.09
C SER B 241 10.83 10.14 -8.89
N VAL B 242 11.62 10.86 -9.70
CA VAL B 242 12.67 10.29 -10.55
C VAL B 242 13.98 11.05 -10.33
N PRO B 243 15.15 10.43 -10.59
CA PRO B 243 16.40 11.21 -10.50
C PRO B 243 16.38 12.36 -11.50
N ALA B 244 16.93 13.52 -11.11
CA ALA B 244 16.96 14.68 -11.98
C ALA B 244 18.12 15.61 -11.66
N ALA B 245 18.62 16.29 -12.70
CA ALA B 245 19.70 17.26 -12.57
C ALA B 245 19.14 18.61 -12.19
N GLU B 246 20.01 19.45 -11.62
CA GLU B 246 19.78 20.84 -11.31
C GLU B 246 20.90 21.66 -12.01
N HIS B 247 20.83 22.99 -11.99
CA HIS B 247 21.85 23.80 -12.65
C HIS B 247 23.23 23.57 -12.07
N SER B 248 23.33 23.46 -10.72
CA SER B 248 24.59 23.21 -10.02
C SER B 248 25.34 21.98 -10.52
N THR B 249 24.64 20.86 -10.79
CA THR B 249 25.27 19.62 -11.27
C THR B 249 25.68 19.63 -12.75
N ILE B 250 25.25 20.66 -13.51
CA ILE B 250 25.61 20.79 -14.92
C ILE B 250 26.70 21.79 -15.04
N THR B 251 26.47 23.00 -14.49
CA THR B 251 27.40 24.13 -14.50
C THR B 251 28.69 23.86 -13.75
N ALA B 252 28.65 22.92 -12.75
CA ALA B 252 29.82 22.53 -11.95
C ALA B 252 30.96 21.93 -12.80
N TRP B 253 30.64 21.43 -13.99
CA TRP B 253 31.56 20.82 -14.93
C TRP B 253 32.38 21.83 -15.73
N GLY B 254 31.88 23.06 -15.80
CA GLY B 254 32.46 24.16 -16.57
C GLY B 254 31.65 24.33 -17.84
N LYS B 255 31.55 25.59 -18.37
CA LYS B 255 30.76 25.92 -19.57
C LYS B 255 31.01 25.06 -20.79
N ASP B 256 32.29 24.71 -21.03
CA ASP B 256 32.73 23.91 -22.17
C ASP B 256 32.48 22.42 -22.01
N HIS B 257 32.09 21.97 -20.78
CA HIS B 257 31.84 20.58 -20.44
C HIS B 257 30.39 20.20 -20.14
N GLU B 258 29.42 20.94 -20.74
CA GLU B 258 27.99 20.62 -20.61
C GLU B 258 27.74 19.18 -21.14
N LYS B 259 28.38 18.81 -22.28
CA LYS B 259 28.29 17.47 -22.90
C LYS B 259 28.71 16.36 -21.90
N ASP B 260 29.87 16.53 -21.24
CA ASP B 260 30.38 15.60 -20.23
C ASP B 260 29.42 15.44 -19.02
N ALA B 261 28.80 16.57 -18.57
CA ALA B 261 27.81 16.59 -17.49
C ALA B 261 26.64 15.72 -17.93
N PHE B 262 26.08 16.02 -19.13
CA PHE B 262 24.96 15.31 -19.76
C PHE B 262 25.20 13.82 -19.85
N GLU B 263 26.37 13.45 -20.38
CA GLU B 263 26.80 12.06 -20.56
C GLU B 263 27.01 11.34 -19.21
N HIS B 264 27.64 12.02 -18.23
CA HIS B 264 27.88 11.44 -16.91
C HIS B 264 26.55 11.10 -16.23
N ILE B 265 25.61 12.06 -16.22
CA ILE B 265 24.26 11.92 -15.62
C ILE B 265 23.41 10.81 -16.27
N VAL B 266 23.36 10.72 -17.62
CA VAL B 266 22.61 9.66 -18.31
C VAL B 266 23.19 8.25 -18.12
N THR B 267 24.51 8.15 -17.87
CA THR B 267 25.25 6.89 -17.64
C THR B 267 25.01 6.41 -16.19
N GLN B 268 25.07 7.37 -15.24
CA GLN B 268 24.76 7.13 -13.84
C GLN B 268 23.33 6.63 -13.63
N PHE B 269 22.34 7.11 -14.42
CA PHE B 269 20.92 6.70 -14.34
C PHE B 269 20.47 6.16 -15.70
N SER B 270 21.13 5.08 -16.15
CA SER B 270 20.87 4.45 -17.45
C SER B 270 19.67 3.50 -17.44
N SER B 271 19.21 3.07 -16.25
CA SER B 271 18.11 2.10 -16.13
C SER B 271 16.79 2.61 -15.54
N VAL B 272 16.76 3.88 -15.09
CA VAL B 272 15.58 4.55 -14.55
C VAL B 272 15.34 5.85 -15.33
N PRO B 273 14.10 6.44 -15.37
CA PRO B 273 13.92 7.72 -16.10
C PRO B 273 14.77 8.83 -15.49
N VAL B 274 15.33 9.73 -16.31
CA VAL B 274 16.14 10.83 -15.79
C VAL B 274 15.77 12.17 -16.42
N SER B 275 15.58 13.20 -15.57
CA SER B 275 15.27 14.54 -16.04
C SER B 275 16.57 15.35 -16.04
N VAL B 276 16.95 15.89 -17.18
CA VAL B 276 18.19 16.67 -17.25
C VAL B 276 17.89 18.09 -17.72
N VAL B 277 18.09 19.09 -16.82
CA VAL B 277 17.95 20.51 -17.13
C VAL B 277 18.95 20.87 -18.28
N SER B 278 18.42 21.38 -19.42
CA SER B 278 19.14 21.59 -20.66
C SER B 278 19.31 23.02 -21.12
N ASP B 279 18.97 23.99 -20.26
CA ASP B 279 19.00 25.43 -20.57
C ASP B 279 20.11 26.22 -19.88
N SER B 280 21.04 25.54 -19.17
CA SER B 280 22.14 26.23 -18.45
C SER B 280 22.86 27.31 -19.29
N TYR B 281 23.05 27.05 -20.59
CA TYR B 281 23.72 28.00 -21.48
C TYR B 281 22.88 28.26 -22.69
N ASP B 282 22.30 27.20 -23.29
CA ASP B 282 21.48 27.30 -24.49
C ASP B 282 20.70 26.02 -24.70
N ILE B 283 19.38 26.09 -24.42
CA ILE B 283 18.42 24.99 -24.57
C ILE B 283 18.31 24.45 -25.98
N TYR B 284 18.39 25.34 -26.98
CA TYR B 284 18.24 24.93 -28.36
C TYR B 284 19.43 24.17 -28.89
N ASN B 285 20.66 24.69 -28.59
CA ASN B 285 21.92 24.04 -28.91
C ASN B 285 22.01 22.68 -28.17
N ALA B 286 21.63 22.63 -26.88
CA ALA B 286 21.66 21.39 -26.10
C ALA B 286 20.78 20.30 -26.73
N CYS B 287 19.60 20.70 -27.26
CA CYS B 287 18.65 19.80 -27.94
C CYS B 287 19.13 19.41 -29.32
N GLU B 288 19.59 20.38 -30.13
CA GLU B 288 20.04 20.17 -31.50
C GLU B 288 21.37 19.47 -31.66
N LYS B 289 22.41 19.98 -30.98
CA LYS B 289 23.81 19.51 -31.05
C LYS B 289 24.21 18.50 -29.96
N ILE B 290 23.98 18.84 -28.66
CA ILE B 290 24.36 17.92 -27.59
C ILE B 290 23.50 16.67 -27.53
N TRP B 291 22.18 16.80 -27.38
CA TRP B 291 21.34 15.62 -27.32
C TRP B 291 21.10 15.03 -28.71
N GLY B 292 20.85 15.90 -29.68
CA GLY B 292 20.57 15.54 -31.07
C GLY B 292 21.67 14.85 -31.85
N GLU B 293 22.93 15.23 -31.59
CA GLU B 293 24.09 14.69 -32.31
C GLU B 293 25.15 14.01 -31.45
N ASP B 294 25.82 14.80 -30.58
CA ASP B 294 26.95 14.33 -29.79
C ASP B 294 26.66 13.14 -28.91
N LEU B 295 25.47 13.09 -28.29
CA LEU B 295 25.12 12.01 -27.37
C LEU B 295 23.90 11.22 -27.78
N ARG B 296 23.41 11.45 -29.01
CA ARG B 296 22.25 10.76 -29.60
C ARG B 296 22.29 9.26 -29.34
N HIS B 297 23.50 8.67 -29.50
CA HIS B 297 23.82 7.25 -29.31
C HIS B 297 23.53 6.74 -27.89
N LEU B 298 23.56 7.65 -26.86
CA LEU B 298 23.26 7.29 -25.47
C LEU B 298 21.78 7.44 -25.11
N ILE B 299 20.96 7.99 -26.03
CA ILE B 299 19.52 8.20 -25.84
C ILE B 299 18.71 7.07 -26.48
N VAL B 300 18.89 6.86 -27.80
CA VAL B 300 18.26 5.83 -28.64
C VAL B 300 18.40 4.39 -28.10
N SER B 301 19.36 4.17 -27.18
CA SER B 301 19.67 2.91 -26.53
C SER B 301 18.85 2.66 -25.25
N ARG B 302 18.35 3.76 -24.61
CA ARG B 302 17.56 3.74 -23.37
C ARG B 302 16.24 3.01 -23.55
N SER B 303 15.72 2.43 -22.46
CA SER B 303 14.49 1.67 -22.46
C SER B 303 13.23 2.54 -22.34
N THR B 304 12.06 1.94 -22.65
CA THR B 304 10.72 2.56 -22.55
C THR B 304 10.41 2.97 -21.09
N GLN B 305 10.95 2.19 -20.13
CA GLN B 305 10.81 2.35 -18.69
C GLN B 305 11.88 3.26 -18.12
N ALA B 306 12.84 3.69 -18.95
CA ALA B 306 13.93 4.55 -18.53
C ALA B 306 14.21 5.69 -19.53
N PRO B 307 13.23 6.55 -19.88
CA PRO B 307 13.55 7.61 -20.85
C PRO B 307 14.41 8.77 -20.30
N LEU B 308 14.93 9.58 -21.24
CA LEU B 308 15.59 10.83 -20.93
C LEU B 308 14.41 11.85 -21.05
N ILE B 309 14.22 12.65 -20.00
CA ILE B 309 13.21 13.70 -19.94
C ILE B 309 14.02 15.00 -20.05
N ILE B 310 13.94 15.68 -21.20
CA ILE B 310 14.65 16.94 -21.42
C ILE B 310 13.91 18.03 -20.67
N ARG B 311 14.62 18.77 -19.81
CA ARG B 311 14.02 19.85 -19.08
C ARG B 311 14.41 21.28 -19.51
N PRO B 312 13.58 22.00 -20.30
CA PRO B 312 13.83 23.44 -20.46
C PRO B 312 13.44 24.14 -19.11
N ASP B 313 14.06 25.29 -18.79
CA ASP B 313 13.78 25.98 -17.53
C ASP B 313 13.81 27.54 -17.64
N SER B 314 13.64 28.10 -18.86
CA SER B 314 13.66 29.56 -19.12
C SER B 314 13.02 29.99 -20.47
N GLY B 315 12.75 31.30 -20.61
CA GLY B 315 12.10 31.87 -21.78
C GLY B 315 10.60 31.65 -21.75
N ASN B 316 9.92 32.03 -22.86
CA ASN B 316 8.47 31.89 -22.99
C ASN B 316 8.07 30.39 -22.93
N PRO B 317 7.25 30.00 -21.93
CA PRO B 317 6.91 28.57 -21.76
C PRO B 317 6.38 27.77 -22.95
N LEU B 318 5.43 28.34 -23.71
CA LEU B 318 4.84 27.68 -24.87
C LEU B 318 5.78 27.76 -26.10
N ASP B 319 6.37 28.96 -26.37
CA ASP B 319 7.33 29.18 -27.47
C ASP B 319 8.48 28.15 -27.36
N THR B 320 9.07 28.01 -26.13
CA THR B 320 10.15 27.09 -25.78
C THR B 320 9.73 25.62 -25.93
N VAL B 321 8.55 25.23 -25.40
CA VAL B 321 8.09 23.85 -25.56
C VAL B 321 7.95 23.49 -27.05
N LEU B 322 7.37 24.40 -27.86
CA LEU B 322 7.20 24.19 -29.32
C LEU B 322 8.51 24.04 -30.07
N LYS B 323 9.47 24.98 -29.88
CA LYS B 323 10.80 24.95 -30.51
C LYS B 323 11.57 23.67 -30.15
N VAL B 324 11.62 23.31 -28.84
CA VAL B 324 12.24 22.10 -28.30
C VAL B 324 11.67 20.84 -28.97
N LEU B 325 10.33 20.77 -29.12
CA LEU B 325 9.66 19.63 -29.79
C LEU B 325 10.00 19.54 -31.29
N GLU B 326 10.00 20.70 -32.00
CA GLU B 326 10.38 20.74 -33.41
C GLU B 326 11.86 20.32 -33.62
N ILE B 327 12.76 20.74 -32.70
CA ILE B 327 14.16 20.35 -32.75
C ILE B 327 14.30 18.81 -32.60
N LEU B 328 13.79 18.25 -31.49
CA LEU B 328 13.82 16.80 -31.24
C LEU B 328 13.14 15.96 -32.35
N GLY B 329 12.12 16.52 -33.02
CA GLY B 329 11.44 15.87 -34.13
C GLY B 329 12.32 15.63 -35.35
N LYS B 330 13.25 16.59 -35.62
CA LYS B 330 14.22 16.53 -36.73
C LYS B 330 15.47 15.68 -36.42
N LYS B 331 15.66 15.28 -35.14
CA LYS B 331 16.83 14.49 -34.72
C LYS B 331 16.46 13.08 -34.30
N PHE B 332 15.21 12.88 -33.90
CA PHE B 332 14.71 11.59 -33.44
C PHE B 332 13.48 11.11 -34.25
N PRO B 333 13.25 9.79 -34.41
CA PRO B 333 12.11 9.33 -35.22
C PRO B 333 10.74 9.61 -34.61
N VAL B 334 9.97 10.50 -35.26
CA VAL B 334 8.64 10.81 -34.76
C VAL B 334 7.61 9.85 -35.39
N THR B 335 6.80 9.21 -34.53
CA THR B 335 5.73 8.35 -35.01
C THR B 335 4.37 9.04 -34.90
N GLU B 336 3.31 8.25 -35.03
CA GLU B 336 1.95 8.71 -34.98
C GLU B 336 1.11 7.72 -34.18
N ASN B 337 0.42 8.20 -33.15
CA ASN B 337 -0.41 7.33 -32.33
C ASN B 337 -1.76 7.01 -33.00
N SER B 338 -2.62 6.22 -32.34
CA SER B 338 -3.93 5.85 -32.90
C SER B 338 -4.92 7.04 -33.11
N LYS B 339 -4.63 8.21 -32.50
CA LYS B 339 -5.48 9.41 -32.66
C LYS B 339 -4.92 10.36 -33.73
N GLY B 340 -3.81 9.97 -34.37
CA GLY B 340 -3.16 10.74 -35.43
C GLY B 340 -2.26 11.86 -34.92
N TYR B 341 -1.74 11.72 -33.68
CA TYR B 341 -0.88 12.75 -33.09
C TYR B 341 0.58 12.32 -33.06
N LYS B 342 1.49 13.32 -33.21
CA LYS B 342 2.93 13.12 -33.22
C LYS B 342 3.43 12.66 -31.85
N LEU B 343 4.26 11.62 -31.87
CA LEU B 343 4.80 11.01 -30.68
C LEU B 343 6.30 10.87 -30.79
N LEU B 344 7.02 11.40 -29.78
CA LEU B 344 8.47 11.28 -29.67
C LEU B 344 8.74 9.80 -29.33
N PRO B 345 9.89 9.24 -29.75
CA PRO B 345 10.15 7.82 -29.42
C PRO B 345 10.10 7.53 -27.91
N PRO B 346 9.75 6.30 -27.48
CA PRO B 346 9.55 6.04 -26.04
C PRO B 346 10.67 6.31 -25.05
N TYR B 347 11.91 6.53 -25.52
CA TYR B 347 13.12 6.79 -24.71
C TYR B 347 13.39 8.31 -24.60
N LEU B 348 12.45 9.14 -25.10
CA LEU B 348 12.61 10.59 -25.12
C LEU B 348 11.31 11.32 -24.76
N ARG B 349 11.37 12.10 -23.67
CA ARG B 349 10.23 12.87 -23.17
C ARG B 349 10.68 14.27 -22.82
N VAL B 350 9.75 15.16 -22.48
CA VAL B 350 10.02 16.55 -22.11
C VAL B 350 9.22 16.90 -20.86
N ILE B 351 9.80 17.77 -20.03
CA ILE B 351 9.17 18.37 -18.86
C ILE B 351 9.39 19.87 -18.87
N GLN B 352 8.30 20.59 -18.72
CA GLN B 352 8.32 22.03 -18.62
C GLN B 352 8.04 22.31 -17.14
N GLY B 353 9.07 22.67 -16.40
CA GLY B 353 8.95 22.98 -14.98
C GLY B 353 9.17 24.45 -14.64
N ASP B 354 8.96 25.37 -15.61
CA ASP B 354 9.15 26.83 -15.46
C ASP B 354 7.92 27.62 -15.89
N GLY B 355 7.51 28.59 -15.07
CA GLY B 355 6.36 29.46 -15.32
C GLY B 355 5.03 28.75 -15.49
N VAL B 356 4.92 27.55 -14.89
CA VAL B 356 3.75 26.70 -15.01
C VAL B 356 2.76 26.97 -13.89
N ASP B 357 1.58 27.39 -14.33
CA ASP B 357 0.44 27.61 -13.50
C ASP B 357 -0.76 27.16 -14.32
N ILE B 358 -1.96 27.13 -13.73
CA ILE B 358 -3.20 26.71 -14.40
C ILE B 358 -3.41 27.40 -15.72
N ASN B 359 -2.97 28.67 -15.83
CA ASN B 359 -3.14 29.43 -17.08
C ASN B 359 -2.16 29.06 -18.16
N THR B 360 -0.88 28.94 -17.82
CA THR B 360 0.13 28.61 -18.81
C THR B 360 0.04 27.14 -19.22
N LEU B 361 -0.42 26.27 -18.31
CA LEU B 361 -0.61 24.86 -18.60
C LEU B 361 -1.63 24.70 -19.76
N GLN B 362 -2.75 25.45 -19.68
CA GLN B 362 -3.86 25.47 -20.64
C GLN B 362 -3.35 25.91 -21.99
N GLU B 363 -2.49 26.93 -21.98
CA GLU B 363 -1.88 27.53 -23.16
C GLU B 363 -0.93 26.58 -23.87
N ILE B 364 -0.07 25.87 -23.11
CA ILE B 364 0.92 24.92 -23.66
C ILE B 364 0.24 23.72 -24.30
N VAL B 365 -0.69 23.03 -23.58
CA VAL B 365 -1.37 21.83 -24.11
C VAL B 365 -2.19 22.16 -25.36
N GLU B 366 -2.80 23.35 -25.39
CA GLU B 366 -3.59 23.83 -26.52
C GLU B 366 -2.66 24.12 -27.70
N GLY B 367 -1.51 24.75 -27.42
CA GLY B 367 -0.47 25.06 -28.41
C GLY B 367 0.17 23.83 -29.03
N MET B 368 0.38 22.79 -28.22
CA MET B 368 0.89 21.49 -28.61
C MET B 368 -0.17 20.74 -29.44
N LYS B 369 -1.47 20.83 -29.05
CA LYS B 369 -2.56 20.16 -29.76
C LYS B 369 -2.73 20.76 -31.17
N GLN B 370 -2.68 22.11 -31.27
CA GLN B 370 -2.76 22.88 -32.52
C GLN B 370 -1.65 22.51 -33.49
N LYS B 371 -0.50 22.08 -32.94
CA LYS B 371 0.70 21.65 -33.69
C LYS B 371 0.71 20.12 -33.90
N MET B 372 -0.36 19.43 -33.47
CA MET B 372 -0.55 17.99 -33.63
C MET B 372 0.45 17.13 -32.85
N TRP B 373 0.97 17.68 -31.75
CA TRP B 373 1.83 16.94 -30.84
C TRP B 373 0.90 16.37 -29.74
N SER B 374 1.05 15.09 -29.40
CA SER B 374 0.30 14.41 -28.35
C SER B 374 0.77 14.89 -26.96
N ILE B 375 -0.13 14.88 -25.96
CA ILE B 375 0.24 15.29 -24.61
C ILE B 375 1.03 14.17 -23.90
N GLU B 376 1.14 12.98 -24.55
CA GLU B 376 1.91 11.85 -24.04
C GLU B 376 3.39 12.27 -23.99
N ASN B 377 3.77 13.24 -24.83
CA ASN B 377 5.11 13.80 -24.97
C ASN B 377 5.62 14.61 -23.81
N ILE B 378 4.72 15.28 -23.08
CA ILE B 378 5.06 16.25 -22.04
C ILE B 378 4.57 15.95 -20.64
N ALA B 379 5.30 16.47 -19.66
CA ALA B 379 4.90 16.47 -18.27
C ALA B 379 5.08 17.92 -17.87
N PHE B 380 4.49 18.30 -16.74
CA PHE B 380 4.68 19.65 -16.25
C PHE B 380 5.16 19.65 -14.82
N GLY B 381 5.94 20.67 -14.49
CA GLY B 381 6.48 20.90 -13.16
C GLY B 381 5.97 22.24 -12.68
N SER B 382 5.52 22.31 -11.45
CA SER B 382 4.98 23.56 -10.91
C SER B 382 5.39 23.71 -9.47
N GLY B 383 5.93 24.88 -9.13
CA GLY B 383 6.41 25.23 -7.81
C GLY B 383 5.53 26.23 -7.10
N GLY B 384 5.90 27.50 -7.23
CA GLY B 384 5.17 28.64 -6.69
C GLY B 384 3.72 28.71 -7.16
N GLY B 385 3.49 28.42 -8.45
CA GLY B 385 2.18 28.39 -9.09
C GLY B 385 1.25 27.33 -8.50
N LEU B 386 1.82 26.22 -8.03
CA LEU B 386 1.09 25.10 -7.45
C LEU B 386 0.78 25.25 -5.97
N LEU B 387 1.80 25.65 -5.19
CA LEU B 387 1.77 25.70 -3.73
C LEU B 387 1.76 27.07 -3.05
N GLN B 388 2.23 28.13 -3.74
CA GLN B 388 2.39 29.46 -3.11
C GLN B 388 1.49 30.60 -3.63
N LYS B 389 1.42 30.80 -4.97
CA LYS B 389 0.61 31.87 -5.60
C LYS B 389 -0.91 31.59 -5.51
N LEU B 390 -1.38 31.41 -4.27
CA LEU B 390 -2.76 31.11 -3.90
C LEU B 390 -3.16 31.91 -2.67
N THR B 391 -4.43 32.39 -2.64
CA THR B 391 -4.91 33.15 -1.49
C THR B 391 -6.28 32.68 -1.07
N ARG B 392 -6.64 33.02 0.19
CA ARG B 392 -7.92 32.72 0.79
C ARG B 392 -9.08 33.29 -0.08
N ASP B 393 -8.83 34.38 -0.88
CA ASP B 393 -9.87 34.98 -1.73
C ASP B 393 -10.14 34.33 -3.08
N LEU B 394 -9.25 33.43 -3.57
CA LEU B 394 -9.47 32.66 -4.80
C LEU B 394 -10.82 31.91 -4.71
N LEU B 395 -11.08 31.23 -3.59
CA LEU B 395 -12.32 30.46 -3.40
C LEU B 395 -13.30 31.15 -2.47
N ASN B 396 -12.89 32.29 -1.87
CA ASN B 396 -13.64 33.08 -0.90
C ASN B 396 -13.94 32.20 0.31
N CYS B 397 -12.92 31.51 0.80
CA CYS B 397 -13.05 30.69 1.98
C CYS B 397 -13.35 31.63 3.16
N SER B 398 -14.50 31.38 3.81
CA SER B 398 -15.05 32.24 4.85
C SER B 398 -15.70 31.49 6.01
N PHE B 399 -15.50 32.00 7.23
CA PHE B 399 -16.05 31.42 8.44
C PHE B 399 -16.91 32.49 9.08
N LYS B 400 -18.20 32.17 9.32
CA LYS B 400 -19.15 33.11 9.89
C LYS B 400 -20.07 32.49 10.89
N CYS B 401 -20.54 33.30 11.85
CA CYS B 401 -21.59 32.92 12.81
C CYS B 401 -22.94 32.97 12.08
N SER B 402 -23.75 31.91 12.23
CA SER B 402 -25.04 31.88 11.57
C SER B 402 -26.18 31.67 12.58
N TYR B 403 -25.85 31.18 13.75
CA TYR B 403 -26.86 30.87 14.75
C TYR B 403 -26.35 31.16 16.16
N VAL B 404 -27.20 31.75 16.99
CA VAL B 404 -26.91 32.11 18.37
C VAL B 404 -28.13 31.80 19.26
N VAL B 405 -27.89 31.38 20.52
CA VAL B 405 -28.92 31.17 21.54
C VAL B 405 -28.64 32.12 22.71
N THR B 406 -29.47 33.16 22.84
CA THR B 406 -29.37 34.17 23.91
C THR B 406 -30.68 34.11 24.71
N ASN B 407 -30.58 34.03 26.05
CA ASN B 407 -31.75 33.93 26.96
C ASN B 407 -32.68 32.77 26.58
N GLY B 408 -32.07 31.66 26.17
CA GLY B 408 -32.76 30.44 25.75
C GLY B 408 -33.44 30.50 24.39
N LEU B 409 -33.42 31.66 23.73
CA LEU B 409 -34.04 31.89 22.42
C LEU B 409 -32.98 31.83 21.30
N GLY B 410 -33.14 30.83 20.42
CA GLY B 410 -32.29 30.65 19.26
C GLY B 410 -32.61 31.66 18.17
N ILE B 411 -31.59 32.37 17.67
CA ILE B 411 -31.77 33.38 16.61
C ILE B 411 -30.86 33.16 15.39
N ASN B 412 -31.42 33.35 14.20
CA ASN B 412 -30.64 33.20 12.98
C ASN B 412 -29.82 34.47 12.81
N VAL B 413 -28.51 34.33 12.74
CA VAL B 413 -27.60 35.47 12.59
C VAL B 413 -26.89 35.45 11.23
N PHE B 414 -26.53 36.64 10.72
CA PHE B 414 -25.90 36.77 9.40
C PHE B 414 -25.36 38.19 9.23
N LYS B 415 -24.57 38.39 8.20
CA LYS B 415 -24.09 39.69 7.76
C LYS B 415 -24.58 39.89 6.33
N ASP B 416 -24.79 41.15 5.92
CA ASP B 416 -25.28 41.47 4.59
C ASP B 416 -24.80 42.88 4.21
N PRO B 417 -23.47 43.05 3.94
CA PRO B 417 -22.95 44.39 3.63
C PRO B 417 -23.56 44.97 2.38
N VAL B 418 -24.22 46.13 2.55
CA VAL B 418 -24.90 46.90 1.50
C VAL B 418 -24.05 47.08 0.19
N ALA B 419 -22.71 47.20 0.32
CA ALA B 419 -21.84 47.40 -0.82
C ALA B 419 -21.36 46.13 -1.46
N ASP B 420 -21.44 44.99 -0.74
CA ASP B 420 -21.02 43.72 -1.31
C ASP B 420 -21.98 42.57 -1.00
N PRO B 421 -22.96 42.32 -1.90
CA PRO B 421 -23.91 41.19 -1.68
C PRO B 421 -23.28 39.80 -1.66
N ASN B 422 -22.06 39.67 -2.23
CA ASN B 422 -21.25 38.42 -2.24
C ASN B 422 -20.73 38.07 -0.85
N LYS B 423 -20.76 39.06 0.09
CA LYS B 423 -20.32 38.88 1.48
C LYS B 423 -21.50 38.50 2.39
N ARG B 424 -22.69 38.33 1.79
CA ARG B 424 -23.89 37.89 2.52
C ARG B 424 -23.67 36.44 2.95
N SER B 425 -23.79 36.17 4.25
CA SER B 425 -23.64 34.87 4.88
C SER B 425 -25.02 34.25 5.13
N LYS B 426 -25.05 32.96 5.48
CA LYS B 426 -26.26 32.18 5.69
C LYS B 426 -26.88 32.37 7.07
N LYS B 427 -28.18 32.07 7.18
CA LYS B 427 -28.97 32.21 8.40
C LYS B 427 -29.27 30.86 9.05
N GLY B 428 -29.08 30.83 10.36
CA GLY B 428 -29.43 29.72 11.22
C GLY B 428 -28.65 28.44 11.07
N ARG B 429 -29.28 27.37 11.55
CA ARG B 429 -28.76 26.02 11.57
C ARG B 429 -28.72 25.46 10.15
N LEU B 430 -27.56 24.92 9.75
CA LEU B 430 -27.32 24.48 8.40
C LEU B 430 -27.09 22.98 8.25
N SER B 431 -27.33 22.50 7.02
CA SER B 431 -27.18 21.10 6.63
C SER B 431 -27.02 21.07 5.12
N LEU B 432 -26.18 20.14 4.63
CA LEU B 432 -25.88 19.96 3.20
C LEU B 432 -26.53 18.67 2.70
N HIS B 433 -27.20 18.77 1.55
CA HIS B 433 -27.92 17.64 0.99
C HIS B 433 -27.70 17.48 -0.50
N ARG B 434 -27.82 16.24 -0.94
CA ARG B 434 -27.75 15.86 -2.34
C ARG B 434 -29.22 15.75 -2.82
N THR B 435 -29.58 16.42 -3.91
CA THR B 435 -30.95 16.35 -4.41
C THR B 435 -31.09 15.09 -5.26
N PRO B 436 -32.32 14.61 -5.55
CA PRO B 436 -32.47 13.41 -6.42
C PRO B 436 -31.81 13.56 -7.83
N ALA B 437 -31.80 14.79 -8.37
CA ALA B 437 -31.15 15.10 -9.64
C ALA B 437 -29.62 15.23 -9.52
N GLY B 438 -29.08 15.05 -8.30
CA GLY B 438 -27.64 15.10 -8.01
C GLY B 438 -27.06 16.48 -7.73
N ASN B 439 -27.92 17.51 -7.57
CA ASN B 439 -27.43 18.83 -7.22
C ASN B 439 -27.20 18.89 -5.71
N PHE B 440 -26.51 19.94 -5.25
CA PHE B 440 -26.23 20.13 -3.83
C PHE B 440 -27.06 21.28 -3.27
N VAL B 441 -27.55 21.11 -2.06
CA VAL B 441 -28.33 22.15 -1.39
C VAL B 441 -27.91 22.31 0.08
N THR B 442 -27.61 23.55 0.50
CA THR B 442 -27.34 23.87 1.91
C THR B 442 -28.66 24.46 2.37
N LEU B 443 -29.31 23.73 3.30
CA LEU B 443 -30.58 24.17 3.88
C LEU B 443 -30.33 25.05 5.09
N GLU B 444 -30.82 26.30 5.02
CA GLU B 444 -30.67 27.34 6.05
C GLU B 444 -31.83 27.30 7.07
N GLU B 445 -31.63 27.96 8.22
CA GLU B 445 -32.62 28.12 9.29
C GLU B 445 -33.17 26.81 9.86
N GLY B 446 -32.35 25.77 9.86
CA GLY B 446 -32.71 24.45 10.41
C GLY B 446 -33.72 23.67 9.59
N LYS B 447 -33.98 24.10 8.33
CA LYS B 447 -34.95 23.46 7.44
C LYS B 447 -34.65 22.00 7.11
N GLY B 448 -33.42 21.57 7.36
CA GLY B 448 -32.98 20.18 7.15
C GLY B 448 -33.61 19.19 8.11
N ASP B 449 -34.22 19.67 9.20
CA ASP B 449 -34.88 18.83 10.19
C ASP B 449 -36.18 18.21 9.64
N LEU B 450 -36.66 18.71 8.47
CA LEU B 450 -37.86 18.25 7.73
C LEU B 450 -37.58 16.94 6.95
N GLU B 451 -36.28 16.57 6.77
CA GLU B 451 -35.78 15.35 6.09
C GLU B 451 -36.30 15.17 4.65
N GLU B 452 -36.46 16.29 3.92
CA GLU B 452 -36.96 16.33 2.54
C GLU B 452 -35.92 15.94 1.51
N TYR B 453 -34.63 16.20 1.80
CA TYR B 453 -33.53 15.90 0.87
C TYR B 453 -32.61 14.81 1.38
N GLY B 454 -33.15 13.88 2.15
CA GLY B 454 -32.39 12.77 2.69
C GLY B 454 -31.36 13.18 3.72
N GLN B 455 -30.44 12.28 4.04
CA GLN B 455 -29.43 12.56 5.05
C GLN B 455 -28.47 13.71 4.72
N ASP B 456 -28.23 14.55 5.76
CA ASP B 456 -27.29 15.64 5.79
C ASP B 456 -25.88 15.06 5.55
N LEU B 457 -25.11 15.65 4.62
CA LEU B 457 -23.75 15.21 4.23
C LEU B 457 -22.63 15.49 5.23
N LEU B 458 -22.88 16.34 6.24
CA LEU B 458 -21.95 16.67 7.31
C LEU B 458 -22.01 15.57 8.36
N HIS B 459 -20.84 15.11 8.81
CA HIS B 459 -20.74 14.13 9.89
C HIS B 459 -19.87 14.73 10.97
N THR B 460 -20.16 14.41 12.25
CA THR B 460 -19.32 14.84 13.38
C THR B 460 -17.96 14.19 13.22
N VAL B 461 -16.91 15.01 13.13
CA VAL B 461 -15.50 14.60 12.98
C VAL B 461 -14.72 14.93 14.25
N PHE B 462 -15.24 15.87 15.04
CA PHE B 462 -14.67 16.33 16.30
C PHE B 462 -15.79 16.58 17.31
N LYS B 463 -15.65 16.06 18.53
CA LYS B 463 -16.59 16.29 19.64
C LYS B 463 -15.87 16.11 20.96
N ASN B 464 -15.80 17.18 21.75
CA ASN B 464 -15.23 17.18 23.12
C ASN B 464 -13.80 16.68 23.27
N GLY B 465 -12.93 17.15 22.38
CA GLY B 465 -11.51 16.81 22.40
C GLY B 465 -11.14 15.55 21.65
N LYS B 466 -12.13 14.89 21.02
CA LYS B 466 -11.91 13.63 20.30
C LYS B 466 -12.25 13.65 18.83
N VAL B 467 -11.40 13.01 18.04
CA VAL B 467 -11.63 12.82 16.62
C VAL B 467 -12.62 11.63 16.51
N THR B 468 -13.87 11.92 16.12
CA THR B 468 -14.92 10.91 16.05
C THR B 468 -15.00 10.14 14.73
N LYS B 469 -14.53 10.74 13.62
CA LYS B 469 -14.56 10.16 12.27
C LYS B 469 -13.30 10.53 11.49
N SER B 470 -12.60 9.52 10.94
CA SER B 470 -11.37 9.68 10.14
C SER B 470 -11.51 9.10 8.75
N TYR B 471 -10.70 9.62 7.82
CA TYR B 471 -10.60 9.20 6.42
C TYR B 471 -9.16 8.93 6.07
N SER B 472 -8.96 7.86 5.26
CA SER B 472 -7.63 7.47 4.75
C SER B 472 -7.39 8.30 3.50
N PHE B 473 -6.11 8.39 3.08
CA PHE B 473 -5.76 9.12 1.87
C PHE B 473 -6.34 8.45 0.64
N ASP B 474 -6.53 7.13 0.67
CA ASP B 474 -7.12 6.39 -0.45
C ASP B 474 -8.58 6.78 -0.63
N GLU B 475 -9.34 6.92 0.49
CA GLU B 475 -10.73 7.37 0.50
C GLU B 475 -10.84 8.77 -0.11
N ILE B 476 -10.01 9.73 0.38
CA ILE B 476 -9.96 11.10 -0.12
C ILE B 476 -9.74 11.09 -1.64
N ARG B 477 -8.74 10.35 -2.11
CA ARG B 477 -8.40 10.21 -3.52
C ARG B 477 -9.54 9.72 -4.37
N LYS B 478 -10.30 8.73 -3.87
CA LYS B 478 -11.50 8.18 -4.53
C LYS B 478 -12.61 9.22 -4.59
N ASN B 479 -12.83 9.95 -3.48
CA ASN B 479 -13.82 11.02 -3.40
C ASN B 479 -13.50 12.19 -4.33
N ALA B 480 -12.20 12.47 -4.54
CA ALA B 480 -11.73 13.56 -5.41
C ALA B 480 -11.55 13.19 -6.87
N GLN B 481 -11.76 11.91 -7.24
CA GLN B 481 -11.64 11.45 -8.64
C GLN B 481 -12.46 12.28 -9.65
N LEU B 482 -11.94 12.46 -10.87
CA LEU B 482 -12.64 13.20 -11.92
C LEU B 482 -13.70 12.31 -12.55
N ASN B 483 -14.69 12.93 -13.26
CA ASN B 483 -15.74 12.18 -13.97
C ASN B 483 -15.15 11.44 -15.17
N ILE B 484 -14.11 12.03 -15.82
CA ILE B 484 -13.40 11.46 -16.97
C ILE B 484 -12.70 10.18 -16.56
N GLU B 485 -12.16 10.15 -15.32
CA GLU B 485 -11.47 9.00 -14.70
C GLU B 485 -12.45 7.84 -14.44
N LEU B 486 -13.66 8.18 -13.97
CA LEU B 486 -14.74 7.22 -13.74
C LEU B 486 -15.39 6.79 -15.08
N GLU B 487 -15.13 7.59 -16.17
CA GLU B 487 -15.54 7.42 -17.58
C GLU B 487 -16.95 7.90 -17.91
N PHE C 9 -6.61 -10.88 -3.81
CA PHE C 9 -7.35 -11.73 -2.88
C PHE C 9 -8.56 -11.06 -2.22
N ASN C 10 -9.73 -11.67 -2.40
CA ASN C 10 -11.00 -11.20 -1.89
C ASN C 10 -11.60 -12.29 -0.99
N ILE C 11 -11.65 -12.02 0.32
CA ILE C 11 -12.20 -12.95 1.32
C ILE C 11 -13.68 -13.32 1.08
N LEU C 12 -14.41 -12.46 0.35
CA LEU C 12 -15.81 -12.70 0.03
C LEU C 12 -15.95 -13.79 -1.04
N LEU C 13 -14.86 -14.10 -1.76
CA LEU C 13 -14.82 -15.16 -2.78
C LEU C 13 -13.93 -16.33 -2.31
N ALA C 14 -13.58 -16.35 -1.01
CA ALA C 14 -12.73 -17.38 -0.40
C ALA C 14 -13.49 -18.23 0.63
N THR C 15 -14.67 -18.74 0.20
CA THR C 15 -15.54 -19.61 1.00
C THR C 15 -16.18 -20.62 0.06
N ASP C 16 -16.82 -21.66 0.62
CA ASP C 16 -17.64 -22.61 -0.14
C ASP C 16 -18.87 -21.85 -0.56
N SER C 17 -19.30 -21.98 -1.82
CA SER C 17 -20.50 -21.29 -2.32
C SER C 17 -21.70 -21.35 -1.34
N TYR C 18 -22.05 -22.54 -0.81
CA TYR C 18 -23.21 -22.69 0.08
C TYR C 18 -23.25 -21.78 1.29
N LYS C 19 -22.06 -21.42 1.83
CA LYS C 19 -21.90 -20.53 2.98
C LYS C 19 -22.37 -19.11 2.70
N VAL C 20 -22.52 -18.74 1.43
CA VAL C 20 -23.04 -17.45 0.98
C VAL C 20 -24.55 -17.36 1.36
N THR C 21 -25.25 -18.52 1.40
CA THR C 21 -26.68 -18.68 1.69
C THR C 21 -27.02 -18.98 3.16
N HIS C 22 -26.01 -19.16 4.00
CA HIS C 22 -26.20 -19.53 5.40
C HIS C 22 -26.81 -18.49 6.35
N TYR C 23 -26.68 -17.18 6.03
CA TYR C 23 -27.21 -16.08 6.83
C TYR C 23 -28.75 -16.12 6.96
N LYS C 24 -29.41 -16.72 5.93
CA LYS C 24 -30.87 -16.90 5.86
C LYS C 24 -31.34 -18.17 6.56
N GLN C 25 -30.39 -19.02 7.00
CA GLN C 25 -30.65 -20.36 7.56
C GLN C 25 -30.55 -20.51 9.09
N TYR C 26 -29.82 -19.63 9.75
CA TYR C 26 -29.72 -19.71 11.21
C TYR C 26 -31.07 -19.32 11.86
N PRO C 27 -31.41 -19.77 13.10
CA PRO C 27 -32.70 -19.37 13.67
C PRO C 27 -32.82 -17.85 13.76
N PRO C 28 -33.97 -17.24 13.39
CA PRO C 28 -34.05 -15.75 13.47
C PRO C 28 -33.68 -15.25 14.86
N ASN C 29 -32.98 -14.08 14.93
CA ASN C 29 -32.47 -13.48 16.17
C ASN C 29 -31.31 -14.25 16.80
N THR C 30 -30.35 -14.64 15.96
CA THR C 30 -29.16 -15.33 16.41
C THR C 30 -28.12 -14.23 16.51
N SER C 31 -27.57 -14.05 17.71
CA SER C 31 -26.60 -12.98 17.96
C SER C 31 -25.17 -13.48 18.03
N LYS C 32 -25.02 -14.79 18.15
CA LYS C 32 -23.72 -15.42 18.31
C LYS C 32 -23.73 -16.82 17.70
N VAL C 33 -22.71 -17.13 16.92
CA VAL C 33 -22.41 -18.46 16.39
C VAL C 33 -20.99 -18.71 16.84
N TYR C 34 -20.78 -19.78 17.63
CA TYR C 34 -19.48 -20.12 18.20
C TYR C 34 -19.04 -21.49 17.73
N SER C 35 -17.85 -21.55 17.11
CA SER C 35 -17.33 -22.78 16.55
C SER C 35 -15.91 -23.09 16.97
N TYR C 36 -15.55 -24.37 16.94
CA TYR C 36 -14.22 -24.79 17.34
C TYR C 36 -13.64 -25.77 16.35
N PHE C 37 -12.30 -25.93 16.40
CA PHE C 37 -11.58 -26.93 15.59
C PHE C 37 -10.87 -27.91 16.50
N GLU C 38 -10.82 -29.18 16.10
CA GLU C 38 -10.13 -30.26 16.80
C GLU C 38 -9.67 -31.34 15.82
N CYS C 39 -8.78 -32.22 16.31
CA CYS C 39 -8.33 -33.42 15.61
C CYS C 39 -9.04 -34.56 16.35
N ARG C 40 -10.23 -34.87 15.85
CA ARG C 40 -11.18 -35.80 16.46
C ARG C 40 -10.62 -37.17 16.73
N GLU C 41 -11.11 -37.84 17.78
CA GLU C 41 -10.67 -39.21 18.07
C GLU C 41 -11.29 -40.20 17.07
N LYS C 42 -10.52 -41.22 16.69
CA LYS C 42 -11.00 -42.27 15.76
C LYS C 42 -11.04 -43.62 16.48
N LYS C 53 -2.26 -44.51 16.04
CA LYS C 53 -1.09 -44.09 15.27
C LYS C 53 -0.67 -42.64 15.63
N TYR C 54 -1.57 -41.68 15.38
CA TYR C 54 -1.31 -40.27 15.62
C TYR C 54 -2.12 -39.81 16.81
N GLU C 55 -1.66 -40.13 18.01
CA GLU C 55 -2.36 -39.86 19.26
C GLU C 55 -2.28 -38.41 19.72
N GLU C 56 -1.16 -37.75 19.37
CA GLU C 56 -0.89 -36.36 19.73
C GLU C 56 -0.50 -35.58 18.47
N THR C 57 -1.10 -34.40 18.29
CA THR C 57 -0.86 -33.56 17.11
C THR C 57 -0.13 -32.26 17.47
N VAL C 58 0.71 -31.74 16.53
CA VAL C 58 1.41 -30.46 16.64
C VAL C 58 0.47 -29.38 16.09
N PHE C 59 0.08 -28.40 16.93
CA PHE C 59 -0.75 -27.32 16.43
C PHE C 59 0.14 -26.30 15.74
N TYR C 60 -0.03 -26.13 14.42
CA TYR C 60 0.79 -25.21 13.66
C TYR C 60 0.14 -24.79 12.36
N GLY C 61 0.28 -23.50 12.02
CA GLY C 61 -0.13 -22.93 10.75
C GLY C 61 -1.11 -21.78 10.76
N LEU C 62 -1.89 -21.61 11.84
CA LEU C 62 -2.95 -20.58 11.94
C LEU C 62 -2.44 -19.15 11.74
N GLN C 63 -1.26 -18.80 12.32
CA GLN C 63 -0.63 -17.46 12.18
C GLN C 63 -0.41 -17.04 10.72
N TYR C 64 -0.07 -18.00 9.86
CA TYR C 64 0.09 -17.75 8.44
C TYR C 64 -1.25 -17.31 7.86
N ILE C 65 -2.33 -18.06 8.20
CA ILE C 65 -3.70 -17.80 7.74
C ILE C 65 -4.17 -16.45 8.26
N LEU C 66 -4.11 -16.22 9.58
CA LEU C 66 -4.54 -14.95 10.19
C LEU C 66 -3.89 -13.75 9.48
N ASN C 67 -2.56 -13.77 9.34
CA ASN C 67 -1.78 -12.70 8.71
C ASN C 67 -1.99 -12.50 7.22
N LYS C 68 -2.00 -13.58 6.46
CA LYS C 68 -2.09 -13.46 5.01
C LYS C 68 -3.49 -13.17 4.49
N TYR C 69 -4.52 -13.65 5.19
CA TYR C 69 -5.90 -13.58 4.74
C TYR C 69 -6.92 -12.88 5.63
N LEU C 70 -6.70 -12.87 6.96
CA LEU C 70 -7.76 -12.36 7.84
C LEU C 70 -7.63 -10.98 8.45
N LYS C 71 -6.38 -10.50 8.64
CA LYS C 71 -6.10 -9.21 9.29
C LYS C 71 -6.28 -7.97 8.41
N GLY C 72 -6.54 -6.85 9.09
CA GLY C 72 -6.69 -5.54 8.47
C GLY C 72 -7.95 -5.34 7.67
N LYS C 73 -7.88 -4.41 6.69
CA LYS C 73 -9.00 -4.07 5.83
C LYS C 73 -9.15 -5.12 4.74
N VAL C 74 -10.00 -6.12 5.01
CA VAL C 74 -10.21 -7.18 4.01
C VAL C 74 -11.46 -7.02 3.13
N VAL C 75 -12.31 -6.05 3.49
CA VAL C 75 -13.55 -5.74 2.79
C VAL C 75 -13.42 -4.33 2.27
N THR C 76 -13.69 -4.14 0.98
CA THR C 76 -13.66 -2.85 0.31
C THR C 76 -14.92 -2.82 -0.56
N LYS C 77 -15.33 -1.60 -0.99
CA LYS C 77 -16.51 -1.39 -1.84
C LYS C 77 -16.38 -2.21 -3.13
N GLU C 78 -15.15 -2.32 -3.66
CA GLU C 78 -14.81 -3.07 -4.89
C GLU C 78 -14.95 -4.58 -4.70
N LYS C 79 -14.45 -5.11 -3.57
CA LYS C 79 -14.58 -6.53 -3.20
C LYS C 79 -16.08 -6.92 -3.04
N ILE C 80 -16.90 -6.09 -2.35
CA ILE C 80 -18.35 -6.35 -2.19
C ILE C 80 -19.02 -6.48 -3.54
N GLN C 81 -18.75 -5.51 -4.45
CA GLN C 81 -19.29 -5.47 -5.82
C GLN C 81 -18.84 -6.67 -6.67
N GLU C 82 -17.52 -7.01 -6.62
CA GLU C 82 -16.94 -8.15 -7.34
C GLU C 82 -17.68 -9.45 -6.96
N ALA C 83 -17.95 -9.64 -5.63
CA ALA C 83 -18.65 -10.79 -5.03
C ALA C 83 -20.11 -10.82 -5.47
N LYS C 84 -20.77 -9.66 -5.39
CA LYS C 84 -22.17 -9.46 -5.81
C LYS C 84 -22.40 -9.91 -7.27
N ASP C 85 -21.48 -9.55 -8.18
CA ASP C 85 -21.57 -9.88 -9.61
C ASP C 85 -21.28 -11.34 -9.92
N VAL C 86 -20.30 -11.96 -9.20
CA VAL C 86 -19.94 -13.37 -9.36
C VAL C 86 -21.11 -14.22 -8.85
N TYR C 87 -21.56 -13.97 -7.61
CA TYR C 87 -22.65 -14.77 -7.02
C TYR C 87 -23.97 -14.73 -7.74
N LYS C 88 -24.36 -13.57 -8.28
CA LYS C 88 -25.57 -13.40 -9.10
C LYS C 88 -25.51 -14.34 -10.32
N GLU C 89 -24.34 -14.51 -10.97
CA GLU C 89 -24.20 -15.44 -12.09
C GLU C 89 -24.05 -16.87 -11.63
N HIS C 90 -23.23 -17.11 -10.57
CA HIS C 90 -22.94 -18.43 -9.98
C HIS C 90 -24.20 -19.14 -9.40
N PHE C 91 -25.04 -18.40 -8.67
CA PHE C 91 -26.29 -18.94 -8.11
C PHE C 91 -27.50 -18.70 -9.00
N GLN C 92 -27.39 -17.79 -10.01
CA GLN C 92 -28.46 -17.36 -10.93
C GLN C 92 -29.60 -16.82 -10.02
N ASP C 93 -29.22 -15.99 -9.02
CA ASP C 93 -30.10 -15.47 -7.97
C ASP C 93 -29.30 -14.46 -7.18
N ASP C 94 -29.96 -13.43 -6.59
CA ASP C 94 -29.25 -12.44 -5.79
C ASP C 94 -29.20 -12.72 -4.28
N VAL C 95 -28.94 -13.99 -3.92
CA VAL C 95 -28.80 -14.49 -2.56
C VAL C 95 -27.64 -13.87 -1.72
N PHE C 96 -26.67 -13.21 -2.35
CA PHE C 96 -25.52 -12.62 -1.63
C PHE C 96 -25.85 -11.56 -0.56
N ASN C 97 -25.22 -11.67 0.61
CA ASN C 97 -25.41 -10.75 1.72
C ASN C 97 -24.62 -9.46 1.59
N GLU C 98 -25.06 -8.62 0.66
CA GLU C 98 -24.54 -7.28 0.39
C GLU C 98 -24.64 -6.39 1.65
N LYS C 99 -25.84 -6.38 2.29
CA LYS C 99 -26.08 -5.60 3.53
C LYS C 99 -25.13 -5.93 4.68
N GLY C 100 -24.96 -7.23 4.97
CA GLY C 100 -24.05 -7.76 5.99
C GLY C 100 -22.59 -7.43 5.75
N TRP C 101 -22.15 -7.48 4.48
CA TRP C 101 -20.76 -7.10 4.15
C TRP C 101 -20.58 -5.59 4.16
N ASN C 102 -21.60 -4.84 3.68
CA ASN C 102 -21.59 -3.36 3.73
C ASN C 102 -21.51 -2.82 5.16
N TYR C 103 -22.16 -3.50 6.12
CA TYR C 103 -22.14 -3.15 7.53
C TYR C 103 -20.71 -3.27 8.12
N ILE C 104 -19.95 -4.32 7.71
CA ILE C 104 -18.57 -4.55 8.20
C ILE C 104 -17.67 -3.42 7.68
N LEU C 105 -17.85 -3.04 6.41
CA LEU C 105 -17.09 -1.95 5.78
C LEU C 105 -17.37 -0.60 6.47
N GLU C 106 -18.65 -0.31 6.80
CA GLU C 106 -19.06 0.94 7.45
C GLU C 106 -18.68 1.01 8.93
N LYS C 107 -19.14 0.06 9.74
CA LYS C 107 -18.84 0.08 11.17
C LYS C 107 -17.42 -0.26 11.56
N TYR C 108 -16.77 -1.19 10.82
CA TYR C 108 -15.46 -1.70 11.21
C TYR C 108 -14.32 -1.40 10.26
N ASP C 109 -14.56 -0.62 9.20
CA ASP C 109 -13.56 -0.26 8.20
C ASP C 109 -13.02 -1.54 7.52
N GLY C 110 -13.93 -2.48 7.23
CA GLY C 110 -13.64 -3.76 6.57
C GLY C 110 -12.76 -4.74 7.34
N HIS C 111 -12.70 -4.58 8.68
CA HIS C 111 -11.97 -5.41 9.62
C HIS C 111 -12.98 -6.40 10.17
N LEU C 112 -12.69 -7.70 10.11
CA LEU C 112 -13.66 -8.72 10.52
C LEU C 112 -13.99 -8.75 12.01
N PRO C 113 -15.27 -8.48 12.41
CA PRO C 113 -15.64 -8.57 13.82
C PRO C 113 -15.76 -10.03 14.24
N ILE C 114 -14.58 -10.63 14.46
CA ILE C 114 -14.38 -12.02 14.82
C ILE C 114 -13.30 -12.08 15.91
N GLU C 115 -13.45 -13.02 16.85
CA GLU C 115 -12.43 -13.34 17.82
C GLU C 115 -12.02 -14.81 17.66
N ILE C 116 -10.71 -15.08 17.51
CA ILE C 116 -10.15 -16.42 17.44
C ILE C 116 -9.24 -16.61 18.65
N LYS C 117 -9.42 -17.72 19.35
CA LYS C 117 -8.64 -18.11 20.53
C LYS C 117 -8.00 -19.43 20.18
N ALA C 118 -6.70 -19.60 20.45
CA ALA C 118 -5.98 -20.80 20.04
C ALA C 118 -4.92 -21.22 21.04
N VAL C 119 -4.57 -22.48 20.99
CA VAL C 119 -3.50 -23.05 21.81
C VAL C 119 -2.15 -22.53 21.19
N PRO C 120 -1.08 -22.29 21.97
CA PRO C 120 0.17 -21.78 21.36
C PRO C 120 0.72 -22.66 20.24
N GLU C 121 1.23 -22.03 19.17
CA GLU C 121 1.80 -22.80 18.05
C GLU C 121 2.99 -23.63 18.45
N GLY C 122 3.02 -24.86 17.95
CA GLY C 122 4.06 -25.83 18.29
C GLY C 122 3.61 -26.77 19.40
N PHE C 123 2.51 -26.44 20.10
CA PHE C 123 1.98 -27.29 21.17
C PHE C 123 1.59 -28.66 20.66
N VAL C 124 1.98 -29.69 21.42
CA VAL C 124 1.75 -31.11 21.13
C VAL C 124 0.59 -31.52 22.03
N ILE C 125 -0.60 -31.63 21.45
CA ILE C 125 -1.84 -31.89 22.18
C ILE C 125 -2.43 -33.21 21.76
N PRO C 126 -2.89 -34.04 22.73
CA PRO C 126 -3.53 -35.33 22.37
C PRO C 126 -4.78 -35.14 21.52
N ARG C 127 -5.16 -36.17 20.74
CA ARG C 127 -6.37 -36.07 19.89
C ARG C 127 -7.63 -35.84 20.73
N GLY C 128 -8.62 -35.16 20.15
CA GLY C 128 -9.91 -34.90 20.77
C GLY C 128 -10.03 -33.71 21.69
N ASN C 129 -9.13 -32.77 21.53
CA ASN C 129 -9.10 -31.54 22.30
C ASN C 129 -9.34 -30.32 21.45
N VAL C 130 -10.00 -29.28 22.01
CA VAL C 130 -10.16 -28.02 21.30
C VAL C 130 -8.78 -27.42 21.00
N LEU C 131 -8.55 -27.07 19.72
CA LEU C 131 -7.28 -26.47 19.30
C LEU C 131 -7.41 -24.97 19.14
N PHE C 132 -8.55 -24.53 18.62
CA PHE C 132 -8.87 -23.11 18.40
C PHE C 132 -10.36 -22.94 18.29
N THR C 133 -10.85 -21.79 18.73
CA THR C 133 -12.27 -21.43 18.69
C THR C 133 -12.45 -20.16 17.92
N VAL C 134 -13.63 -19.97 17.32
CA VAL C 134 -13.98 -18.82 16.51
C VAL C 134 -15.40 -18.39 16.91
N GLU C 135 -15.62 -17.07 16.99
CA GLU C 135 -16.91 -16.43 17.29
C GLU C 135 -16.98 -14.99 16.78
N ASN C 136 -18.18 -14.52 16.46
CA ASN C 136 -18.43 -13.14 16.05
C ASN C 136 -18.44 -12.19 17.27
N THR C 137 -17.83 -11.01 17.16
CA THR C 137 -17.78 -10.07 18.27
C THR C 137 -18.96 -9.09 18.19
N ASP C 138 -19.75 -9.16 17.11
CA ASP C 138 -20.87 -8.26 16.87
C ASP C 138 -22.09 -9.07 16.50
N PRO C 139 -23.22 -8.91 17.24
CA PRO C 139 -24.46 -9.67 16.93
C PRO C 139 -24.91 -9.75 15.50
N GLU C 140 -24.65 -8.69 14.72
CA GLU C 140 -25.04 -8.57 13.32
C GLU C 140 -24.25 -9.50 12.43
N CYS C 141 -23.03 -9.86 12.85
CA CYS C 141 -22.12 -10.70 12.09
C CYS C 141 -22.06 -12.16 12.58
N TYR C 142 -23.19 -12.66 13.11
CA TYR C 142 -23.42 -14.04 13.59
C TYR C 142 -23.13 -15.06 12.46
N TRP C 143 -23.31 -14.63 11.20
CA TRP C 143 -23.12 -15.40 9.98
C TRP C 143 -21.61 -15.47 9.58
N LEU C 144 -20.74 -14.65 10.21
CA LEU C 144 -19.32 -14.55 9.86
C LEU C 144 -18.45 -15.69 10.36
N THR C 145 -18.75 -16.20 11.55
CA THR C 145 -18.04 -17.34 12.14
C THR C 145 -17.87 -18.50 11.14
N ASN C 146 -18.98 -18.98 10.56
CA ASN C 146 -18.89 -20.11 9.66
C ASN C 146 -18.51 -19.81 8.21
N TRP C 147 -18.55 -18.49 7.82
CA TRP C 147 -18.09 -18.05 6.51
C TRP C 147 -16.61 -18.35 6.41
N ILE C 148 -15.86 -18.02 7.47
CA ILE C 148 -14.41 -18.23 7.57
C ILE C 148 -13.98 -19.67 7.93
N GLU C 149 -14.92 -20.62 7.98
CA GLU C 149 -14.57 -22.03 8.23
C GLU C 149 -13.62 -22.58 7.14
N THR C 150 -14.00 -22.41 5.87
CA THR C 150 -13.21 -22.94 4.76
C THR C 150 -11.74 -22.55 4.82
N ILE C 151 -11.46 -21.23 4.95
CA ILE C 151 -10.13 -20.65 5.04
C ILE C 151 -9.35 -21.17 6.26
N LEU C 152 -10.01 -21.25 7.42
CA LEU C 152 -9.41 -21.70 8.67
C LEU C 152 -9.14 -23.18 8.73
N VAL C 153 -10.06 -23.98 8.23
CA VAL C 153 -9.95 -25.43 8.27
C VAL C 153 -8.75 -25.96 7.42
N GLN C 154 -8.22 -25.12 6.52
CA GLN C 154 -7.05 -25.46 5.70
C GLN C 154 -5.81 -25.60 6.55
N SER C 155 -5.93 -25.28 7.86
CA SER C 155 -4.85 -25.41 8.83
C SER C 155 -4.58 -26.89 9.12
N TRP C 156 -5.50 -27.80 8.69
CA TRP C 156 -5.37 -29.25 8.81
C TRP C 156 -4.03 -29.64 8.15
N TYR C 157 -3.71 -29.02 7.01
CA TYR C 157 -2.52 -29.30 6.24
C TYR C 157 -1.18 -29.06 6.98
N PRO C 158 -0.84 -27.81 7.44
CA PRO C 158 0.40 -27.65 8.24
C PRO C 158 0.41 -28.47 9.52
N ILE C 159 -0.75 -28.63 10.19
CA ILE C 159 -0.93 -29.49 11.38
C ILE C 159 -0.53 -30.94 11.06
N THR C 160 -1.11 -31.51 9.99
CA THR C 160 -0.88 -32.90 9.52
C THR C 160 0.55 -33.11 9.11
N VAL C 161 1.17 -32.10 8.43
CA VAL C 161 2.57 -32.17 8.00
C VAL C 161 3.49 -32.14 9.22
N ALA C 162 3.30 -31.16 10.12
CA ALA C 162 4.12 -31.07 11.34
C ALA C 162 3.97 -32.35 12.23
N THR C 163 2.74 -32.92 12.34
CA THR C 163 2.49 -34.13 13.13
C THR C 163 3.19 -35.36 12.50
N ASN C 164 2.95 -35.63 11.23
CA ASN C 164 3.56 -36.76 10.54
C ASN C 164 5.10 -36.74 10.55
N SER C 165 5.67 -35.54 10.40
CA SER C 165 7.11 -35.27 10.41
C SER C 165 7.72 -35.61 11.77
N ARG C 166 6.99 -35.33 12.85
CA ARG C 166 7.40 -35.59 14.23
C ARG C 166 7.42 -37.09 14.52
N GLU C 167 6.41 -37.82 14.04
CA GLU C 167 6.28 -39.28 14.19
C GLU C 167 7.44 -40.01 13.47
N GLN C 168 7.90 -39.46 12.33
CA GLN C 168 9.05 -39.99 11.59
C GLN C 168 10.34 -39.66 12.35
N LYS C 169 10.36 -38.51 13.06
CA LYS C 169 11.47 -38.07 13.90
C LYS C 169 11.59 -39.03 15.11
N LYS C 170 10.41 -39.54 15.60
CA LYS C 170 10.33 -40.49 16.73
C LYS C 170 10.94 -41.83 16.35
N ILE C 171 10.54 -42.41 15.17
CA ILE C 171 11.05 -43.66 14.58
C ILE C 171 12.58 -43.53 14.39
N LEU C 172 13.02 -42.41 13.76
CA LEU C 172 14.43 -42.11 13.55
C LEU C 172 15.18 -41.93 14.88
N ALA C 173 14.62 -41.21 15.89
CA ALA C 173 15.31 -41.06 17.20
C ALA C 173 15.33 -42.36 18.03
N LYS C 174 14.44 -43.33 17.71
CA LYS C 174 14.40 -44.64 18.37
C LYS C 174 15.56 -45.48 17.83
N TYR C 175 15.52 -45.80 16.52
CA TYR C 175 16.52 -46.60 15.81
C TYR C 175 17.90 -45.99 15.78
N LEU C 176 18.04 -44.68 16.00
CA LEU C 176 19.35 -44.04 16.06
C LEU C 176 19.98 -44.36 17.41
N LEU C 177 19.17 -44.30 18.50
CA LEU C 177 19.65 -44.60 19.86
C LEU C 177 19.95 -46.10 20.07
N GLU C 178 19.15 -46.99 19.45
CA GLU C 178 19.32 -48.45 19.50
C GLU C 178 20.64 -48.88 18.80
N THR C 179 20.96 -48.21 17.67
CA THR C 179 22.15 -48.49 16.86
C THR C 179 23.39 -47.68 17.25
N SER C 180 23.23 -46.53 17.94
CA SER C 180 24.39 -45.72 18.30
C SER C 180 24.44 -45.08 19.68
N GLY C 181 23.29 -44.89 20.32
CA GLY C 181 23.20 -44.27 21.64
C GLY C 181 23.48 -42.78 21.67
N ASN C 182 23.25 -42.08 20.54
CA ASN C 182 23.43 -40.64 20.44
C ASN C 182 22.34 -40.00 19.57
N LEU C 183 22.06 -38.69 19.81
CA LEU C 183 21.07 -37.91 19.04
C LEU C 183 21.69 -36.58 18.54
N ASP C 184 22.75 -36.71 17.72
CA ASP C 184 23.47 -35.61 17.09
C ASP C 184 23.23 -35.73 15.60
N GLY C 185 22.72 -34.65 15.00
CA GLY C 185 22.36 -34.60 13.58
C GLY C 185 21.09 -35.35 13.24
N LEU C 186 20.14 -35.46 14.20
CA LEU C 186 18.83 -36.10 14.03
C LEU C 186 17.97 -35.15 13.16
N GLU C 187 18.15 -33.82 13.38
CA GLU C 187 17.53 -32.73 12.64
C GLU C 187 17.93 -32.71 11.14
N TYR C 188 18.82 -33.61 10.72
CA TYR C 188 19.28 -33.69 9.35
C TYR C 188 19.07 -35.07 8.73
N LYS C 189 18.29 -35.93 9.40
CA LYS C 189 18.04 -37.30 9.00
C LYS C 189 16.85 -37.45 8.11
N LEU C 190 15.94 -36.45 8.13
CA LEU C 190 14.75 -36.49 7.25
C LEU C 190 14.73 -35.21 6.45
N HIS C 191 15.07 -35.34 5.18
CA HIS C 191 15.17 -34.20 4.28
C HIS C 191 13.96 -34.08 3.38
N ASP C 192 13.47 -32.85 3.19
CA ASP C 192 12.33 -32.55 2.34
C ASP C 192 12.71 -32.42 0.85
N PHE C 193 12.16 -33.32 0.00
CA PHE C 193 12.32 -33.36 -1.47
C PHE C 193 10.92 -33.21 -2.13
N GLY C 194 9.94 -32.78 -1.33
CA GLY C 194 8.54 -32.62 -1.72
C GLY C 194 8.12 -31.50 -2.64
N TYR C 195 9.07 -30.61 -3.06
CA TYR C 195 8.74 -29.46 -3.92
C TYR C 195 7.94 -29.81 -5.20
N ARG C 196 8.42 -30.76 -5.99
CA ARG C 196 7.78 -31.07 -7.24
C ARG C 196 6.51 -31.95 -7.17
N GLY C 197 6.41 -32.75 -6.11
CA GLY C 197 5.31 -33.68 -5.89
C GLY C 197 4.08 -33.07 -5.22
N VAL C 198 4.09 -31.75 -4.97
CA VAL C 198 2.95 -31.00 -4.40
C VAL C 198 2.06 -30.34 -5.46
N SER C 199 0.89 -29.89 -5.02
CA SER C 199 -0.17 -29.37 -5.85
C SER C 199 -0.04 -27.92 -6.27
N SER C 200 0.81 -27.13 -5.59
CA SER C 200 1.03 -25.70 -5.89
C SER C 200 2.23 -25.15 -5.14
N GLN C 201 2.65 -23.93 -5.55
CA GLN C 201 3.72 -23.13 -4.91
C GLN C 201 3.33 -22.82 -3.47
N GLU C 202 2.07 -22.40 -3.25
CA GLU C 202 1.60 -22.11 -1.90
C GLU C 202 1.72 -23.32 -0.97
N THR C 203 1.29 -24.52 -1.42
CA THR C 203 1.37 -25.78 -0.65
C THR C 203 2.83 -26.15 -0.33
N ALA C 204 3.74 -25.93 -1.28
CA ALA C 204 5.17 -26.19 -1.13
C ALA C 204 5.74 -25.42 0.07
N GLY C 205 5.52 -24.11 0.07
CA GLY C 205 5.94 -23.23 1.15
C GLY C 205 5.31 -23.58 2.48
N ILE C 206 3.95 -23.78 2.50
CA ILE C 206 3.25 -24.16 3.75
C ILE C 206 3.81 -25.46 4.29
N GLY C 207 3.82 -26.50 3.44
CA GLY C 207 4.31 -27.84 3.77
C GLY C 207 5.75 -27.88 4.25
N ALA C 208 6.68 -27.31 3.47
CA ALA C 208 8.10 -27.25 3.81
C ALA C 208 8.28 -26.61 5.19
N SER C 209 7.56 -25.49 5.46
CA SER C 209 7.65 -24.82 6.76
C SER C 209 7.19 -25.70 7.94
N ALA C 210 6.23 -26.60 7.71
CA ALA C 210 5.68 -27.49 8.75
C ALA C 210 6.67 -28.63 9.08
N HIS C 211 7.37 -29.16 8.05
CA HIS C 211 8.42 -30.15 8.21
C HIS C 211 9.59 -29.54 9.02
N LEU C 212 9.89 -28.26 8.79
CA LEU C 212 10.95 -27.50 9.47
C LEU C 212 10.64 -27.17 10.94
N VAL C 213 9.54 -27.67 11.49
CA VAL C 213 9.17 -27.49 12.89
C VAL C 213 9.99 -28.57 13.67
N ASN C 214 10.31 -29.69 12.98
CA ASN C 214 11.02 -30.86 13.52
C ASN C 214 12.40 -31.11 12.90
N PHE C 215 12.67 -30.59 11.70
CA PHE C 215 13.93 -30.81 11.01
C PHE C 215 14.55 -29.51 10.51
N LYS C 216 15.78 -29.59 9.97
CA LYS C 216 16.54 -28.46 9.43
C LYS C 216 16.87 -28.66 7.95
N GLY C 217 16.51 -29.82 7.40
CA GLY C 217 16.81 -30.12 6.02
C GLY C 217 15.66 -30.03 5.04
N THR C 218 15.79 -29.08 4.09
CA THR C 218 14.83 -28.91 3.02
C THR C 218 15.49 -28.47 1.73
N ASP C 219 14.93 -28.97 0.62
CA ASP C 219 15.27 -28.60 -0.74
C ASP C 219 14.10 -27.75 -1.29
N THR C 220 13.02 -27.61 -0.49
CA THR C 220 11.84 -26.82 -0.85
C THR C 220 12.09 -25.43 -0.31
N VAL C 221 12.82 -24.62 -1.12
CA VAL C 221 13.25 -23.22 -0.84
C VAL C 221 12.11 -22.28 -0.37
N ALA C 222 10.89 -22.51 -0.85
CA ALA C 222 9.70 -21.67 -0.56
C ALA C 222 9.33 -21.58 0.92
N GLY C 223 9.60 -22.65 1.68
CA GLY C 223 9.34 -22.68 3.12
C GLY C 223 10.14 -21.66 3.92
N LEU C 224 11.34 -21.29 3.44
CA LEU C 224 12.24 -20.32 4.09
C LEU C 224 11.65 -18.90 4.11
N ALA C 225 11.16 -18.41 2.96
CA ALA C 225 10.54 -17.09 2.87
C ALA C 225 9.27 -17.01 3.71
N LEU C 226 8.47 -18.11 3.71
CA LEU C 226 7.25 -18.21 4.50
C LEU C 226 7.59 -18.05 6.00
N ILE C 227 8.58 -18.79 6.52
CA ILE C 227 8.99 -18.69 7.93
C ILE C 227 9.45 -17.27 8.27
N LYS C 228 10.30 -16.69 7.41
CA LYS C 228 10.85 -15.35 7.49
C LYS C 228 9.74 -14.28 7.55
N LYS C 229 8.78 -14.31 6.63
CA LYS C 229 7.69 -13.36 6.57
C LYS C 229 6.67 -13.47 7.71
N TYR C 230 6.28 -14.70 8.12
CA TYR C 230 5.19 -14.92 9.10
C TYR C 230 5.54 -15.39 10.52
N TYR C 231 6.73 -15.96 10.72
CA TYR C 231 7.12 -16.49 12.02
C TYR C 231 8.35 -15.86 12.63
N GLY C 232 9.52 -16.06 11.97
CA GLY C 232 10.84 -15.52 12.34
C GLY C 232 11.73 -16.50 13.06
N THR C 233 13.04 -16.57 12.70
CA THR C 233 14.05 -17.45 13.35
C THR C 233 15.26 -16.61 13.75
N LYS C 234 15.93 -17.00 14.86
CA LYS C 234 17.17 -16.39 15.32
C LYS C 234 18.27 -16.80 14.33
N ASP C 235 18.12 -18.00 13.75
CA ASP C 235 19.04 -18.56 12.75
C ASP C 235 18.93 -17.77 11.43
N PRO C 236 20.03 -17.64 10.63
CA PRO C 236 19.92 -16.82 9.40
C PRO C 236 18.89 -17.39 8.43
N VAL C 237 18.89 -18.75 8.28
CA VAL C 237 17.90 -19.48 7.50
C VAL C 237 17.20 -20.54 8.35
N PRO C 238 15.88 -20.73 8.18
CA PRO C 238 15.19 -21.75 8.98
C PRO C 238 15.44 -23.19 8.52
N GLY C 239 16.15 -23.38 7.40
CA GLY C 239 16.43 -24.69 6.84
C GLY C 239 17.64 -24.70 5.92
N TYR C 240 18.26 -25.88 5.79
CA TYR C 240 19.52 -26.05 5.08
C TYR C 240 19.53 -27.19 4.07
N SER C 241 20.50 -27.14 3.14
CA SER C 241 20.72 -28.16 2.11
C SER C 241 22.19 -28.30 1.76
N VAL C 242 22.51 -29.30 0.90
CA VAL C 242 23.86 -29.59 0.41
C VAL C 242 23.86 -29.67 -1.14
N PRO C 243 24.97 -29.32 -1.83
CA PRO C 243 25.00 -29.52 -3.29
C PRO C 243 24.78 -31.00 -3.61
N ALA C 244 24.02 -31.27 -4.68
CA ALA C 244 23.67 -32.62 -5.10
C ALA C 244 23.38 -32.71 -6.59
N ALA C 245 23.51 -33.93 -7.11
CA ALA C 245 23.25 -34.21 -8.51
C ALA C 245 21.83 -34.79 -8.72
N GLU C 246 21.35 -34.72 -9.98
CA GLU C 246 20.12 -35.33 -10.47
C GLU C 246 20.54 -36.17 -11.69
N HIS C 247 19.61 -36.96 -12.24
CA HIS C 247 19.84 -37.81 -13.41
C HIS C 247 20.31 -37.03 -14.62
N SER C 248 19.77 -35.83 -14.85
CA SER C 248 20.13 -34.99 -15.98
C SER C 248 21.63 -34.61 -15.96
N THR C 249 22.19 -34.27 -14.78
CA THR C 249 23.60 -33.88 -14.63
C THR C 249 24.59 -35.05 -14.76
N ILE C 250 24.13 -36.29 -14.54
CA ILE C 250 24.97 -37.47 -14.69
C ILE C 250 24.84 -37.97 -16.14
N THR C 251 23.60 -38.23 -16.60
CA THR C 251 23.32 -38.71 -17.95
C THR C 251 23.82 -37.77 -19.08
N ALA C 252 23.91 -36.42 -18.84
CA ALA C 252 24.39 -35.41 -19.81
C ALA C 252 25.80 -35.66 -20.36
N TRP C 253 26.63 -36.42 -19.62
CA TRP C 253 27.99 -36.80 -19.96
C TRP C 253 27.98 -38.03 -20.89
N GLY C 254 26.83 -38.72 -20.94
CA GLY C 254 26.63 -39.92 -21.73
C GLY C 254 26.62 -41.17 -20.85
N LYS C 255 26.29 -42.33 -21.45
CA LYS C 255 26.25 -43.63 -20.79
C LYS C 255 27.64 -44.06 -20.31
N ASP C 256 28.65 -43.98 -21.22
CA ASP C 256 30.04 -44.38 -21.01
C ASP C 256 30.92 -43.32 -20.31
N HIS C 257 30.30 -42.25 -19.80
CA HIS C 257 31.03 -41.18 -19.14
C HIS C 257 30.52 -40.82 -17.73
N GLU C 258 29.76 -41.77 -17.13
CA GLU C 258 29.19 -41.69 -15.77
C GLU C 258 30.31 -41.47 -14.73
N LYS C 259 31.50 -42.04 -14.96
CA LYS C 259 32.68 -41.89 -14.12
C LYS C 259 33.19 -40.44 -14.12
N ASP C 260 33.28 -39.83 -15.32
CA ASP C 260 33.78 -38.46 -15.56
C ASP C 260 32.91 -37.42 -14.87
N ALA C 261 31.57 -37.62 -14.95
CA ALA C 261 30.53 -36.82 -14.29
C ALA C 261 30.79 -36.87 -12.78
N PHE C 262 30.75 -38.11 -12.20
CA PHE C 262 30.97 -38.43 -10.78
C PHE C 262 32.24 -37.76 -10.25
N GLU C 263 33.33 -37.77 -11.07
CA GLU C 263 34.61 -37.15 -10.76
C GLU C 263 34.54 -35.61 -10.74
N HIS C 264 33.90 -35.00 -11.78
CA HIS C 264 33.74 -33.54 -11.93
C HIS C 264 33.02 -32.93 -10.72
N ILE C 265 31.89 -33.55 -10.34
CA ILE C 265 30.99 -33.18 -9.24
C ILE C 265 31.66 -33.20 -7.86
N VAL C 266 32.38 -34.28 -7.53
CA VAL C 266 33.09 -34.41 -6.24
C VAL C 266 34.25 -33.41 -6.07
N THR C 267 34.88 -32.98 -7.21
CA THR C 267 35.98 -31.98 -7.23
C THR C 267 35.41 -30.59 -7.02
N GLN C 268 34.30 -30.26 -7.76
CA GLN C 268 33.56 -28.98 -7.70
C GLN C 268 33.04 -28.70 -6.30
N PHE C 269 32.69 -29.76 -5.55
CA PHE C 269 32.21 -29.65 -4.16
C PHE C 269 33.12 -30.44 -3.21
N SER C 270 34.19 -29.75 -2.76
CA SER C 270 35.25 -30.26 -1.89
C SER C 270 34.99 -29.88 -0.43
N SER C 271 34.76 -28.59 -0.18
CA SER C 271 34.51 -27.96 1.13
C SER C 271 33.19 -28.35 1.81
N VAL C 272 32.23 -28.92 1.04
CA VAL C 272 30.89 -29.26 1.50
C VAL C 272 30.51 -30.71 1.21
N PRO C 273 29.54 -31.33 1.96
CA PRO C 273 29.09 -32.69 1.61
C PRO C 273 28.44 -32.67 0.22
N VAL C 274 28.42 -33.81 -0.48
CA VAL C 274 27.88 -33.85 -1.84
C VAL C 274 27.11 -35.12 -2.12
N SER C 275 25.82 -34.96 -2.43
CA SER C 275 24.97 -36.11 -2.72
C SER C 275 25.03 -36.43 -4.22
N VAL C 276 25.42 -37.68 -4.58
CA VAL C 276 25.49 -38.06 -6.00
C VAL C 276 24.56 -39.23 -6.34
N VAL C 277 23.57 -39.01 -7.22
CA VAL C 277 22.64 -40.06 -7.65
C VAL C 277 23.41 -41.11 -8.50
N SER C 278 23.36 -42.40 -8.08
CA SER C 278 24.14 -43.50 -8.69
C SER C 278 23.37 -44.66 -9.39
N ASP C 279 22.03 -44.56 -9.51
CA ASP C 279 21.17 -45.59 -10.11
C ASP C 279 20.77 -45.35 -11.60
N SER C 280 21.36 -44.31 -12.25
CA SER C 280 21.09 -43.87 -13.63
C SER C 280 21.00 -44.98 -14.69
N TYR C 281 21.85 -46.03 -14.56
CA TYR C 281 21.89 -47.18 -15.47
C TYR C 281 21.96 -48.50 -14.68
N ASP C 282 22.89 -48.57 -13.70
CA ASP C 282 23.10 -49.71 -12.79
C ASP C 282 23.73 -49.19 -11.51
N ILE C 283 22.93 -49.20 -10.41
CA ILE C 283 23.33 -48.73 -9.07
C ILE C 283 24.52 -49.55 -8.50
N TYR C 284 24.39 -50.88 -8.62
CA TYR C 284 25.34 -51.87 -8.13
C TYR C 284 26.71 -51.77 -8.79
N ASN C 285 26.73 -51.54 -10.13
CA ASN C 285 27.96 -51.33 -10.91
C ASN C 285 28.65 -50.04 -10.47
N ALA C 286 27.88 -48.93 -10.36
CA ALA C 286 28.38 -47.61 -9.98
C ALA C 286 29.00 -47.60 -8.57
N CYS C 287 28.39 -48.37 -7.65
CA CYS C 287 28.83 -48.51 -6.27
C CYS C 287 30.13 -49.35 -6.17
N GLU C 288 30.19 -50.46 -6.93
CA GLU C 288 31.34 -51.38 -6.96
C GLU C 288 32.49 -50.94 -7.87
N LYS C 289 32.20 -50.67 -9.17
CA LYS C 289 33.21 -50.31 -10.18
C LYS C 289 33.61 -48.84 -10.19
N ILE C 290 32.63 -47.92 -10.26
CA ILE C 290 32.92 -46.48 -10.31
C ILE C 290 33.39 -45.89 -8.96
N TRP C 291 32.51 -45.89 -7.94
CA TRP C 291 32.88 -45.35 -6.62
C TRP C 291 33.87 -46.26 -5.86
N GLY C 292 33.59 -47.56 -5.86
CA GLY C 292 34.38 -48.58 -5.18
C GLY C 292 35.77 -48.83 -5.72
N GLU C 293 35.93 -48.91 -7.06
CA GLU C 293 37.23 -49.15 -7.67
C GLU C 293 37.89 -47.90 -8.27
N ASP C 294 37.36 -47.42 -9.42
CA ASP C 294 37.86 -46.29 -10.21
C ASP C 294 38.09 -44.97 -9.46
N LEU C 295 37.08 -44.48 -8.72
CA LEU C 295 37.12 -43.20 -8.01
C LEU C 295 37.51 -43.19 -6.52
N ARG C 296 37.58 -44.39 -5.87
CA ARG C 296 37.94 -44.64 -4.46
C ARG C 296 38.96 -43.66 -3.87
N HIS C 297 40.04 -43.36 -4.61
CA HIS C 297 41.12 -42.43 -4.23
C HIS C 297 40.63 -41.02 -3.92
N LEU C 298 39.47 -40.63 -4.51
CA LEU C 298 38.86 -39.32 -4.30
C LEU C 298 37.76 -39.29 -3.19
N ILE C 299 37.34 -40.48 -2.74
CA ILE C 299 36.36 -40.61 -1.65
C ILE C 299 37.10 -40.63 -0.31
N VAL C 300 38.16 -41.45 -0.20
CA VAL C 300 39.02 -41.65 0.99
C VAL C 300 39.72 -40.37 1.47
N SER C 301 39.92 -39.42 0.54
CA SER C 301 40.55 -38.12 0.77
C SER C 301 39.60 -37.11 1.42
N ARG C 302 38.27 -37.31 1.23
CA ARG C 302 37.22 -36.43 1.72
C ARG C 302 37.14 -36.24 3.25
N SER C 303 36.78 -35.02 3.68
CA SER C 303 36.63 -34.63 5.08
C SER C 303 35.39 -35.26 5.72
N THR C 304 35.34 -35.24 7.07
CA THR C 304 34.23 -35.73 7.89
C THR C 304 33.05 -34.74 7.75
N GLN C 305 33.37 -33.43 7.68
CA GLN C 305 32.41 -32.32 7.54
C GLN C 305 31.93 -32.16 6.08
N ALA C 306 32.62 -32.82 5.12
CA ALA C 306 32.29 -32.75 3.71
C ALA C 306 32.33 -34.15 3.06
N PRO C 307 31.48 -35.11 3.50
CA PRO C 307 31.53 -36.47 2.93
C PRO C 307 30.80 -36.68 1.60
N LEU C 308 31.10 -37.80 0.90
CA LEU C 308 30.36 -38.16 -0.31
C LEU C 308 29.10 -38.89 0.16
N ILE C 309 27.91 -38.43 -0.28
CA ILE C 309 26.64 -39.05 0.08
C ILE C 309 26.15 -39.81 -1.14
N ILE C 310 26.14 -41.15 -1.07
CA ILE C 310 25.69 -42.00 -2.17
C ILE C 310 24.17 -42.10 -2.21
N ARG C 311 23.58 -41.86 -3.40
CA ARG C 311 22.14 -41.88 -3.60
C ARG C 311 21.54 -42.93 -4.54
N PRO C 312 21.01 -44.06 -4.00
CA PRO C 312 20.21 -44.96 -4.86
C PRO C 312 18.82 -44.31 -5.06
N ASP C 313 18.18 -44.49 -6.23
CA ASP C 313 16.87 -43.86 -6.52
C ASP C 313 15.83 -44.79 -7.22
N SER C 314 16.04 -46.12 -7.20
CA SER C 314 15.11 -47.08 -7.82
C SER C 314 15.19 -48.50 -7.22
N GLY C 315 14.12 -49.26 -7.42
CA GLY C 315 13.97 -50.63 -6.93
C GLY C 315 13.30 -50.70 -5.58
N ASN C 316 13.51 -51.83 -4.86
CA ASN C 316 12.95 -52.03 -3.52
C ASN C 316 13.76 -51.16 -2.55
N PRO C 317 13.12 -50.18 -1.86
CA PRO C 317 13.87 -49.28 -0.96
C PRO C 317 14.76 -49.95 0.09
N LEU C 318 14.29 -51.02 0.72
CA LEU C 318 15.07 -51.75 1.73
C LEU C 318 16.17 -52.61 1.09
N ASP C 319 15.78 -53.44 0.08
CA ASP C 319 16.69 -54.34 -0.65
C ASP C 319 17.83 -53.59 -1.33
N THR C 320 17.55 -52.38 -1.91
CA THR C 320 18.57 -51.54 -2.56
C THR C 320 19.52 -50.97 -1.50
N VAL C 321 18.98 -50.55 -0.34
CA VAL C 321 19.80 -50.02 0.76
C VAL C 321 20.80 -51.06 1.26
N LEU C 322 20.34 -52.33 1.41
CA LEU C 322 21.18 -53.45 1.84
C LEU C 322 22.25 -53.80 0.80
N LYS C 323 21.84 -54.06 -0.47
CA LYS C 323 22.73 -54.35 -1.61
C LYS C 323 23.81 -53.28 -1.83
N VAL C 324 23.48 -51.99 -1.59
CA VAL C 324 24.43 -50.86 -1.72
C VAL C 324 25.43 -50.88 -0.55
N LEU C 325 24.93 -51.04 0.70
CA LEU C 325 25.77 -51.08 1.90
C LEU C 325 26.69 -52.32 1.91
N GLU C 326 26.19 -53.47 1.38
CA GLU C 326 26.97 -54.71 1.26
C GLU C 326 28.11 -54.52 0.26
N ILE C 327 27.81 -53.89 -0.90
CA ILE C 327 28.79 -53.58 -1.96
C ILE C 327 29.85 -52.57 -1.47
N LEU C 328 29.44 -51.58 -0.64
CA LEU C 328 30.35 -50.60 -0.07
C LEU C 328 31.14 -51.25 1.07
N GLY C 329 30.51 -52.23 1.73
CA GLY C 329 31.09 -53.01 2.83
C GLY C 329 32.37 -53.77 2.46
N LYS C 330 32.44 -54.23 1.19
CA LYS C 330 33.55 -54.97 0.60
C LYS C 330 34.67 -54.04 0.11
N LYS C 331 34.30 -52.93 -0.57
CA LYS C 331 35.22 -51.95 -1.17
C LYS C 331 35.72 -50.83 -0.24
N PHE C 332 35.16 -50.72 0.99
CA PHE C 332 35.53 -49.66 1.94
C PHE C 332 35.73 -50.13 3.40
N PRO C 333 36.59 -49.41 4.20
CA PRO C 333 36.84 -49.81 5.61
C PRO C 333 35.68 -49.68 6.61
N VAL C 334 34.81 -50.70 6.63
CA VAL C 334 33.62 -50.81 7.48
C VAL C 334 34.02 -51.19 8.91
N THR C 335 33.77 -50.27 9.87
CA THR C 335 34.10 -50.46 11.29
C THR C 335 32.85 -50.81 12.16
N GLU C 336 32.98 -50.74 13.49
CA GLU C 336 31.90 -51.03 14.43
C GLU C 336 31.80 -50.05 15.59
N ASN C 337 30.55 -49.69 15.95
CA ASN C 337 30.24 -48.76 17.04
C ASN C 337 30.04 -49.45 18.40
N SER C 338 29.77 -48.63 19.45
CA SER C 338 29.53 -49.01 20.84
C SER C 338 28.35 -49.98 21.06
N LYS C 339 27.49 -50.16 20.06
CA LYS C 339 26.33 -51.05 20.13
C LYS C 339 26.52 -52.33 19.28
N GLY C 340 27.61 -52.38 18.50
CA GLY C 340 27.97 -53.52 17.66
C GLY C 340 27.37 -53.51 16.26
N TYR C 341 27.07 -52.30 15.75
CA TYR C 341 26.52 -52.13 14.40
C TYR C 341 27.59 -51.66 13.42
N LYS C 342 27.51 -52.15 12.18
CA LYS C 342 28.47 -51.85 11.11
C LYS C 342 28.38 -50.37 10.68
N LEU C 343 29.48 -49.61 10.88
CA LEU C 343 29.62 -48.18 10.57
C LEU C 343 30.66 -47.92 9.45
N LEU C 344 30.26 -47.12 8.43
CA LEU C 344 31.10 -46.72 7.30
C LEU C 344 32.09 -45.64 7.79
N PRO C 345 33.17 -45.30 7.02
CA PRO C 345 34.09 -44.23 7.46
C PRO C 345 33.41 -42.85 7.41
N PRO C 346 33.94 -41.80 8.09
CA PRO C 346 33.25 -40.50 8.06
C PRO C 346 33.27 -39.67 6.75
N TYR C 347 33.91 -40.20 5.67
CA TYR C 347 33.95 -39.54 4.35
C TYR C 347 32.87 -40.10 3.43
N LEU C 348 32.18 -41.15 3.90
CA LEU C 348 31.15 -41.81 3.13
C LEU C 348 29.85 -41.99 3.93
N ARG C 349 28.70 -41.61 3.32
CA ARG C 349 27.33 -41.70 3.88
C ARG C 349 26.36 -42.11 2.78
N VAL C 350 25.13 -42.51 3.16
CA VAL C 350 24.09 -42.92 2.19
C VAL C 350 22.79 -42.09 2.44
N ILE C 351 21.94 -41.96 1.40
CA ILE C 351 20.64 -41.30 1.44
C ILE C 351 19.63 -42.11 0.62
N GLN C 352 18.57 -42.64 1.26
CA GLN C 352 17.50 -43.31 0.52
C GLN C 352 16.40 -42.28 0.43
N GLY C 353 16.09 -41.87 -0.80
CA GLY C 353 15.07 -40.86 -1.07
C GLY C 353 14.07 -41.27 -2.13
N ASP C 354 13.91 -42.59 -2.38
CA ASP C 354 12.92 -43.10 -3.33
C ASP C 354 11.91 -43.92 -2.55
N GLY C 355 10.64 -43.78 -2.91
CA GLY C 355 9.49 -44.45 -2.29
C GLY C 355 9.49 -44.41 -0.77
N VAL C 356 9.92 -43.26 -0.19
CA VAL C 356 9.99 -43.05 1.26
C VAL C 356 8.69 -42.39 1.76
N ASP C 357 8.16 -42.94 2.87
CA ASP C 357 7.03 -42.46 3.67
C ASP C 357 7.23 -42.93 5.12
N ILE C 358 6.26 -42.68 6.02
CA ILE C 358 6.32 -43.07 7.43
C ILE C 358 6.41 -44.59 7.61
N ASN C 359 5.71 -45.34 6.74
CA ASN C 359 5.70 -46.80 6.80
C ASN C 359 6.94 -47.45 6.21
N THR C 360 7.37 -47.01 5.00
CA THR C 360 8.60 -47.51 4.36
C THR C 360 9.83 -47.19 5.20
N LEU C 361 9.89 -45.98 5.83
CA LEU C 361 10.97 -45.58 6.75
C LEU C 361 11.13 -46.63 7.85
N GLN C 362 10.02 -47.06 8.46
CA GLN C 362 9.99 -48.05 9.53
C GLN C 362 10.56 -49.42 9.06
N GLU C 363 10.20 -49.81 7.81
CA GLU C 363 10.69 -51.04 7.15
C GLU C 363 12.22 -50.95 6.94
N ILE C 364 12.73 -49.79 6.40
CA ILE C 364 14.17 -49.54 6.16
C ILE C 364 15.01 -49.61 7.42
N VAL C 365 14.66 -48.84 8.46
CA VAL C 365 15.39 -48.82 9.73
C VAL C 365 15.34 -50.16 10.48
N GLU C 366 14.26 -50.95 10.27
CA GLU C 366 14.10 -52.27 10.91
C GLU C 366 14.91 -53.35 10.16
N GLY C 367 14.88 -53.29 8.82
CA GLY C 367 15.67 -54.17 7.97
C GLY C 367 17.16 -53.96 8.18
N MET C 368 17.57 -52.69 8.35
CA MET C 368 18.95 -52.26 8.60
C MET C 368 19.44 -52.74 9.97
N LYS C 369 18.57 -52.67 11.00
CA LYS C 369 18.88 -53.10 12.37
C LYS C 369 19.09 -54.62 12.44
N GLN C 370 18.23 -55.39 11.72
CA GLN C 370 18.28 -56.84 11.61
C GLN C 370 19.54 -57.28 10.88
N LYS C 371 19.90 -56.57 9.79
CA LYS C 371 21.12 -56.85 9.00
C LYS C 371 22.39 -56.21 9.63
N MET C 372 22.30 -55.83 10.92
CA MET C 372 23.35 -55.25 11.79
C MET C 372 24.01 -53.95 11.32
N TRP C 373 23.29 -53.17 10.50
CA TRP C 373 23.74 -51.89 9.96
C TRP C 373 23.22 -50.72 10.83
N SER C 374 24.15 -49.84 11.27
CA SER C 374 23.83 -48.65 12.07
C SER C 374 23.06 -47.59 11.25
N ILE C 375 22.17 -46.84 11.94
CA ILE C 375 21.34 -45.77 11.38
C ILE C 375 22.16 -44.50 11.03
N GLU C 376 23.35 -44.34 11.64
CA GLU C 376 24.31 -43.22 11.41
C GLU C 376 24.78 -43.10 9.94
N ASN C 377 24.89 -44.24 9.23
CA ASN C 377 25.32 -44.35 7.83
C ASN C 377 24.27 -43.84 6.83
N ILE C 378 23.06 -43.51 7.33
CA ILE C 378 21.96 -43.10 6.48
C ILE C 378 21.17 -41.87 7.00
N ALA C 379 20.58 -41.14 6.04
CA ALA C 379 19.67 -40.02 6.17
C ALA C 379 18.57 -40.29 5.14
N PHE C 380 17.38 -39.79 5.39
CA PHE C 380 16.27 -40.04 4.48
C PHE C 380 15.76 -38.76 3.82
N GLY C 381 15.18 -38.96 2.64
CA GLY C 381 14.57 -37.94 1.81
C GLY C 381 13.12 -38.32 1.51
N SER C 382 12.19 -37.37 1.69
CA SER C 382 10.79 -37.64 1.42
C SER C 382 10.14 -36.54 0.56
N GLY C 383 9.50 -36.97 -0.52
CA GLY C 383 8.80 -36.10 -1.47
C GLY C 383 7.31 -36.07 -1.21
N GLY C 384 6.53 -36.53 -2.20
CA GLY C 384 5.07 -36.67 -2.18
C GLY C 384 4.51 -37.37 -0.95
N GLY C 385 5.29 -38.28 -0.35
CA GLY C 385 4.91 -38.98 0.87
C GLY C 385 4.90 -38.02 2.03
N LEU C 386 5.94 -37.14 2.12
CA LEU C 386 6.12 -36.12 3.17
C LEU C 386 5.12 -34.96 3.11
N LEU C 387 4.84 -34.47 1.88
CA LEU C 387 4.03 -33.30 1.71
C LEU C 387 2.69 -33.47 0.97
N GLN C 388 2.53 -34.49 0.13
CA GLN C 388 1.31 -34.61 -0.70
C GLN C 388 0.31 -35.69 -0.31
N LYS C 389 0.80 -36.86 0.07
CA LYS C 389 -0.03 -38.03 0.37
C LYS C 389 -0.88 -37.95 1.67
N LEU C 390 -1.20 -36.75 2.14
CA LEU C 390 -1.94 -36.49 3.39
C LEU C 390 -3.31 -35.94 3.13
N THR C 391 -4.27 -36.29 4.01
CA THR C 391 -5.64 -35.79 3.86
C THR C 391 -6.19 -35.24 5.17
N ARG C 392 -7.27 -34.44 5.06
CA ARG C 392 -7.95 -33.88 6.23
C ARG C 392 -8.51 -34.99 7.16
N ASP C 393 -8.82 -36.17 6.62
CA ASP C 393 -9.31 -37.28 7.43
C ASP C 393 -8.23 -38.10 8.14
N LEU C 394 -6.92 -37.83 7.93
CA LEU C 394 -5.84 -38.58 8.62
C LEU C 394 -5.88 -38.33 10.12
N LEU C 395 -6.02 -37.05 10.53
CA LEU C 395 -6.08 -36.72 11.95
C LEU C 395 -7.50 -36.27 12.30
N ASN C 396 -8.50 -36.58 11.45
CA ASN C 396 -9.91 -36.14 11.57
C ASN C 396 -10.09 -34.70 11.95
N CYS C 397 -9.40 -33.82 11.23
CA CYS C 397 -9.46 -32.38 11.40
C CYS C 397 -10.86 -31.92 11.05
N SER C 398 -11.55 -31.40 12.07
CA SER C 398 -12.94 -30.96 11.98
C SER C 398 -13.20 -29.61 12.63
N PHE C 399 -14.05 -28.81 11.98
CA PHE C 399 -14.53 -27.50 12.40
C PHE C 399 -16.06 -27.63 12.54
N LYS C 400 -16.56 -27.49 13.77
CA LYS C 400 -17.99 -27.60 14.09
C LYS C 400 -18.45 -26.48 15.00
N CYS C 401 -19.74 -26.13 14.86
CA CYS C 401 -20.41 -25.15 15.71
C CYS C 401 -20.80 -25.91 16.98
N SER C 402 -20.41 -25.36 18.16
CA SER C 402 -20.72 -25.96 19.46
C SER C 402 -21.67 -25.12 20.31
N TYR C 403 -21.89 -23.84 19.96
CA TYR C 403 -22.71 -22.97 20.78
C TYR C 403 -23.24 -21.80 19.96
N VAL C 404 -24.47 -21.38 20.25
CA VAL C 404 -25.13 -20.23 19.63
C VAL C 404 -25.92 -19.53 20.72
N VAL C 405 -26.29 -18.27 20.44
CA VAL C 405 -27.12 -17.46 21.29
C VAL C 405 -28.28 -17.00 20.41
N THR C 406 -29.50 -17.50 20.72
CA THR C 406 -30.73 -17.12 20.03
C THR C 406 -31.70 -16.58 21.07
N ASN C 407 -32.16 -15.35 20.86
CA ASN C 407 -33.08 -14.62 21.75
C ASN C 407 -32.44 -14.47 23.15
N GLY C 408 -31.14 -14.14 23.14
CA GLY C 408 -30.36 -13.95 24.35
C GLY C 408 -30.07 -15.23 25.10
N LEU C 409 -30.54 -16.37 24.57
CA LEU C 409 -30.35 -17.66 25.22
C LEU C 409 -29.34 -18.52 24.51
N GLY C 410 -28.42 -19.05 25.30
CA GLY C 410 -27.37 -19.93 24.83
C GLY C 410 -27.85 -21.36 24.71
N ILE C 411 -27.48 -22.03 23.60
CA ILE C 411 -27.83 -23.44 23.34
C ILE C 411 -26.51 -24.19 23.12
N ASN C 412 -26.32 -25.34 23.77
CA ASN C 412 -25.12 -26.15 23.50
C ASN C 412 -25.45 -27.03 22.27
N VAL C 413 -24.88 -26.68 21.09
CA VAL C 413 -25.11 -27.33 19.79
C VAL C 413 -24.06 -28.38 19.45
N PHE C 414 -24.45 -29.38 18.66
CA PHE C 414 -23.58 -30.50 18.31
C PHE C 414 -24.29 -31.36 17.28
N LYS C 415 -23.54 -32.22 16.59
CA LYS C 415 -24.07 -33.23 15.68
C LYS C 415 -23.80 -34.60 16.30
N ASP C 416 -24.64 -35.55 15.97
CA ASP C 416 -24.50 -36.91 16.48
C ASP C 416 -25.09 -37.90 15.46
N PRO C 417 -24.45 -38.10 14.27
CA PRO C 417 -25.06 -39.00 13.27
C PRO C 417 -25.16 -40.44 13.74
N VAL C 418 -26.37 -41.02 13.59
CA VAL C 418 -26.69 -42.40 13.99
C VAL C 418 -25.69 -43.46 13.49
N ALA C 419 -25.23 -43.35 12.22
CA ALA C 419 -24.34 -44.30 11.61
C ALA C 419 -22.84 -44.07 11.84
N ASP C 420 -22.47 -42.94 12.46
CA ASP C 420 -21.08 -42.62 12.72
C ASP C 420 -20.85 -41.80 14.00
N PRO C 421 -20.64 -42.49 15.16
CA PRO C 421 -20.39 -41.77 16.42
C PRO C 421 -19.05 -41.00 16.42
N ASN C 422 -18.19 -41.32 15.44
CA ASN C 422 -16.91 -40.65 15.20
C ASN C 422 -17.18 -39.20 14.76
N LYS C 423 -18.30 -38.96 14.03
CA LYS C 423 -18.73 -37.64 13.56
C LYS C 423 -19.48 -36.80 14.66
N ARG C 424 -19.61 -37.36 15.89
CA ARG C 424 -20.21 -36.66 17.03
C ARG C 424 -19.29 -35.49 17.46
N SER C 425 -19.86 -34.30 17.76
CA SER C 425 -19.04 -33.13 18.17
C SER C 425 -19.27 -32.61 19.62
N LYS C 426 -18.38 -31.72 20.09
CA LYS C 426 -18.44 -31.11 21.43
C LYS C 426 -19.61 -30.15 21.64
N LYS C 427 -20.01 -29.92 22.92
CA LYS C 427 -21.16 -29.07 23.29
C LYS C 427 -20.80 -27.79 24.06
N GLY C 428 -21.42 -26.69 23.67
CA GLY C 428 -21.25 -25.40 24.34
C GLY C 428 -19.88 -24.75 24.22
N ARG C 429 -19.69 -23.69 25.03
CA ARG C 429 -18.46 -22.90 25.09
C ARG C 429 -17.33 -23.80 25.63
N LEU C 430 -16.19 -23.84 24.93
CA LEU C 430 -15.10 -24.75 25.29
C LEU C 430 -13.87 -24.05 25.84
N SER C 431 -12.97 -24.84 26.49
CA SER C 431 -11.70 -24.37 27.04
C SER C 431 -10.75 -25.53 27.25
N LEU C 432 -9.44 -25.27 27.21
CA LEU C 432 -8.41 -26.26 27.37
C LEU C 432 -7.66 -26.00 28.66
N HIS C 433 -7.40 -27.04 29.43
CA HIS C 433 -6.70 -26.86 30.70
C HIS C 433 -5.62 -27.88 30.91
N ARG C 434 -4.55 -27.49 31.63
CA ARG C 434 -3.46 -28.35 32.09
C ARG C 434 -4.00 -28.93 33.37
N THR C 435 -3.96 -30.25 33.49
CA THR C 435 -4.46 -30.94 34.66
C THR C 435 -3.39 -30.96 35.78
N PRO C 436 -3.78 -31.25 37.07
CA PRO C 436 -2.76 -31.34 38.14
C PRO C 436 -1.60 -32.30 37.80
N ALA C 437 -1.90 -33.42 37.11
CA ALA C 437 -0.92 -34.41 36.68
C ALA C 437 -0.17 -34.04 35.37
N GLY C 438 -0.21 -32.76 35.00
CA GLY C 438 0.46 -32.21 33.82
C GLY C 438 -0.03 -32.66 32.47
N ASN C 439 -1.31 -33.00 32.35
CA ASN C 439 -1.91 -33.46 31.09
C ASN C 439 -2.93 -32.46 30.57
N PHE C 440 -3.66 -32.77 29.47
CA PHE C 440 -4.65 -31.82 28.90
C PHE C 440 -6.09 -32.29 29.02
N VAL C 441 -7.00 -31.32 29.10
CA VAL C 441 -8.44 -31.61 29.22
C VAL C 441 -9.26 -30.50 28.57
N THR C 442 -10.27 -30.88 27.78
CA THR C 442 -11.20 -29.94 27.15
C THR C 442 -12.45 -30.02 28.01
N LEU C 443 -12.93 -28.86 28.46
CA LEU C 443 -14.12 -28.75 29.28
C LEU C 443 -15.18 -28.10 28.42
N GLU C 444 -16.33 -28.72 28.38
CA GLU C 444 -17.45 -28.33 27.54
C GLU C 444 -18.45 -27.57 28.36
N GLU C 445 -19.55 -27.14 27.73
CA GLU C 445 -20.71 -26.50 28.38
C GLU C 445 -20.43 -25.31 29.29
N GLY C 446 -19.29 -24.66 29.09
CA GLY C 446 -18.85 -23.47 29.83
C GLY C 446 -18.22 -23.74 31.19
N LYS C 447 -17.95 -25.01 31.51
CA LYS C 447 -17.40 -25.44 32.80
C LYS C 447 -16.02 -24.88 33.13
N GLY C 448 -15.32 -24.43 32.10
CA GLY C 448 -14.01 -23.78 32.22
C GLY C 448 -14.10 -22.49 33.02
N ASP C 449 -15.29 -21.86 33.03
CA ASP C 449 -15.63 -20.64 33.80
C ASP C 449 -15.48 -20.86 35.30
N LEU C 450 -15.73 -22.11 35.78
CA LEU C 450 -15.58 -22.51 37.19
C LEU C 450 -14.10 -22.61 37.57
N GLU C 451 -13.20 -22.70 36.58
CA GLU C 451 -11.74 -22.72 36.70
C GLU C 451 -11.16 -23.73 37.70
N GLU C 452 -11.84 -24.90 37.82
CA GLU C 452 -11.45 -26.01 38.69
C GLU C 452 -9.98 -26.43 38.42
N TYR C 453 -9.57 -26.55 37.14
CA TYR C 453 -8.21 -26.90 36.72
C TYR C 453 -7.47 -25.70 36.13
N GLY C 454 -7.57 -24.57 36.82
CA GLY C 454 -6.91 -23.33 36.44
C GLY C 454 -7.40 -22.68 35.15
N GLN C 455 -6.54 -21.82 34.59
CA GLN C 455 -6.76 -21.02 33.39
C GLN C 455 -6.79 -21.79 32.06
N ASP C 456 -7.62 -21.27 31.14
CA ASP C 456 -7.74 -21.74 29.77
C ASP C 456 -6.39 -21.53 29.03
N LEU C 457 -5.88 -22.61 28.39
CA LEU C 457 -4.66 -22.58 27.57
C LEU C 457 -4.92 -21.98 26.17
N LEU C 458 -6.17 -21.60 25.86
CA LEU C 458 -6.48 -20.93 24.59
C LEU C 458 -6.31 -19.44 24.80
N HIS C 459 -5.46 -18.81 23.99
CA HIS C 459 -5.18 -17.36 24.06
C HIS C 459 -5.81 -16.72 22.84
N THR C 460 -6.26 -15.47 22.97
CA THR C 460 -6.81 -14.73 21.84
C THR C 460 -5.64 -14.35 20.93
N VAL C 461 -5.61 -14.96 19.71
CA VAL C 461 -4.62 -14.70 18.65
C VAL C 461 -5.13 -13.67 17.64
N PHE C 462 -6.45 -13.49 17.56
CA PHE C 462 -7.09 -12.58 16.63
C PHE C 462 -8.36 -12.03 17.25
N LYS C 463 -8.59 -10.72 17.10
CA LYS C 463 -9.78 -9.99 17.57
C LYS C 463 -9.92 -8.73 16.71
N ASN C 464 -11.08 -8.60 16.08
CA ASN C 464 -11.46 -7.47 15.20
C ASN C 464 -10.42 -6.96 14.16
N GLY C 465 -9.90 -7.87 13.36
CA GLY C 465 -8.97 -7.50 12.29
C GLY C 465 -7.52 -7.35 12.67
N LYS C 466 -7.19 -7.67 13.93
CA LYS C 466 -5.84 -7.54 14.47
C LYS C 466 -5.33 -8.85 14.98
N VAL C 467 -4.03 -9.06 14.81
CA VAL C 467 -3.32 -10.24 15.31
C VAL C 467 -2.80 -9.80 16.70
N THR C 468 -3.43 -10.33 17.73
CA THR C 468 -3.24 -10.00 19.15
C THR C 468 -2.14 -10.80 19.84
N LYS C 469 -1.73 -11.93 19.28
CA LYS C 469 -0.66 -12.77 19.81
C LYS C 469 0.06 -13.52 18.68
N SER C 470 1.42 -13.51 18.71
CA SER C 470 2.28 -14.15 17.71
C SER C 470 3.37 -15.00 18.34
N TYR C 471 3.86 -15.98 17.60
CA TYR C 471 4.90 -16.90 18.04
C TYR C 471 5.98 -16.93 16.99
N SER C 472 7.24 -17.00 17.41
CA SER C 472 8.36 -17.08 16.48
C SER C 472 8.50 -18.55 16.09
N PHE C 473 9.29 -18.84 15.08
CA PHE C 473 9.55 -20.21 14.70
C PHE C 473 10.33 -20.96 15.78
N ASP C 474 11.14 -20.20 16.54
CA ASP C 474 11.96 -20.74 17.63
C ASP C 474 11.14 -21.24 18.79
N GLU C 475 10.09 -20.50 19.18
CA GLU C 475 9.22 -21.01 20.25
C GLU C 475 8.38 -22.19 19.81
N ILE C 476 7.98 -22.22 18.51
CA ILE C 476 7.21 -23.33 17.91
C ILE C 476 8.08 -24.58 17.91
N ARG C 477 9.34 -24.46 17.46
CA ARG C 477 10.30 -25.57 17.45
C ARG C 477 10.50 -26.11 18.89
N LYS C 478 10.65 -25.20 19.89
CA LYS C 478 10.82 -25.54 21.30
C LYS C 478 9.60 -26.33 21.81
N ASN C 479 8.38 -25.74 21.64
CA ASN C 479 7.09 -26.37 22.01
C ASN C 479 6.90 -27.74 21.37
N ALA C 480 7.45 -27.96 20.15
CA ALA C 480 7.26 -29.20 19.39
C ALA C 480 8.34 -30.30 19.57
N GLN C 481 9.34 -30.06 20.45
CA GLN C 481 10.39 -31.04 20.77
C GLN C 481 9.88 -32.42 21.19
N LEU C 482 10.67 -33.47 20.92
CA LEU C 482 10.33 -34.82 21.38
C LEU C 482 10.74 -34.89 22.84
N ASN C 483 10.07 -35.74 23.64
CA ASN C 483 10.42 -35.97 25.05
C ASN C 483 11.92 -36.36 25.22
N ILE C 484 12.41 -37.30 24.37
CA ILE C 484 13.78 -37.81 24.30
C ILE C 484 14.88 -36.72 24.23
N PHE D 9 6.72 -12.85 -5.31
CA PHE D 9 7.26 -14.07 -5.92
C PHE D 9 8.59 -13.86 -6.65
N ASN D 10 9.59 -14.64 -6.26
CA ASN D 10 10.92 -14.65 -6.85
C ASN D 10 11.22 -16.06 -7.43
N ILE D 11 11.27 -16.20 -8.77
CA ILE D 11 11.59 -17.44 -9.48
C ILE D 11 13.01 -18.01 -9.15
N LEU D 12 13.92 -17.15 -8.66
CA LEU D 12 15.27 -17.57 -8.28
C LEU D 12 15.20 -18.33 -6.94
N LEU D 13 14.05 -18.24 -6.24
CA LEU D 13 13.80 -18.94 -4.98
C LEU D 13 12.69 -20.00 -5.16
N ALA D 14 12.31 -20.32 -6.43
CA ALA D 14 11.24 -21.29 -6.76
C ALA D 14 11.77 -22.53 -7.45
N THR D 15 12.84 -23.10 -6.90
CA THR D 15 13.40 -24.33 -7.44
C THR D 15 13.80 -25.21 -6.27
N ASP D 16 14.11 -26.48 -6.54
CA ASP D 16 14.68 -27.37 -5.53
C ASP D 16 16.11 -26.85 -5.32
N SER D 17 16.55 -26.83 -4.07
CA SER D 17 17.88 -26.37 -3.67
C SER D 17 19.06 -26.93 -4.47
N TYR D 18 19.08 -28.26 -4.72
CA TYR D 18 20.20 -28.87 -5.45
C TYR D 18 20.38 -28.38 -6.90
N LYS D 19 19.29 -27.90 -7.53
CA LYS D 19 19.31 -27.36 -8.89
C LYS D 19 20.12 -26.05 -8.91
N VAL D 20 20.20 -25.36 -7.75
CA VAL D 20 20.99 -24.13 -7.60
C VAL D 20 22.46 -24.43 -7.91
N THR D 21 22.89 -25.70 -7.69
CA THR D 21 24.28 -26.16 -7.90
C THR D 21 24.62 -26.82 -9.27
N HIS D 22 23.60 -27.11 -10.11
CA HIS D 22 23.71 -27.79 -11.39
C HIS D 22 24.52 -27.13 -12.50
N TYR D 23 24.57 -25.77 -12.52
CA TYR D 23 25.37 -25.03 -13.50
C TYR D 23 26.84 -25.49 -13.46
N LYS D 24 27.30 -25.92 -12.27
CA LYS D 24 28.66 -26.42 -12.02
C LYS D 24 28.84 -27.90 -12.30
N GLN D 25 27.75 -28.64 -12.57
CA GLN D 25 27.76 -30.10 -12.74
C GLN D 25 27.66 -30.62 -14.15
N TYR D 26 26.99 -29.89 -15.05
CA TYR D 26 26.85 -30.31 -16.45
C TYR D 26 28.23 -30.35 -17.09
N PRO D 27 28.42 -31.15 -18.16
CA PRO D 27 29.76 -31.19 -18.78
C PRO D 27 30.18 -29.82 -19.28
N PRO D 28 31.49 -29.50 -19.20
CA PRO D 28 31.95 -28.21 -19.76
C PRO D 28 31.58 -28.09 -21.23
N ASN D 29 31.20 -26.88 -21.64
CA ASN D 29 30.77 -26.56 -23.00
C ASN D 29 29.44 -27.18 -23.46
N THR D 30 28.49 -27.33 -22.51
CA THR D 30 27.11 -27.73 -22.79
C THR D 30 26.41 -26.43 -23.19
N SER D 31 25.71 -26.42 -24.33
CA SER D 31 25.00 -25.24 -24.84
C SER D 31 23.47 -25.48 -24.99
N LYS D 32 23.07 -26.75 -24.84
CA LYS D 32 21.67 -27.13 -24.95
C LYS D 32 21.32 -28.28 -24.05
N VAL D 33 20.29 -28.08 -23.18
CA VAL D 33 19.64 -29.08 -22.33
C VAL D 33 18.18 -29.09 -22.80
N TYR D 34 17.73 -30.23 -23.34
CA TYR D 34 16.37 -30.38 -23.87
C TYR D 34 15.68 -31.44 -23.01
N SER D 35 14.53 -31.07 -22.42
CA SER D 35 13.76 -31.90 -21.50
C SER D 35 12.31 -32.05 -21.88
N TYR D 36 11.65 -33.09 -21.36
CA TYR D 36 10.26 -33.33 -21.73
C TYR D 36 9.46 -33.89 -20.54
N PHE D 37 8.15 -33.70 -20.59
CA PHE D 37 7.20 -34.18 -19.62
C PHE D 37 6.25 -35.20 -20.27
N GLU D 38 5.96 -36.27 -19.52
CA GLU D 38 5.06 -37.32 -19.95
C GLU D 38 4.36 -38.00 -18.77
N CYS D 39 3.26 -38.69 -19.07
CA CYS D 39 2.57 -39.47 -18.07
C CYS D 39 2.93 -40.91 -18.43
N ARG D 40 4.08 -41.34 -17.91
CA ARG D 40 4.72 -42.64 -18.16
C ARG D 40 3.74 -43.78 -18.05
N GLU D 41 3.79 -44.75 -18.99
CA GLU D 41 2.97 -45.96 -18.99
C GLU D 41 3.49 -46.87 -17.88
N LYS D 42 2.62 -47.66 -17.24
CA LYS D 42 3.09 -48.59 -16.22
C LYS D 42 3.05 -50.03 -16.73
N LYS D 53 -8.48 -48.16 -16.68
CA LYS D 53 -8.24 -47.01 -15.79
C LYS D 53 -6.97 -46.27 -16.14
N TYR D 54 -7.08 -44.94 -16.25
CA TYR D 54 -6.03 -43.98 -16.57
C TYR D 54 -5.17 -44.25 -17.81
N GLU D 55 -5.80 -44.75 -18.88
CA GLU D 55 -5.20 -45.06 -20.19
C GLU D 55 -4.83 -43.79 -20.99
N GLU D 56 -5.56 -42.69 -20.77
CA GLU D 56 -5.42 -41.40 -21.43
C GLU D 56 -5.53 -40.27 -20.43
N THR D 57 -4.82 -39.17 -20.67
CA THR D 57 -4.79 -38.01 -19.75
C THR D 57 -5.27 -36.74 -20.41
N VAL D 58 -5.89 -35.83 -19.62
CA VAL D 58 -6.30 -34.49 -20.11
C VAL D 58 -5.12 -33.54 -19.82
N PHE D 59 -4.61 -32.84 -20.84
CA PHE D 59 -3.49 -31.90 -20.63
C PHE D 59 -4.09 -30.55 -20.24
N TYR D 60 -3.82 -30.10 -19.02
CA TYR D 60 -4.42 -28.86 -18.57
C TYR D 60 -3.64 -28.22 -17.46
N GLY D 61 -3.54 -26.90 -17.49
CA GLY D 61 -2.92 -26.16 -16.41
C GLY D 61 -1.61 -25.48 -16.70
N LEU D 62 -0.94 -25.82 -17.82
CA LEU D 62 0.34 -25.20 -18.14
C LEU D 62 0.20 -23.66 -18.35
N GLN D 63 -0.85 -23.23 -19.05
CA GLN D 63 -1.15 -21.81 -19.33
C GLN D 63 -1.21 -20.98 -18.03
N TYR D 64 -1.75 -21.59 -16.96
CA TYR D 64 -1.80 -20.97 -15.64
C TYR D 64 -0.36 -20.68 -15.14
N ILE D 65 0.51 -21.71 -15.14
CA ILE D 65 1.93 -21.65 -14.72
C ILE D 65 2.70 -20.61 -15.55
N LEU D 66 2.56 -20.65 -16.90
CA LEU D 66 3.23 -19.72 -17.80
C LEU D 66 2.93 -18.27 -17.48
N ASN D 67 1.64 -17.93 -17.33
CA ASN D 67 1.18 -16.57 -17.06
C ASN D 67 1.50 -16.07 -15.66
N LYS D 68 1.33 -16.93 -14.64
CA LYS D 68 1.57 -16.51 -13.27
C LYS D 68 3.02 -16.43 -12.88
N TYR D 69 3.83 -17.41 -13.32
CA TYR D 69 5.21 -17.53 -12.88
C TYR D 69 6.37 -17.34 -13.89
N LEU D 70 6.16 -17.65 -15.16
CA LEU D 70 7.27 -17.61 -16.14
C LEU D 70 7.36 -16.40 -17.08
N LYS D 71 6.24 -15.71 -17.40
CA LYS D 71 6.23 -14.61 -18.38
C LYS D 71 6.77 -13.22 -17.92
N GLY D 72 7.26 -12.44 -18.88
CA GLY D 72 7.77 -11.11 -18.61
C GLY D 72 9.08 -11.06 -17.85
N LYS D 73 9.33 -9.90 -17.23
CA LYS D 73 10.52 -9.62 -16.45
C LYS D 73 10.38 -10.31 -15.10
N VAL D 74 11.01 -11.49 -14.97
CA VAL D 74 10.95 -12.29 -13.74
C VAL D 74 12.24 -12.21 -12.92
N VAL D 75 13.31 -11.73 -13.56
CA VAL D 75 14.63 -11.51 -12.97
C VAL D 75 14.81 -9.99 -12.82
N THR D 76 15.18 -9.57 -11.59
CA THR D 76 15.49 -8.19 -11.21
C THR D 76 16.78 -8.23 -10.38
N LYS D 77 17.44 -7.06 -10.20
CA LYS D 77 18.68 -6.97 -9.42
C LYS D 77 18.42 -7.28 -7.94
N GLU D 78 17.23 -6.89 -7.45
CA GLU D 78 16.79 -7.12 -6.07
C GLU D 78 16.58 -8.62 -5.81
N LYS D 79 15.93 -9.33 -6.78
CA LYS D 79 15.66 -10.76 -6.77
C LYS D 79 16.96 -11.57 -6.82
N ILE D 80 17.98 -11.09 -7.60
CA ILE D 80 19.31 -11.74 -7.68
C ILE D 80 20.00 -11.64 -6.33
N GLN D 81 19.97 -10.45 -5.70
CA GLN D 81 20.60 -10.19 -4.39
C GLN D 81 19.89 -11.00 -3.30
N GLU D 82 18.53 -10.98 -3.32
CA GLU D 82 17.76 -11.77 -2.34
C GLU D 82 18.13 -13.25 -2.37
N ALA D 83 18.19 -13.85 -3.57
CA ALA D 83 18.54 -15.27 -3.72
C ALA D 83 19.96 -15.55 -3.25
N LYS D 84 20.94 -14.70 -3.65
CA LYS D 84 22.35 -14.78 -3.27
C LYS D 84 22.53 -14.86 -1.73
N ASP D 85 21.85 -13.94 -0.99
CA ASP D 85 21.87 -13.82 0.48
C ASP D 85 21.19 -15.02 1.17
N VAL D 86 20.04 -15.49 0.63
CA VAL D 86 19.34 -16.67 1.14
C VAL D 86 20.22 -17.92 0.96
N TYR D 87 20.70 -18.16 -0.29
CA TYR D 87 21.53 -19.29 -0.65
C TYR D 87 22.86 -19.47 0.09
N LYS D 88 23.56 -18.35 0.41
CA LYS D 88 24.83 -18.40 1.16
C LYS D 88 24.62 -19.09 2.51
N GLU D 89 23.50 -18.78 3.19
CA GLU D 89 23.19 -19.35 4.48
C GLU D 89 22.69 -20.77 4.31
N HIS D 90 21.77 -20.97 3.34
CA HIS D 90 21.12 -22.25 3.03
C HIS D 90 22.13 -23.36 2.70
N PHE D 91 23.20 -23.03 1.96
CA PHE D 91 24.25 -23.98 1.59
C PHE D 91 25.50 -23.91 2.48
N GLN D 92 25.60 -22.84 3.30
CA GLN D 92 26.76 -22.56 4.16
C GLN D 92 28.01 -22.32 3.26
N ASP D 93 27.75 -21.95 1.97
CA ASP D 93 28.72 -21.69 0.91
C ASP D 93 28.10 -20.76 -0.16
N ASP D 94 28.97 -20.22 -1.04
CA ASP D 94 28.58 -19.36 -2.15
C ASP D 94 28.65 -20.18 -3.42
N VAL D 95 27.55 -20.88 -3.74
CA VAL D 95 27.41 -21.75 -4.90
C VAL D 95 26.24 -21.33 -5.82
N PHE D 96 25.94 -20.02 -5.81
CA PHE D 96 24.86 -19.42 -6.60
C PHE D 96 25.38 -18.73 -7.91
N ASN D 97 24.77 -19.09 -9.06
CA ASN D 97 25.11 -18.56 -10.37
C ASN D 97 24.63 -17.12 -10.54
N GLU D 98 25.22 -16.21 -9.78
CA GLU D 98 24.91 -14.80 -9.85
C GLU D 98 25.17 -14.23 -11.25
N LYS D 99 26.28 -14.67 -11.93
CA LYS D 99 26.64 -14.19 -13.28
C LYS D 99 25.63 -14.67 -14.32
N GLY D 100 25.24 -15.94 -14.21
CA GLY D 100 24.24 -16.59 -15.05
C GLY D 100 22.93 -15.86 -15.05
N TRP D 101 22.42 -15.53 -13.85
CA TRP D 101 21.16 -14.77 -13.68
C TRP D 101 21.29 -13.30 -14.08
N ASN D 102 22.50 -12.68 -13.90
CA ASN D 102 22.76 -11.30 -14.31
C ASN D 102 22.83 -11.19 -15.82
N TYR D 103 23.35 -12.25 -16.50
CA TYR D 103 23.39 -12.36 -17.97
C TYR D 103 21.94 -12.27 -18.49
N ILE D 104 20.99 -13.04 -17.88
CA ILE D 104 19.56 -13.03 -18.25
C ILE D 104 19.02 -11.62 -18.07
N LEU D 105 19.38 -10.96 -16.94
CA LEU D 105 18.94 -9.60 -16.62
C LEU D 105 19.43 -8.54 -17.63
N GLU D 106 20.74 -8.53 -17.92
CA GLU D 106 21.31 -7.55 -18.84
C GLU D 106 20.93 -7.84 -20.30
N LYS D 107 21.11 -9.11 -20.75
CA LYS D 107 20.83 -9.52 -22.12
C LYS D 107 19.37 -9.58 -22.54
N TYR D 108 18.45 -10.04 -21.66
CA TYR D 108 17.04 -10.22 -22.00
C TYR D 108 16.02 -9.40 -21.23
N ASP D 109 16.46 -8.40 -20.47
CA ASP D 109 15.61 -7.55 -19.63
C ASP D 109 14.84 -8.42 -18.61
N GLY D 110 15.51 -9.42 -18.07
CA GLY D 110 14.96 -10.34 -17.07
C GLY D 110 13.95 -11.36 -17.55
N HIS D 111 13.80 -11.53 -18.87
CA HIS D 111 12.90 -12.50 -19.50
C HIS D 111 13.66 -13.83 -19.68
N LEU D 112 12.99 -14.96 -19.47
CA LEU D 112 13.63 -16.25 -19.56
C LEU D 112 13.94 -16.70 -20.99
N PRO D 113 15.23 -16.90 -21.36
CA PRO D 113 15.53 -17.45 -22.70
C PRO D 113 15.26 -18.97 -22.73
N ILE D 114 13.99 -19.32 -22.92
CA ILE D 114 13.48 -20.68 -22.89
C ILE D 114 12.40 -20.82 -23.92
N GLU D 115 12.22 -22.01 -24.45
CA GLU D 115 11.14 -22.34 -25.37
C GLU D 115 10.41 -23.59 -24.86
N ILE D 116 9.08 -23.48 -24.71
CA ILE D 116 8.14 -24.52 -24.30
C ILE D 116 7.15 -24.77 -25.43
N LYS D 117 7.09 -26.02 -25.86
CA LYS D 117 6.25 -26.56 -26.91
C LYS D 117 5.31 -27.51 -26.20
N ALA D 118 3.99 -27.41 -26.46
CA ALA D 118 3.03 -28.25 -25.77
C ALA D 118 1.86 -28.65 -26.61
N VAL D 119 1.28 -29.81 -26.26
CA VAL D 119 0.05 -30.32 -26.87
C VAL D 119 -1.10 -29.35 -26.44
N PRO D 120 -2.10 -29.04 -27.30
CA PRO D 120 -3.12 -28.06 -26.87
C PRO D 120 -3.85 -28.48 -25.59
N GLU D 121 -4.15 -27.50 -24.74
CA GLU D 121 -4.83 -27.71 -23.47
C GLU D 121 -6.23 -28.23 -23.71
N GLY D 122 -6.56 -29.29 -22.99
CA GLY D 122 -7.85 -29.96 -23.13
C GLY D 122 -7.75 -31.25 -23.90
N PHE D 123 -6.68 -31.39 -24.71
CA PHE D 123 -6.38 -32.59 -25.49
C PHE D 123 -6.25 -33.79 -24.59
N VAL D 124 -6.87 -34.89 -25.03
CA VAL D 124 -6.91 -36.18 -24.37
C VAL D 124 -5.89 -37.09 -25.09
N ILE D 125 -4.76 -37.33 -24.45
CA ILE D 125 -3.67 -38.09 -25.03
C ILE D 125 -3.43 -39.37 -24.25
N PRO D 126 -3.16 -40.54 -24.94
CA PRO D 126 -2.84 -41.76 -24.21
C PRO D 126 -1.52 -41.66 -23.45
N ARG D 127 -1.35 -42.47 -22.41
CA ARG D 127 -0.13 -42.51 -21.60
C ARG D 127 1.09 -42.89 -22.41
N GLY D 128 2.26 -42.50 -21.93
CA GLY D 128 3.56 -42.79 -22.53
C GLY D 128 3.91 -41.94 -23.71
N ASN D 129 3.31 -40.73 -23.79
CA ASN D 129 3.46 -39.76 -24.86
C ASN D 129 3.93 -38.40 -24.35
N VAL D 130 4.73 -37.69 -25.18
CA VAL D 130 5.24 -36.37 -24.85
C VAL D 130 4.07 -35.35 -24.78
N LEU D 131 3.98 -34.56 -23.69
CA LEU D 131 2.89 -33.57 -23.58
C LEU D 131 3.43 -32.14 -23.75
N PHE D 132 4.65 -31.95 -23.25
CA PHE D 132 5.41 -30.72 -23.38
C PHE D 132 6.92 -30.94 -23.32
N THR D 133 7.66 -30.06 -24.00
CA THR D 133 9.12 -29.98 -24.06
C THR D 133 9.62 -28.58 -23.64
N VAL D 134 10.82 -28.57 -23.05
CA VAL D 134 11.51 -27.35 -22.57
C VAL D 134 12.97 -27.41 -23.08
N GLU D 135 13.51 -26.24 -23.44
CA GLU D 135 14.89 -26.06 -23.90
C GLU D 135 15.26 -24.62 -23.72
N ASN D 136 16.53 -24.37 -23.56
CA ASN D 136 17.03 -23.01 -23.51
C ASN D 136 17.22 -22.56 -24.98
N THR D 137 17.01 -21.27 -25.24
CA THR D 137 17.15 -20.68 -26.57
C THR D 137 18.50 -19.91 -26.68
N ASP D 138 19.28 -19.90 -25.59
CA ASP D 138 20.57 -19.24 -25.51
C ASP D 138 21.58 -20.20 -24.89
N PRO D 139 22.70 -20.44 -25.61
CA PRO D 139 23.76 -21.35 -25.11
C PRO D 139 24.25 -21.14 -23.69
N GLU D 140 24.26 -19.87 -23.23
CA GLU D 140 24.72 -19.51 -21.88
C GLU D 140 23.80 -20.02 -20.80
N CYS D 141 22.50 -20.16 -21.14
CA CYS D 141 21.46 -20.62 -20.22
C CYS D 141 21.09 -22.09 -20.34
N TYR D 142 22.09 -22.95 -20.60
CA TYR D 142 21.90 -24.42 -20.68
C TYR D 142 21.29 -24.92 -19.33
N TRP D 143 21.69 -24.28 -18.22
CA TRP D 143 21.28 -24.57 -16.85
C TRP D 143 19.79 -24.20 -16.58
N LEU D 144 19.23 -23.26 -17.39
CA LEU D 144 17.88 -22.75 -17.20
C LEU D 144 16.75 -23.77 -17.35
N THR D 145 16.83 -24.69 -18.36
CA THR D 145 15.84 -25.75 -18.64
C THR D 145 15.41 -26.54 -17.39
N ASN D 146 16.40 -27.11 -16.65
CA ASN D 146 16.14 -27.91 -15.47
C ASN D 146 15.98 -27.12 -14.17
N TRP D 147 16.37 -25.82 -14.15
CA TRP D 147 16.09 -24.91 -13.02
C TRP D 147 14.54 -24.83 -12.86
N ILE D 148 13.83 -24.69 -14.01
CA ILE D 148 12.39 -24.53 -14.04
C ILE D 148 11.56 -25.82 -14.02
N GLU D 149 12.20 -27.01 -13.92
CA GLU D 149 11.56 -28.31 -13.82
C GLU D 149 10.56 -28.34 -12.67
N THR D 150 10.96 -27.89 -11.48
CA THR D 150 10.12 -27.89 -10.28
C THR D 150 8.76 -27.20 -10.45
N ILE D 151 8.78 -25.98 -11.03
CA ILE D 151 7.60 -25.17 -11.27
C ILE D 151 6.68 -25.78 -12.34
N LEU D 152 7.28 -26.38 -13.37
CA LEU D 152 6.59 -27.02 -14.49
C LEU D 152 6.02 -28.38 -14.12
N VAL D 153 6.77 -29.17 -13.33
CA VAL D 153 6.36 -30.52 -12.88
C VAL D 153 5.06 -30.48 -12.09
N GLN D 154 4.80 -29.34 -11.45
CA GLN D 154 3.56 -29.11 -10.70
C GLN D 154 2.30 -29.07 -11.59
N SER D 155 2.46 -29.15 -12.93
CA SER D 155 1.35 -29.26 -13.90
C SER D 155 0.73 -30.67 -13.75
N TRP D 156 1.42 -31.58 -13.05
CA TRP D 156 0.91 -32.91 -12.73
C TRP D 156 -0.44 -32.78 -12.02
N TYR D 157 -0.56 -31.77 -11.13
CA TYR D 157 -1.75 -31.57 -10.34
C TYR D 157 -2.97 -31.27 -11.19
N PRO D 158 -3.02 -30.16 -11.96
CA PRO D 158 -4.23 -29.95 -12.80
C PRO D 158 -4.45 -31.09 -13.83
N ILE D 159 -3.38 -31.73 -14.34
CA ILE D 159 -3.53 -32.89 -15.26
C ILE D 159 -4.23 -34.08 -14.55
N THR D 160 -3.84 -34.38 -13.30
CA THR D 160 -4.38 -35.50 -12.52
C THR D 160 -5.84 -35.20 -12.16
N VAL D 161 -6.11 -33.99 -11.62
CA VAL D 161 -7.49 -33.61 -11.28
C VAL D 161 -8.43 -33.67 -12.50
N ALA D 162 -7.98 -33.11 -13.66
CA ALA D 162 -8.81 -33.07 -14.87
C ALA D 162 -9.06 -34.45 -15.45
N THR D 163 -8.07 -35.35 -15.40
CA THR D 163 -8.16 -36.72 -15.89
C THR D 163 -9.04 -37.54 -14.96
N ASN D 164 -8.78 -37.49 -13.65
CA ASN D 164 -9.57 -38.25 -12.66
C ASN D 164 -11.06 -37.83 -12.68
N SER D 165 -11.32 -36.53 -12.79
CA SER D 165 -12.66 -35.99 -12.88
C SER D 165 -13.37 -36.43 -14.19
N ARG D 166 -12.65 -36.53 -15.32
CA ARG D 166 -13.17 -36.98 -16.63
C ARG D 166 -13.54 -38.47 -16.59
N GLU D 167 -12.71 -39.26 -15.89
CA GLU D 167 -12.90 -40.68 -15.71
C GLU D 167 -14.19 -40.95 -14.93
N GLN D 168 -14.54 -40.06 -13.99
CA GLN D 168 -15.77 -40.10 -13.21
C GLN D 168 -16.96 -39.71 -14.09
N LYS D 169 -16.74 -38.75 -15.01
CA LYS D 169 -17.71 -38.29 -15.98
C LYS D 169 -18.11 -39.41 -16.94
N LYS D 170 -17.17 -40.32 -17.31
CA LYS D 170 -17.44 -41.49 -18.18
C LYS D 170 -18.37 -42.45 -17.50
N ILE D 171 -18.12 -42.78 -16.21
CA ILE D 171 -18.95 -43.67 -15.39
C ILE D 171 -20.37 -43.11 -15.29
N LEU D 172 -20.47 -41.82 -14.94
CA LEU D 172 -21.75 -41.11 -14.84
C LEU D 172 -22.53 -41.12 -16.13
N ALA D 173 -21.86 -40.79 -17.27
CA ALA D 173 -22.41 -40.80 -18.63
C ALA D 173 -22.93 -42.22 -19.05
N LYS D 174 -22.12 -43.27 -18.80
CA LYS D 174 -22.49 -44.64 -19.12
C LYS D 174 -23.78 -45.01 -18.38
N TYR D 175 -23.82 -44.80 -17.04
CA TYR D 175 -24.96 -45.11 -16.19
C TYR D 175 -26.20 -44.27 -16.42
N LEU D 176 -26.01 -42.98 -16.68
CA LEU D 176 -27.13 -42.07 -16.94
C LEU D 176 -27.79 -42.43 -18.29
N LEU D 177 -26.98 -42.84 -19.30
CA LEU D 177 -27.49 -43.21 -20.61
C LEU D 177 -28.26 -44.53 -20.52
N GLU D 178 -27.68 -45.53 -19.84
CA GLU D 178 -28.28 -46.86 -19.67
C GLU D 178 -29.56 -46.84 -18.81
N THR D 179 -29.71 -45.90 -17.86
CA THR D 179 -30.88 -45.86 -16.98
C THR D 179 -31.89 -44.76 -17.35
N SER D 180 -31.54 -43.88 -18.28
CA SER D 180 -32.46 -42.78 -18.64
C SER D 180 -32.62 -42.54 -20.13
N GLY D 181 -31.72 -43.10 -20.94
CA GLY D 181 -31.73 -42.96 -22.40
C GLY D 181 -31.07 -41.70 -22.95
N ASN D 182 -30.59 -40.78 -22.08
CA ASN D 182 -29.94 -39.53 -22.49
C ASN D 182 -28.84 -39.11 -21.48
N LEU D 183 -28.16 -37.98 -21.73
CA LEU D 183 -27.08 -37.44 -20.89
C LEU D 183 -27.46 -36.09 -20.30
N ASP D 184 -28.75 -35.90 -19.99
CA ASP D 184 -29.24 -34.63 -19.43
C ASP D 184 -28.81 -34.46 -17.99
N GLY D 185 -28.26 -33.28 -17.69
CA GLY D 185 -27.81 -32.91 -16.37
C GLY D 185 -26.48 -33.52 -15.97
N LEU D 186 -25.78 -34.17 -16.94
CA LEU D 186 -24.46 -34.80 -16.74
C LEU D 186 -23.41 -33.84 -16.12
N GLU D 187 -23.41 -32.59 -16.56
CA GLU D 187 -22.43 -31.60 -16.14
C GLU D 187 -22.61 -31.14 -14.71
N TYR D 188 -23.72 -31.55 -14.09
CA TYR D 188 -24.08 -31.18 -12.72
C TYR D 188 -24.08 -32.36 -11.75
N LYS D 189 -23.74 -33.57 -12.25
CA LYS D 189 -23.73 -34.83 -11.52
C LYS D 189 -22.56 -35.04 -10.54
N LEU D 190 -21.43 -34.35 -10.74
CA LEU D 190 -20.30 -34.42 -9.84
C LEU D 190 -19.91 -33.01 -9.42
N HIS D 191 -20.40 -32.59 -8.24
CA HIS D 191 -20.16 -31.26 -7.65
C HIS D 191 -18.90 -31.29 -6.77
N ASP D 192 -18.03 -30.29 -6.93
CA ASP D 192 -16.79 -30.13 -6.17
C ASP D 192 -17.07 -29.51 -4.80
N PHE D 193 -16.76 -30.25 -3.73
CA PHE D 193 -16.90 -29.89 -2.30
C PHE D 193 -15.49 -29.86 -1.64
N GLY D 194 -14.45 -29.81 -2.48
CA GLY D 194 -13.05 -29.91 -2.07
C GLY D 194 -12.30 -28.73 -1.49
N TYR D 195 -12.92 -27.56 -1.38
CA TYR D 195 -12.29 -26.34 -0.90
C TYR D 195 -11.59 -26.46 0.46
N ARG D 196 -12.30 -26.97 1.47
CA ARG D 196 -11.71 -27.09 2.80
C ARG D 196 -10.65 -28.21 2.93
N GLY D 197 -10.81 -29.27 2.15
CA GLY D 197 -9.99 -30.48 2.21
C GLY D 197 -8.69 -30.45 1.43
N VAL D 198 -8.38 -29.33 0.77
CA VAL D 198 -7.14 -29.18 0.04
C VAL D 198 -6.09 -28.47 0.94
N SER D 199 -4.83 -28.49 0.51
CA SER D 199 -3.66 -28.00 1.25
C SER D 199 -3.43 -26.51 1.30
N SER D 200 -3.97 -25.72 0.33
CA SER D 200 -3.84 -24.25 0.30
C SER D 200 -4.92 -23.61 -0.53
N GLN D 201 -5.00 -22.26 -0.49
CA GLN D 201 -5.92 -21.46 -1.31
C GLN D 201 -5.59 -21.61 -2.79
N GLU D 202 -4.29 -21.63 -3.12
CA GLU D 202 -3.85 -21.75 -4.52
C GLU D 202 -4.24 -23.09 -5.11
N THR D 203 -3.98 -24.20 -4.39
CA THR D 203 -4.35 -25.56 -4.78
C THR D 203 -5.86 -25.62 -5.07
N ALA D 204 -6.68 -24.96 -4.23
CA ALA D 204 -8.15 -24.94 -4.35
C ALA D 204 -8.60 -24.39 -5.71
N GLY D 205 -8.03 -23.24 -6.11
CA GLY D 205 -8.30 -22.62 -7.39
C GLY D 205 -7.84 -23.49 -8.54
N ILE D 206 -6.58 -24.05 -8.43
CA ILE D 206 -6.06 -24.93 -9.48
C ILE D 206 -6.91 -26.19 -9.65
N GLY D 207 -7.10 -26.93 -8.55
CA GLY D 207 -7.90 -28.15 -8.54
C GLY D 207 -9.30 -27.89 -9.03
N ALA D 208 -9.96 -26.82 -8.51
CA ALA D 208 -11.34 -26.50 -8.91
C ALA D 208 -11.46 -26.18 -10.41
N SER D 209 -10.52 -25.38 -10.94
CA SER D 209 -10.48 -25.08 -12.37
C SER D 209 -10.34 -26.38 -13.18
N ALA D 210 -9.53 -27.33 -12.69
CA ALA D 210 -9.34 -28.62 -13.36
C ALA D 210 -10.60 -29.50 -13.42
N HIS D 211 -11.43 -29.46 -12.35
CA HIS D 211 -12.69 -30.22 -12.28
C HIS D 211 -13.72 -29.61 -13.26
N LEU D 212 -13.74 -28.27 -13.38
CA LEU D 212 -14.60 -27.51 -14.28
C LEU D 212 -14.38 -27.76 -15.81
N VAL D 213 -13.29 -28.44 -16.20
CA VAL D 213 -12.97 -28.79 -17.59
C VAL D 213 -14.05 -29.79 -18.10
N ASN D 214 -14.54 -30.62 -17.17
CA ASN D 214 -15.48 -31.73 -17.31
C ASN D 214 -16.89 -31.47 -16.80
N PHE D 215 -17.03 -30.73 -15.69
CA PHE D 215 -18.29 -30.48 -15.03
C PHE D 215 -18.57 -28.97 -14.86
N LYS D 216 -19.78 -28.62 -14.42
CA LYS D 216 -20.23 -27.24 -14.20
C LYS D 216 -20.59 -26.95 -12.75
N GLY D 217 -20.63 -27.99 -11.90
CA GLY D 217 -20.95 -27.80 -10.50
C GLY D 217 -19.73 -27.69 -9.62
N THR D 218 -19.63 -26.59 -8.86
CA THR D 218 -18.55 -26.36 -7.91
C THR D 218 -18.92 -25.44 -6.75
N ASP D 219 -18.43 -25.77 -5.55
CA ASP D 219 -18.56 -24.90 -4.39
C ASP D 219 -17.21 -24.22 -4.11
N THR D 220 -16.17 -24.59 -4.85
CA THR D 220 -14.83 -24.00 -4.70
C THR D 220 -14.75 -22.74 -5.55
N VAL D 221 -15.24 -21.65 -4.99
CA VAL D 221 -15.33 -20.33 -5.63
C VAL D 221 -14.02 -19.91 -6.29
N ALA D 222 -12.88 -20.19 -5.64
CA ALA D 222 -11.51 -19.87 -6.10
C ALA D 222 -11.22 -20.28 -7.56
N GLY D 223 -11.86 -21.35 -8.00
CA GLY D 223 -11.72 -21.88 -9.35
C GLY D 223 -12.25 -20.92 -10.40
N LEU D 224 -13.29 -20.14 -10.04
CA LEU D 224 -13.93 -19.17 -10.92
C LEU D 224 -13.03 -18.02 -11.28
N ALA D 225 -12.36 -17.43 -10.26
CA ALA D 225 -11.42 -16.32 -10.42
C ALA D 225 -10.22 -16.73 -11.23
N LEU D 226 -9.75 -17.99 -11.08
CA LEU D 226 -8.61 -18.53 -11.83
C LEU D 226 -8.98 -18.58 -13.31
N ILE D 227 -10.08 -19.27 -13.66
CA ILE D 227 -10.55 -19.43 -15.03
C ILE D 227 -10.72 -18.09 -15.76
N LYS D 228 -11.35 -17.10 -15.08
CA LYS D 228 -11.54 -15.75 -15.60
C LYS D 228 -10.20 -15.09 -15.89
N LYS D 229 -9.24 -15.19 -14.96
CA LYS D 229 -7.95 -14.54 -15.14
C LYS D 229 -7.01 -15.18 -16.18
N TYR D 230 -6.95 -16.51 -16.22
CA TYR D 230 -5.97 -17.20 -17.04
C TYR D 230 -6.43 -17.89 -18.28
N TYR D 231 -7.76 -18.09 -18.44
CA TYR D 231 -8.34 -18.81 -19.59
C TYR D 231 -9.48 -18.07 -20.27
N GLY D 232 -10.55 -17.82 -19.51
CA GLY D 232 -11.72 -17.10 -19.96
C GLY D 232 -12.75 -17.95 -20.64
N THR D 233 -14.03 -17.66 -20.36
CA THR D 233 -15.20 -18.30 -20.97
C THR D 233 -16.09 -17.22 -21.59
N LYS D 234 -16.88 -17.62 -22.59
CA LYS D 234 -17.90 -16.80 -23.26
C LYS D 234 -19.06 -16.69 -22.25
N ASP D 235 -19.30 -17.76 -21.46
CA ASP D 235 -20.31 -17.85 -20.40
C ASP D 235 -20.06 -16.81 -19.27
N PRO D 236 -21.14 -16.32 -18.59
CA PRO D 236 -20.93 -15.31 -17.52
C PRO D 236 -20.07 -15.81 -16.35
N VAL D 237 -20.18 -17.12 -16.03
CA VAL D 237 -19.34 -17.80 -15.03
C VAL D 237 -18.96 -19.23 -15.52
N PRO D 238 -17.79 -19.77 -15.08
CA PRO D 238 -17.41 -21.14 -15.46
C PRO D 238 -18.19 -22.22 -14.71
N GLY D 239 -18.61 -21.92 -13.49
CA GLY D 239 -19.28 -22.87 -12.61
C GLY D 239 -20.44 -22.31 -11.82
N TYR D 240 -21.32 -23.22 -11.42
CA TYR D 240 -22.60 -22.96 -10.79
C TYR D 240 -22.80 -23.75 -9.53
N SER D 241 -23.68 -23.23 -8.67
CA SER D 241 -24.04 -23.86 -7.40
C SER D 241 -25.49 -23.56 -7.05
N VAL D 242 -25.98 -24.16 -5.95
CA VAL D 242 -27.35 -24.00 -5.44
C VAL D 242 -27.27 -23.73 -3.93
N PRO D 243 -28.28 -23.06 -3.32
CA PRO D 243 -28.26 -22.90 -1.86
C PRO D 243 -28.29 -24.29 -1.20
N ALA D 244 -27.54 -24.40 -0.10
CA ALA D 244 -27.42 -25.66 0.61
C ALA D 244 -27.19 -25.41 2.07
N ALA D 245 -27.62 -26.38 2.90
CA ALA D 245 -27.41 -26.30 4.35
C ALA D 245 -26.12 -27.00 4.76
N GLU D 246 -25.64 -26.67 5.95
CA GLU D 246 -24.52 -27.30 6.60
C GLU D 246 -25.00 -27.73 7.96
N HIS D 247 -24.24 -28.59 8.66
CA HIS D 247 -24.62 -29.07 10.00
C HIS D 247 -24.85 -27.92 10.98
N SER D 248 -24.05 -26.83 10.90
CA SER D 248 -24.23 -25.67 11.77
C SER D 248 -25.62 -25.01 11.60
N THR D 249 -26.13 -24.89 10.36
CA THR D 249 -27.43 -24.25 10.13
C THR D 249 -28.58 -25.14 10.56
N ILE D 250 -28.32 -26.45 10.77
CA ILE D 250 -29.31 -27.42 11.27
C ILE D 250 -29.23 -27.54 12.79
N THR D 251 -28.05 -27.92 13.29
CA THR D 251 -27.81 -28.10 14.72
C THR D 251 -27.98 -26.84 15.56
N ALA D 252 -27.88 -25.62 14.96
CA ALA D 252 -28.02 -24.36 15.71
C ALA D 252 -29.40 -24.16 16.30
N TRP D 253 -30.41 -24.82 15.73
CA TRP D 253 -31.79 -24.78 16.15
C TRP D 253 -32.00 -25.61 17.41
N GLY D 254 -31.02 -26.47 17.70
CA GLY D 254 -31.06 -27.38 18.84
C GLY D 254 -31.57 -28.73 18.39
N LYS D 255 -31.18 -29.80 19.14
CA LYS D 255 -31.51 -31.20 18.84
C LYS D 255 -32.99 -31.50 18.60
N ASP D 256 -33.89 -30.89 19.38
CA ASP D 256 -35.35 -31.10 19.26
C ASP D 256 -36.02 -30.31 18.15
N HIS D 257 -35.28 -29.40 17.49
CA HIS D 257 -35.85 -28.52 16.48
C HIS D 257 -35.31 -28.72 15.05
N GLU D 258 -35.00 -29.97 14.66
CA GLU D 258 -34.52 -30.31 13.30
C GLU D 258 -35.61 -30.04 12.28
N LYS D 259 -36.89 -30.38 12.63
CA LYS D 259 -38.05 -30.14 11.79
C LYS D 259 -38.18 -28.63 11.50
N ASP D 260 -37.98 -27.79 12.55
CA ASP D 260 -38.05 -26.33 12.45
C ASP D 260 -36.95 -25.78 11.58
N ALA D 261 -35.74 -26.40 11.67
CA ALA D 261 -34.55 -26.02 10.89
C ALA D 261 -34.85 -26.29 9.42
N PHE D 262 -35.38 -27.49 9.11
CA PHE D 262 -35.78 -27.92 7.76
C PHE D 262 -36.85 -27.04 7.14
N GLU D 263 -37.94 -26.78 7.88
CA GLU D 263 -39.08 -25.95 7.44
C GLU D 263 -38.62 -24.56 7.00
N HIS D 264 -37.81 -23.90 7.86
CA HIS D 264 -37.27 -22.56 7.62
C HIS D 264 -36.42 -22.51 6.34
N ILE D 265 -35.48 -23.47 6.18
CA ILE D 265 -34.58 -23.53 5.02
C ILE D 265 -35.32 -23.74 3.69
N VAL D 266 -36.29 -24.66 3.64
CA VAL D 266 -37.07 -24.88 2.41
C VAL D 266 -38.00 -23.70 2.06
N THR D 267 -38.44 -22.92 3.09
CA THR D 267 -39.29 -21.75 2.93
C THR D 267 -38.43 -20.58 2.42
N GLN D 268 -37.21 -20.40 2.98
CA GLN D 268 -36.28 -19.37 2.52
C GLN D 268 -35.82 -19.66 1.08
N PHE D 269 -35.74 -20.94 0.68
CA PHE D 269 -35.31 -21.32 -0.67
C PHE D 269 -36.41 -22.14 -1.37
N SER D 270 -37.61 -21.55 -1.49
CA SER D 270 -38.79 -22.20 -2.09
C SER D 270 -38.84 -22.12 -3.59
N SER D 271 -38.15 -21.14 -4.19
CA SER D 271 -38.20 -20.96 -5.65
C SER D 271 -36.91 -21.34 -6.40
N VAL D 272 -35.92 -21.92 -5.68
CA VAL D 272 -34.62 -22.39 -6.21
C VAL D 272 -34.32 -23.82 -5.67
N PRO D 273 -33.43 -24.67 -6.28
CA PRO D 273 -33.11 -25.97 -5.66
C PRO D 273 -32.35 -25.74 -4.35
N VAL D 274 -32.63 -26.57 -3.35
CA VAL D 274 -32.03 -26.42 -2.04
C VAL D 274 -31.58 -27.77 -1.52
N SER D 275 -30.28 -27.85 -1.23
CA SER D 275 -29.70 -29.08 -0.71
C SER D 275 -29.78 -29.02 0.80
N VAL D 276 -30.44 -30.00 1.41
CA VAL D 276 -30.58 -29.99 2.87
C VAL D 276 -29.95 -31.22 3.50
N VAL D 277 -28.82 -30.98 4.25
CA VAL D 277 -28.08 -32.03 4.98
C VAL D 277 -29.03 -32.67 6.03
N SER D 278 -29.25 -33.98 5.92
CA SER D 278 -30.31 -34.63 6.72
C SER D 278 -29.87 -35.69 7.75
N ASP D 279 -28.57 -35.79 8.01
CA ASP D 279 -28.02 -36.82 8.86
C ASP D 279 -27.53 -36.37 10.23
N SER D 280 -27.65 -35.04 10.59
CA SER D 280 -27.14 -34.50 11.88
C SER D 280 -27.42 -35.38 13.09
N TYR D 281 -28.55 -36.12 13.08
CA TYR D 281 -28.94 -36.98 14.21
C TYR D 281 -29.31 -38.39 13.72
N ASP D 282 -30.32 -38.50 12.83
CA ASP D 282 -30.73 -39.77 12.26
C ASP D 282 -31.28 -39.52 10.84
N ILE D 283 -30.47 -39.87 9.80
CA ILE D 283 -30.82 -39.74 8.39
C ILE D 283 -32.13 -40.43 8.01
N TYR D 284 -32.32 -41.67 8.44
CA TYR D 284 -33.50 -42.48 8.10
C TYR D 284 -34.78 -41.91 8.70
N ASN D 285 -34.68 -41.39 9.92
CA ASN D 285 -35.78 -40.75 10.60
C ASN D 285 -36.13 -39.45 9.88
N ALA D 286 -35.10 -38.70 9.44
CA ALA D 286 -35.31 -37.42 8.73
C ALA D 286 -36.04 -37.66 7.42
N CYS D 287 -35.70 -38.75 6.74
CA CYS D 287 -36.34 -39.14 5.50
C CYS D 287 -37.78 -39.67 5.70
N GLU D 288 -37.98 -40.65 6.58
CA GLU D 288 -39.28 -41.29 6.83
C GLU D 288 -40.33 -40.43 7.55
N LYS D 289 -39.91 -39.81 8.66
CA LYS D 289 -40.77 -39.00 9.51
C LYS D 289 -40.77 -37.51 9.15
N ILE D 290 -39.61 -36.83 9.13
CA ILE D 290 -39.58 -35.37 8.91
C ILE D 290 -39.95 -34.95 7.49
N TRP D 291 -39.16 -35.36 6.48
CA TRP D 291 -39.50 -35.03 5.09
C TRP D 291 -40.73 -35.78 4.63
N GLY D 292 -40.77 -37.09 4.88
CA GLY D 292 -41.81 -37.99 4.41
C GLY D 292 -43.18 -37.88 5.04
N GLU D 293 -43.31 -37.16 6.16
CA GLU D 293 -44.59 -37.01 6.87
C GLU D 293 -44.80 -35.60 7.40
N ASP D 294 -44.00 -35.14 8.36
CA ASP D 294 -44.17 -33.82 8.95
C ASP D 294 -44.07 -32.62 8.01
N LEU D 295 -43.15 -32.69 7.04
CA LEU D 295 -42.90 -31.59 6.12
C LEU D 295 -43.17 -31.99 4.68
N ARG D 296 -43.85 -33.14 4.45
CA ARG D 296 -44.23 -33.64 3.12
C ARG D 296 -45.03 -32.57 2.30
N HIS D 297 -45.83 -31.75 3.02
CA HIS D 297 -46.66 -30.69 2.45
C HIS D 297 -45.80 -29.55 1.88
N LEU D 298 -44.53 -29.45 2.29
CA LEU D 298 -43.60 -28.43 1.79
C LEU D 298 -42.71 -28.96 0.65
N ILE D 299 -42.83 -30.28 0.34
CA ILE D 299 -42.03 -30.96 -0.69
C ILE D 299 -42.86 -31.19 -1.97
N VAL D 300 -44.08 -31.80 -1.82
CA VAL D 300 -45.00 -32.13 -2.92
C VAL D 300 -45.52 -30.89 -3.65
N SER D 301 -45.33 -29.71 -3.02
CA SER D 301 -45.70 -28.38 -3.50
C SER D 301 -44.57 -27.68 -4.29
N ARG D 302 -43.35 -28.25 -4.32
CA ARG D 302 -42.21 -27.64 -5.01
C ARG D 302 -42.19 -27.82 -6.54
N SER D 303 -41.44 -26.97 -7.24
CA SER D 303 -41.30 -27.10 -8.70
C SER D 303 -40.19 -28.04 -9.13
N THR D 304 -40.23 -28.47 -10.40
CA THR D 304 -39.24 -29.31 -11.08
C THR D 304 -37.88 -28.60 -11.12
N GLN D 305 -37.88 -27.28 -11.28
CA GLN D 305 -36.69 -26.45 -11.33
C GLN D 305 -36.14 -26.08 -9.94
N ALA D 306 -36.92 -26.34 -8.89
CA ALA D 306 -36.58 -26.01 -7.52
C ALA D 306 -36.84 -27.19 -6.58
N PRO D 307 -36.28 -28.39 -6.82
CA PRO D 307 -36.55 -29.50 -5.87
C PRO D 307 -35.83 -29.34 -4.53
N LEU D 308 -36.18 -30.23 -3.62
CA LEU D 308 -35.50 -30.39 -2.35
C LEU D 308 -34.46 -31.47 -2.69
N ILE D 309 -33.21 -31.22 -2.35
CA ILE D 309 -32.18 -32.21 -2.59
C ILE D 309 -31.78 -32.75 -1.21
N ILE D 310 -32.22 -33.98 -0.90
CA ILE D 310 -31.88 -34.63 0.37
C ILE D 310 -30.40 -35.00 0.33
N ARG D 311 -29.74 -34.64 1.40
CA ARG D 311 -28.34 -34.87 1.50
C ARG D 311 -27.89 -35.76 2.68
N PRO D 312 -27.69 -37.08 2.45
CA PRO D 312 -27.05 -37.88 3.50
C PRO D 312 -25.55 -37.50 3.56
N ASP D 313 -24.89 -37.65 4.73
CA ASP D 313 -23.49 -37.25 4.85
C ASP D 313 -22.64 -38.21 5.73
N SER D 314 -23.15 -39.41 6.00
CA SER D 314 -22.46 -40.38 6.87
C SER D 314 -22.93 -41.80 6.65
N GLY D 315 -22.11 -42.75 7.13
CA GLY D 315 -22.38 -44.17 7.00
C GLY D 315 -21.80 -44.70 5.71
N ASN D 316 -22.12 -45.96 5.37
CA ASN D 316 -21.65 -46.58 4.14
C ASN D 316 -22.33 -45.86 2.96
N PRO D 317 -21.55 -45.24 2.03
CA PRO D 317 -22.19 -44.50 0.90
C PRO D 317 -23.22 -45.26 0.10
N LEU D 318 -22.96 -46.54 -0.26
CA LEU D 318 -23.91 -47.33 -1.05
C LEU D 318 -25.17 -47.72 -0.28
N ASP D 319 -25.04 -48.22 0.96
CA ASP D 319 -26.17 -48.67 1.77
C ASP D 319 -27.12 -47.52 2.13
N THR D 320 -26.56 -46.34 2.42
CA THR D 320 -27.27 -45.11 2.80
C THR D 320 -28.12 -44.61 1.64
N VAL D 321 -27.53 -44.47 0.44
CA VAL D 321 -28.22 -44.08 -0.79
C VAL D 321 -29.40 -45.04 -1.03
N LEU D 322 -29.14 -46.37 -1.09
CA LEU D 322 -30.21 -47.33 -1.32
C LEU D 322 -31.33 -47.22 -0.27
N LYS D 323 -30.98 -47.18 1.04
CA LYS D 323 -31.96 -47.08 2.10
C LYS D 323 -32.77 -45.80 2.01
N VAL D 324 -32.10 -44.65 1.71
CA VAL D 324 -32.74 -43.34 1.52
C VAL D 324 -33.82 -43.44 0.42
N LEU D 325 -33.45 -44.03 -0.74
CA LEU D 325 -34.30 -44.24 -1.91
C LEU D 325 -35.50 -45.15 -1.62
N GLU D 326 -35.31 -46.16 -0.74
CA GLU D 326 -36.37 -47.08 -0.33
C GLU D 326 -37.38 -46.35 0.58
N ILE D 327 -36.87 -45.57 1.52
CA ILE D 327 -37.71 -44.81 2.43
C ILE D 327 -38.54 -43.76 1.65
N LEU D 328 -37.87 -42.97 0.80
CA LEU D 328 -38.47 -41.93 -0.02
C LEU D 328 -39.52 -42.52 -0.95
N GLY D 329 -39.19 -43.66 -1.57
CA GLY D 329 -40.07 -44.40 -2.47
C GLY D 329 -41.36 -44.88 -1.85
N LYS D 330 -41.38 -45.04 -0.52
CA LYS D 330 -42.56 -45.45 0.24
C LYS D 330 -43.39 -44.24 0.70
N LYS D 331 -42.83 -43.02 0.67
CA LYS D 331 -43.54 -41.82 1.12
C LYS D 331 -43.93 -40.86 -0.02
N PHE D 332 -43.28 -41.02 -1.18
CA PHE D 332 -43.49 -40.19 -2.35
C PHE D 332 -43.82 -41.06 -3.56
N PRO D 333 -44.65 -40.57 -4.51
CA PRO D 333 -45.00 -41.41 -5.66
C PRO D 333 -43.83 -41.61 -6.64
N VAL D 334 -43.42 -42.86 -6.77
CA VAL D 334 -42.36 -43.26 -7.70
C VAL D 334 -42.99 -43.65 -9.03
N THR D 335 -42.48 -43.08 -10.13
CA THR D 335 -42.91 -43.43 -11.48
C THR D 335 -41.81 -44.27 -12.16
N GLU D 336 -41.96 -44.50 -13.47
CA GLU D 336 -41.00 -45.28 -14.25
C GLU D 336 -40.62 -44.49 -15.48
N ASN D 337 -39.31 -44.37 -15.77
CA ASN D 337 -38.94 -43.63 -16.99
C ASN D 337 -39.07 -44.50 -18.27
N SER D 338 -38.80 -43.89 -19.47
CA SER D 338 -38.86 -44.53 -20.79
C SER D 338 -37.95 -45.78 -20.94
N LYS D 339 -36.95 -45.92 -20.03
CA LYS D 339 -36.00 -47.04 -20.00
C LYS D 339 -36.37 -48.12 -19.01
N GLY D 340 -37.46 -47.92 -18.27
CA GLY D 340 -37.91 -48.89 -17.27
C GLY D 340 -37.27 -48.74 -15.90
N TYR D 341 -36.70 -47.57 -15.60
CA TYR D 341 -36.04 -47.31 -14.33
C TYR D 341 -36.90 -46.40 -13.46
N LYS D 342 -36.80 -46.60 -12.15
CA LYS D 342 -37.59 -45.89 -11.14
C LYS D 342 -37.13 -44.46 -11.00
N LEU D 343 -38.11 -43.59 -10.83
CA LEU D 343 -37.86 -42.18 -10.77
C LEU D 343 -38.64 -41.56 -9.65
N LEU D 344 -37.95 -40.80 -8.77
CA LEU D 344 -38.56 -40.01 -7.68
C LEU D 344 -39.36 -38.83 -8.31
N PRO D 345 -40.35 -38.24 -7.61
CA PRO D 345 -41.05 -37.08 -8.19
C PRO D 345 -40.10 -35.89 -8.47
N PRO D 346 -40.35 -35.08 -9.53
CA PRO D 346 -39.36 -34.05 -9.91
C PRO D 346 -38.98 -33.00 -8.87
N TYR D 347 -39.77 -32.88 -7.79
CA TYR D 347 -39.50 -31.94 -6.70
C TYR D 347 -38.59 -32.57 -5.61
N LEU D 348 -38.08 -33.79 -5.88
CA LEU D 348 -37.29 -34.55 -4.92
C LEU D 348 -36.14 -35.26 -5.61
N ARG D 349 -34.91 -34.94 -5.16
CA ARG D 349 -33.63 -35.51 -5.61
C ARG D 349 -32.72 -35.85 -4.41
N VAL D 350 -31.61 -36.56 -4.65
CA VAL D 350 -30.63 -36.92 -3.60
C VAL D 350 -29.22 -36.54 -4.06
N ILE D 351 -28.36 -36.04 -3.14
CA ILE D 351 -26.94 -35.83 -3.33
C ILE D 351 -26.17 -36.70 -2.35
N GLN D 352 -25.33 -37.63 -2.85
CA GLN D 352 -24.44 -38.39 -1.97
C GLN D 352 -23.12 -37.62 -2.00
N GLY D 353 -22.80 -36.91 -0.91
CA GLY D 353 -21.59 -36.09 -0.85
C GLY D 353 -20.54 -36.46 0.16
N ASP D 354 -20.50 -37.73 0.58
CA ASP D 354 -19.54 -38.20 1.57
C ASP D 354 -18.98 -39.55 1.10
N GLY D 355 -17.66 -39.72 1.28
CA GLY D 355 -16.89 -40.88 0.88
C GLY D 355 -16.87 -41.08 -0.62
N VAL D 356 -17.10 -40.00 -1.40
CA VAL D 356 -17.13 -40.16 -2.86
C VAL D 356 -15.78 -39.97 -3.51
N ASP D 357 -15.37 -41.00 -4.26
CA ASP D 357 -14.21 -41.10 -5.13
C ASP D 357 -14.60 -42.00 -6.29
N ILE D 358 -13.72 -42.09 -7.31
CA ILE D 358 -13.90 -42.87 -8.53
C ILE D 358 -14.32 -44.31 -8.25
N ASN D 359 -13.79 -44.90 -7.17
CA ASN D 359 -14.13 -46.27 -6.85
C ASN D 359 -15.51 -46.39 -6.24
N THR D 360 -15.84 -45.54 -5.26
CA THR D 360 -17.15 -45.60 -4.60
C THR D 360 -18.29 -45.13 -5.50
N LEU D 361 -18.01 -44.17 -6.40
CA LEU D 361 -18.96 -43.63 -7.35
C LEU D 361 -19.43 -44.76 -8.28
N GLN D 362 -18.50 -45.59 -8.78
CA GLN D 362 -18.79 -46.74 -9.63
C GLN D 362 -19.75 -47.72 -8.90
N GLU D 363 -19.44 -48.06 -7.65
CA GLU D 363 -20.21 -48.94 -6.76
C GLU D 363 -21.63 -48.44 -6.51
N ILE D 364 -21.82 -47.14 -6.21
CA ILE D 364 -23.13 -46.55 -5.96
C ILE D 364 -24.02 -46.64 -7.19
N VAL D 365 -23.50 -46.23 -8.37
CA VAL D 365 -24.30 -46.24 -9.61
C VAL D 365 -24.66 -47.63 -10.03
N GLU D 366 -23.70 -48.57 -9.88
CA GLU D 366 -23.90 -49.99 -10.21
C GLU D 366 -24.94 -50.61 -9.27
N GLY D 367 -24.86 -50.27 -7.99
CA GLY D 367 -25.81 -50.71 -6.97
C GLY D 367 -27.20 -50.15 -7.20
N MET D 368 -27.28 -48.87 -7.60
CA MET D 368 -28.53 -48.20 -7.97
C MET D 368 -29.15 -48.87 -9.21
N LYS D 369 -28.33 -49.16 -10.24
CA LYS D 369 -28.78 -49.81 -11.48
C LYS D 369 -29.31 -51.22 -11.19
N GLN D 370 -28.59 -51.99 -10.34
CA GLN D 370 -28.97 -53.34 -9.93
C GLN D 370 -30.36 -53.37 -9.26
N LYS D 371 -30.75 -52.28 -8.55
CA LYS D 371 -32.04 -52.12 -7.87
C LYS D 371 -33.05 -51.34 -8.73
N MET D 372 -32.75 -51.15 -10.02
CA MET D 372 -33.58 -50.47 -11.03
C MET D 372 -33.87 -48.97 -10.78
N TRP D 373 -33.02 -48.29 -10.00
CA TRP D 373 -33.11 -46.85 -9.75
C TRP D 373 -32.33 -46.11 -10.83
N SER D 374 -32.96 -45.11 -11.45
CA SER D 374 -32.36 -44.27 -12.47
C SER D 374 -31.31 -43.34 -11.82
N ILE D 375 -30.24 -43.02 -12.57
CA ILE D 375 -29.17 -42.09 -12.17
C ILE D 375 -29.69 -40.62 -12.20
N GLU D 376 -30.90 -40.41 -12.76
CA GLU D 376 -31.58 -39.10 -12.76
C GLU D 376 -31.89 -38.67 -11.30
N ASN D 377 -32.06 -39.65 -10.41
CA ASN D 377 -32.41 -39.46 -9.01
C ASN D 377 -31.30 -38.91 -8.17
N ILE D 378 -30.06 -39.13 -8.58
CA ILE D 378 -28.90 -38.77 -7.77
C ILE D 378 -27.90 -37.84 -8.43
N ALA D 379 -27.13 -37.15 -7.59
CA ALA D 379 -26.00 -36.35 -7.95
C ALA D 379 -24.92 -36.67 -6.92
N PHE D 380 -23.65 -36.38 -7.22
CA PHE D 380 -22.57 -36.67 -6.30
C PHE D 380 -21.80 -35.43 -5.94
N GLY D 381 -21.27 -35.43 -4.72
CA GLY D 381 -20.42 -34.39 -4.17
C GLY D 381 -19.11 -35.04 -3.82
N SER D 382 -17.99 -34.41 -4.20
CA SER D 382 -16.65 -34.94 -3.94
C SER D 382 -15.70 -33.83 -3.51
N GLY D 383 -14.98 -34.08 -2.43
CA GLY D 383 -14.06 -33.12 -1.86
C GLY D 383 -12.63 -33.56 -1.97
N GLY D 384 -12.16 -34.18 -0.87
CA GLY D 384 -10.81 -34.72 -0.69
C GLY D 384 -10.46 -35.74 -1.75
N GLY D 385 -11.41 -36.60 -2.09
CA GLY D 385 -11.26 -37.59 -3.14
C GLY D 385 -11.16 -36.97 -4.53
N LEU D 386 -11.71 -35.73 -4.69
CA LEU D 386 -11.67 -35.03 -5.96
C LEU D 386 -10.44 -34.15 -6.11
N LEU D 387 -10.13 -33.36 -5.09
CA LEU D 387 -9.04 -32.42 -5.22
C LEU D 387 -7.79 -32.73 -4.40
N GLN D 388 -7.90 -33.58 -3.36
CA GLN D 388 -6.74 -33.82 -2.48
C GLN D 388 -6.05 -35.19 -2.55
N LYS D 389 -6.79 -36.29 -2.44
CA LYS D 389 -6.27 -37.66 -2.37
C LYS D 389 -5.82 -38.10 -3.74
N LEU D 390 -4.75 -37.44 -4.24
CA LEU D 390 -4.09 -37.59 -5.55
C LEU D 390 -2.61 -37.23 -5.43
N THR D 391 -1.76 -37.97 -6.17
CA THR D 391 -0.31 -37.80 -6.22
C THR D 391 0.21 -37.91 -7.65
N ARG D 392 1.47 -37.49 -7.85
CA ARG D 392 2.24 -37.48 -9.10
C ARG D 392 2.47 -38.91 -9.66
N ASP D 393 2.27 -39.95 -8.82
CA ASP D 393 2.41 -41.36 -9.19
C ASP D 393 1.18 -41.92 -9.87
N LEU D 394 -0.01 -41.30 -9.66
CA LEU D 394 -1.24 -41.80 -10.28
C LEU D 394 -1.10 -42.00 -11.78
N LEU D 395 -0.52 -40.98 -12.46
CA LEU D 395 -0.30 -41.00 -13.91
C LEU D 395 1.21 -41.08 -14.27
N ASN D 396 2.10 -41.30 -13.26
CA ASN D 396 3.56 -41.35 -13.41
C ASN D 396 4.03 -40.10 -14.19
N CYS D 397 3.67 -38.92 -13.67
CA CYS D 397 4.00 -37.63 -14.24
C CYS D 397 5.51 -37.40 -14.06
N SER D 398 6.25 -37.52 -15.18
CA SER D 398 7.70 -37.39 -15.17
C SER D 398 8.26 -36.32 -16.09
N PHE D 399 9.31 -35.60 -15.61
CA PHE D 399 10.05 -34.58 -16.37
C PHE D 399 11.47 -35.10 -16.49
N LYS D 400 11.93 -35.33 -17.72
CA LYS D 400 13.27 -35.89 -17.95
C LYS D 400 14.06 -35.17 -19.05
N CYS D 401 15.39 -35.20 -18.95
CA CYS D 401 16.30 -34.69 -19.99
C CYS D 401 16.39 -35.80 -21.04
N SER D 402 16.22 -35.48 -22.33
CA SER D 402 16.26 -36.48 -23.41
C SER D 402 17.33 -36.20 -24.47
N TYR D 403 17.81 -34.96 -24.52
CA TYR D 403 18.78 -34.51 -25.51
C TYR D 403 19.64 -33.38 -24.94
N VAL D 404 20.95 -33.50 -25.15
CA VAL D 404 21.97 -32.55 -24.70
C VAL D 404 22.97 -32.24 -25.85
N VAL D 405 23.47 -30.99 -25.92
CA VAL D 405 24.47 -30.56 -26.92
C VAL D 405 25.71 -30.02 -26.19
N THR D 406 26.81 -30.78 -26.30
CA THR D 406 28.10 -30.51 -25.67
C THR D 406 29.27 -30.51 -26.68
N ASN D 407 30.13 -29.45 -26.63
CA ASN D 407 31.29 -29.20 -27.50
C ASN D 407 30.88 -29.25 -28.99
N GLY D 408 29.61 -28.93 -29.24
CA GLY D 408 29.05 -28.95 -30.57
C GLY D 408 28.47 -30.28 -31.00
N LEU D 409 28.53 -31.30 -30.12
CA LEU D 409 28.00 -32.62 -30.43
C LEU D 409 26.69 -32.86 -29.67
N GLY D 410 25.64 -33.22 -30.41
CA GLY D 410 24.31 -33.49 -29.88
C GLY D 410 24.14 -34.94 -29.50
N ILE D 411 23.93 -35.21 -28.20
CA ILE D 411 23.75 -36.58 -27.69
C ILE D 411 22.38 -36.85 -27.10
N ASN D 412 21.78 -37.98 -27.50
CA ASN D 412 20.48 -38.41 -27.00
C ASN D 412 20.69 -39.03 -25.63
N VAL D 413 20.19 -38.34 -24.58
CA VAL D 413 20.33 -38.75 -23.18
C VAL D 413 19.06 -39.43 -22.66
N PHE D 414 19.23 -40.28 -21.64
CA PHE D 414 18.15 -41.07 -21.04
C PHE D 414 18.69 -41.76 -19.79
N LYS D 415 17.77 -42.17 -18.90
CA LYS D 415 18.09 -42.95 -17.72
C LYS D 415 17.45 -44.32 -17.91
N ASP D 416 18.20 -45.38 -17.61
CA ASP D 416 17.75 -46.76 -17.79
C ASP D 416 18.07 -47.54 -16.50
N PRO D 417 17.32 -47.33 -15.38
CA PRO D 417 17.67 -48.04 -14.13
C PRO D 417 17.46 -49.54 -14.24
N VAL D 418 18.47 -50.32 -13.80
CA VAL D 418 18.49 -51.79 -13.83
C VAL D 418 17.28 -52.43 -13.11
N ALA D 419 16.97 -51.92 -11.89
CA ALA D 419 15.90 -52.38 -10.99
C ALA D 419 14.48 -52.03 -11.45
N ASP D 420 14.28 -50.85 -12.09
CA ASP D 420 12.96 -50.43 -12.57
C ASP D 420 12.94 -49.96 -14.03
N PRO D 421 12.58 -50.87 -14.97
CA PRO D 421 12.52 -50.49 -16.41
C PRO D 421 11.44 -49.45 -16.77
N ASN D 422 10.41 -49.26 -15.90
CA ASN D 422 9.34 -48.26 -16.08
C ASN D 422 9.93 -46.82 -16.04
N LYS D 423 10.99 -46.59 -15.21
CA LYS D 423 11.69 -45.30 -15.06
C LYS D 423 12.56 -44.86 -16.26
N ARG D 424 12.38 -45.50 -17.46
CA ARG D 424 13.15 -45.22 -18.67
C ARG D 424 12.64 -44.03 -19.51
N SER D 425 13.49 -43.00 -19.62
CA SER D 425 13.26 -41.76 -20.37
C SER D 425 13.31 -42.02 -21.89
N LYS D 426 12.62 -41.18 -22.69
CA LYS D 426 12.65 -41.19 -24.15
C LYS D 426 13.99 -40.59 -24.62
N LYS D 427 14.39 -40.79 -25.90
CA LYS D 427 15.68 -40.33 -26.40
C LYS D 427 15.57 -39.27 -27.47
N GLY D 428 16.46 -38.28 -27.40
CA GLY D 428 16.59 -37.23 -28.39
C GLY D 428 15.43 -36.27 -28.47
N ARG D 429 15.36 -35.55 -29.60
CA ARG D 429 14.30 -34.57 -29.84
C ARG D 429 13.00 -35.30 -30.03
N LEU D 430 11.89 -34.70 -29.56
CA LEU D 430 10.62 -35.40 -29.57
C LEU D 430 9.52 -34.67 -30.31
N SER D 431 8.53 -35.44 -30.77
CA SER D 431 7.38 -34.91 -31.49
C SER D 431 6.18 -35.84 -31.31
N LEU D 432 4.98 -35.25 -31.33
CA LEU D 432 3.74 -36.00 -31.13
C LEU D 432 2.94 -35.98 -32.39
N HIS D 433 2.51 -37.17 -32.83
CA HIS D 433 1.76 -37.27 -34.08
C HIS D 433 0.49 -38.08 -33.99
N ARG D 434 -0.49 -37.73 -34.82
CA ARG D 434 -1.74 -38.48 -34.93
C ARG D 434 -1.65 -39.29 -36.20
N THR D 435 -1.89 -40.59 -36.09
CA THR D 435 -1.78 -41.52 -37.21
C THR D 435 -3.08 -41.56 -38.04
N PRO D 436 -3.06 -42.11 -39.29
CA PRO D 436 -4.33 -42.22 -40.05
C PRO D 436 -5.44 -42.99 -39.34
N ALA D 437 -5.09 -44.03 -38.53
CA ALA D 437 -6.08 -44.79 -37.75
C ALA D 437 -6.55 -44.07 -36.47
N GLY D 438 -6.02 -42.88 -36.19
CA GLY D 438 -6.44 -42.06 -35.05
C GLY D 438 -5.64 -42.26 -33.78
N ASN D 439 -4.55 -43.02 -33.88
CA ASN D 439 -3.70 -43.30 -32.74
C ASN D 439 -2.68 -42.22 -32.61
N PHE D 440 -1.93 -42.24 -31.50
CA PHE D 440 -0.90 -41.25 -31.21
C PHE D 440 0.45 -41.92 -31.15
N VAL D 441 1.46 -41.22 -31.64
CA VAL D 441 2.83 -41.75 -31.63
C VAL D 441 3.77 -40.64 -31.23
N THR D 442 4.70 -40.95 -30.32
CA THR D 442 5.75 -40.01 -29.95
C THR D 442 7.00 -40.46 -30.69
N LEU D 443 7.49 -39.60 -31.60
CA LEU D 443 8.70 -39.88 -32.39
C LEU D 443 9.95 -39.38 -31.68
N GLU D 444 10.90 -40.30 -31.47
CA GLU D 444 12.14 -40.01 -30.74
C GLU D 444 13.29 -39.68 -31.70
N GLU D 445 14.49 -39.36 -31.14
CA GLU D 445 15.76 -39.12 -31.87
C GLU D 445 15.65 -38.24 -33.12
N GLY D 446 14.78 -37.22 -33.08
CA GLY D 446 14.54 -36.30 -34.19
C GLY D 446 13.73 -36.85 -35.35
N LYS D 447 13.35 -38.15 -35.32
CA LYS D 447 12.62 -38.85 -36.39
C LYS D 447 11.39 -38.17 -36.94
N GLY D 448 10.80 -37.25 -36.15
CA GLY D 448 9.65 -36.44 -36.55
C GLY D 448 9.93 -35.53 -37.73
N ASP D 449 11.22 -35.17 -37.94
CA ASP D 449 11.70 -34.32 -39.04
C ASP D 449 11.40 -34.96 -40.39
N LEU D 450 11.45 -36.31 -40.49
CA LEU D 450 11.19 -37.09 -41.72
C LEU D 450 9.81 -36.84 -42.34
N GLU D 451 8.88 -36.24 -41.56
CA GLU D 451 7.51 -35.88 -41.94
C GLU D 451 6.68 -37.09 -42.43
N GLU D 452 6.67 -38.15 -41.59
CA GLU D 452 5.94 -39.37 -41.89
C GLU D 452 4.49 -39.26 -41.44
N TYR D 453 4.26 -38.77 -40.19
CA TYR D 453 2.93 -38.68 -39.58
C TYR D 453 2.24 -37.31 -39.56
N GLY D 454 2.48 -36.49 -40.57
CA GLY D 454 1.87 -35.17 -40.64
C GLY D 454 2.38 -34.22 -39.56
N GLN D 455 1.56 -33.21 -39.23
CA GLN D 455 1.92 -32.18 -38.26
C GLN D 455 2.17 -32.64 -36.82
N ASP D 456 3.24 -32.11 -36.20
CA ASP D 456 3.61 -32.27 -34.80
C ASP D 456 2.48 -31.61 -34.01
N LEU D 457 1.91 -32.34 -33.05
CA LEU D 457 0.81 -31.84 -32.22
C LEU D 457 1.28 -30.82 -31.17
N LEU D 458 2.61 -30.75 -30.90
CA LEU D 458 3.19 -29.79 -29.93
C LEU D 458 3.33 -28.39 -30.56
N HIS D 459 2.73 -27.38 -29.95
CA HIS D 459 2.80 -25.99 -30.43
C HIS D 459 3.64 -25.17 -29.46
N THR D 460 4.38 -24.16 -29.93
CA THR D 460 5.17 -23.31 -29.02
C THR D 460 4.18 -22.47 -28.25
N VAL D 461 4.23 -22.54 -26.93
CA VAL D 461 3.31 -21.79 -26.04
C VAL D 461 4.05 -20.71 -25.25
N PHE D 462 5.38 -20.88 -25.09
CA PHE D 462 6.28 -19.95 -24.43
C PHE D 462 7.60 -19.81 -25.20
N LYS D 463 8.07 -18.57 -25.37
CA LYS D 463 9.37 -18.29 -25.99
C LYS D 463 9.94 -16.99 -25.51
N ASN D 464 11.16 -17.06 -24.98
CA ASN D 464 11.91 -15.88 -24.58
C ASN D 464 11.10 -14.85 -23.79
N GLY D 465 10.42 -15.32 -22.74
CA GLY D 465 9.60 -14.51 -21.85
C GLY D 465 8.19 -14.21 -22.32
N LYS D 466 7.77 -14.81 -23.41
CA LYS D 466 6.46 -14.50 -23.95
C LYS D 466 5.61 -15.71 -24.19
N VAL D 467 4.31 -15.59 -23.82
CA VAL D 467 3.27 -16.59 -24.04
C VAL D 467 2.83 -16.43 -25.52
N THR D 468 3.19 -17.40 -26.37
CA THR D 468 2.97 -17.35 -27.84
C THR D 468 1.65 -17.96 -28.33
N LYS D 469 1.00 -18.76 -27.47
CA LYS D 469 -0.27 -19.41 -27.78
C LYS D 469 -1.10 -19.65 -26.52
N SER D 470 -2.34 -19.16 -26.53
CA SER D 470 -3.27 -19.28 -25.43
C SER D 470 -4.53 -20.01 -25.89
N TYR D 471 -5.22 -20.68 -24.95
CA TYR D 471 -6.48 -21.38 -25.19
C TYR D 471 -7.52 -20.84 -24.24
N SER D 472 -8.74 -20.72 -24.72
CA SER D 472 -9.83 -20.26 -23.86
C SER D 472 -10.30 -21.47 -23.06
N PHE D 473 -11.06 -21.24 -21.98
CA PHE D 473 -11.58 -22.36 -21.20
C PHE D 473 -12.60 -23.13 -22.04
N ASP D 474 -13.29 -22.43 -22.97
CA ASP D 474 -14.27 -22.99 -23.91
C ASP D 474 -13.65 -24.00 -24.89
N GLU D 475 -12.42 -23.72 -25.40
CA GLU D 475 -11.64 -24.59 -26.29
C GLU D 475 -11.21 -25.85 -25.55
N ILE D 476 -10.69 -25.68 -24.33
CA ILE D 476 -10.28 -26.77 -23.42
C ILE D 476 -11.45 -27.70 -23.15
N ARG D 477 -12.63 -27.15 -22.78
CA ARG D 477 -13.81 -28.00 -22.55
C ARG D 477 -14.19 -28.79 -23.81
N LYS D 478 -14.09 -28.15 -24.99
CA LYS D 478 -14.43 -28.76 -26.26
C LYS D 478 -13.46 -29.91 -26.55
N ASN D 479 -12.16 -29.67 -26.36
CA ASN D 479 -11.11 -30.67 -26.57
C ASN D 479 -11.20 -31.87 -25.65
N ALA D 480 -11.69 -31.66 -24.40
CA ALA D 480 -11.80 -32.68 -23.37
C ALA D 480 -13.12 -33.43 -23.37
N GLN D 481 -14.05 -33.07 -24.29
CA GLN D 481 -15.34 -33.74 -24.40
C GLN D 481 -15.23 -35.25 -24.52
N LEU D 482 -16.22 -35.97 -23.96
CA LEU D 482 -16.24 -37.43 -24.07
C LEU D 482 -16.76 -37.83 -25.45
N ASN D 483 -16.28 -38.96 -25.99
CA ASN D 483 -16.78 -39.51 -27.26
C ASN D 483 -18.30 -39.78 -27.17
N ILE D 484 -18.77 -40.30 -25.99
CA ILE D 484 -20.20 -40.53 -25.70
C ILE D 484 -21.00 -39.23 -25.84
N GLU D 485 -20.38 -38.07 -25.61
CA GLU D 485 -21.00 -36.76 -25.83
C GLU D 485 -20.80 -36.55 -27.35
N LEU D 486 -21.61 -37.30 -28.14
CA LEU D 486 -21.58 -37.38 -29.61
C LEU D 486 -21.50 -36.05 -30.34
C1 BWA E . -6.98 47.35 15.22
C3 BWA E . -8.61 45.67 14.35
C11 BWA E . -4.82 48.41 15.60
C12 BWA E . -5.64 47.26 15.63
C13 BWA E . -9.66 42.02 11.71
C15 BWA E . -8.09 40.27 11.79
C16 BWA E . -7.64 40.69 13.06
C17 BWA E . -8.25 41.80 13.65
C18 BWA E . -4.36 50.80 14.99
C20 BWA E . -4.08 51.84 17.24
C21 BWA E . -4.39 53.13 17.91
C22 BWA E . -5.05 53.91 16.96
C23 BWA E . -5.14 53.06 15.72
C24 BWA E . -4.10 53.63 19.19
C25 BWA E . -4.54 54.94 19.50
C26 BWA E . -5.16 55.73 18.52
C27 BWA E . -5.47 55.22 17.24
N2 BWA E . -7.66 46.11 15.22
N4 BWA E . -8.92 44.35 14.48
O5 BWA E . -9.17 46.40 13.52
C6 BWA E . -9.93 43.72 13.64
C7 BWA E . -9.28 42.50 12.98
C8 BWA E . -7.47 48.56 14.67
C9 BWA E . -6.64 49.68 14.62
C10 BWA E . -5.32 49.61 15.09
N14 BWA E . -9.09 40.93 11.15
N19 BWA E . -4.60 51.84 15.99
O28 BWA E . -3.46 50.94 17.79
O29 BWA E . -5.63 53.46 14.68
C1 GOL F . 22.31 49.65 5.31
O1 GOL F . 21.21 50.18 4.57
C2 GOL F . 21.99 49.54 6.79
O2 GOL F . 21.19 48.37 7.02
C3 GOL F . 23.28 49.45 7.57
O3 GOL F . 23.02 49.39 8.97
P PO4 G . 15.45 30.67 -9.77
O1 PO4 G . 16.10 30.36 -8.39
O2 PO4 G . 15.02 32.16 -9.81
O3 PO4 G . 14.20 29.74 -10.02
O4 PO4 G . 16.49 30.44 -10.90
C1 BWA H . 10.93 14.97 -12.78
C3 BWA H . 12.39 16.94 -12.31
C11 BWA H . 8.90 13.65 -12.60
C12 BWA H . 9.97 14.30 -12.00
C13 BWA H . 13.21 21.17 -10.40
C15 BWA H . 12.44 21.46 -8.14
C16 BWA H . 12.41 20.06 -7.97
C17 BWA H . 12.84 19.22 -9.04
C18 BWA H . 7.45 13.03 -14.54
C20 BWA H . 7.80 12.02 -16.79
C21 BWA H . 8.04 10.64 -17.37
C22 BWA H . 8.08 9.77 -16.26
C23 BWA H . 7.84 10.63 -15.05
C24 BWA H . 8.19 10.19 -18.68
C25 BWA H . 8.35 8.80 -18.83
C26 BWA H . 8.41 7.92 -17.73
C27 BWA H . 8.25 8.38 -16.42
N2 BWA H . 11.87 15.71 -12.02
N4 BWA H . 13.08 17.55 -11.33
O5 BWA H . 12.30 17.45 -13.41
C6 BWA H . 13.73 18.86 -11.45
C7 BWA H . 13.25 19.77 -10.28
C8 BWA H . 10.68 15.09 -14.17
C9 BWA H . 9.59 14.44 -14.79
C10 BWA H . 8.70 13.70 -13.98
N14 BWA H . 12.82 21.96 -9.35
N19 BWA H . 7.74 11.93 -15.44
O28 BWA H . 7.75 13.02 -17.49
O29 BWA H . 7.82 10.17 -13.92
C1 GOL I . -19.78 14.07 -3.68
O1 GOL I . -20.51 14.22 -4.90
C2 GOL I . -18.79 12.94 -3.75
O2 GOL I . -19.47 11.69 -3.91
C3 GOL I . -17.78 13.10 -4.88
O3 GOL I . -16.99 14.27 -4.69
P PO4 J . -14.14 37.26 4.63
O1 PO4 J . -15.36 37.99 5.24
O2 PO4 J . -12.87 38.19 4.74
O3 PO4 J . -13.92 35.94 5.43
O4 PO4 J . -14.40 36.90 3.14
S DMS K . -17.94 -11.88 -13.22
O DMS K . -17.63 -11.14 -11.99
C1 DMS K . -17.47 -13.55 -12.91
C2 DMS K . -19.70 -12.08 -13.24
C1 BWA L . 20.67 -34.09 0.13
C3 BWA L . 19.87 -34.65 -2.15
C11 BWA L . 21.41 -35.66 1.88
C12 BWA L . 21.14 -35.37 0.53
C13 BWA L . 16.52 -35.46 -5.26
C15 BWA L . 14.70 -33.91 -5.05
C16 BWA L . 15.52 -32.99 -4.39
C17 BWA L . 16.87 -33.34 -4.17
C18 BWA L . 21.39 -34.96 4.34
C20 BWA L . 23.36 -33.71 5.24
C21 BWA L . 24.74 -34.04 5.76
C22 BWA L . 24.87 -35.42 5.64
C23 BWA L . 23.58 -35.91 5.03
C24 BWA L . 25.76 -33.25 6.29
C25 BWA L . 26.95 -33.90 6.70
C26 BWA L . 27.09 -35.30 6.58
C27 BWA L . 26.05 -36.10 6.04
N2 BWA L . 20.26 -33.78 -1.18
N4 BWA L . 19.37 -34.11 -3.29
O5 BWA L . 20.02 -35.87 -2.05
C6 BWA L . 18.89 -34.93 -4.38
C7 BWA L . 17.40 -34.58 -4.60
C8 BWA L . 20.37 -33.15 1.13
C9 BWA L . 20.65 -33.43 2.46
C10 BWA L . 21.18 -34.67 2.85
N14 BWA L . 15.22 -35.11 -5.47
N19 BWA L . 22.77 -34.85 4.79
O28 BWA L . 22.91 -32.57 5.21
O29 BWA L . 23.36 -37.09 4.75
C1 GOL M . 3.39 -30.15 25.51
O1 GOL M . 2.30 -30.98 25.14
C2 GOL M . 3.42 -28.90 24.67
O2 GOL M . 3.92 -29.21 23.37
C3 GOL M . 4.29 -27.84 25.32
O3 GOL M . 3.75 -27.46 26.56
C1 GOL N . -9.94 -14.60 -4.11
O1 GOL N . -8.65 -14.79 -4.65
C2 GOL N . -10.78 -15.85 -4.26
O2 GOL N . -10.87 -16.21 -5.65
C3 GOL N . -10.35 -17.03 -3.42
O3 GOL N . -8.98 -17.37 -3.58
P PO4 O . -15.56 -33.29 9.01
O1 PO4 O . -15.50 -31.80 9.51
O2 PO4 O . -16.93 -33.93 9.32
O3 PO4 O . -14.45 -34.10 9.73
O4 PO4 O . -15.37 -33.33 7.47
P PO4 P . 10.00 -39.64 -11.17
O1 PO4 P . 8.68 -39.61 -10.33
O2 PO4 P . 10.97 -38.52 -10.70
O3 PO4 P . 10.68 -41.01 -11.03
O4 PO4 P . 9.67 -39.39 -12.65
C1 BWA Q . -25.30 -28.90 -4.07
C3 BWA Q . -24.50 -29.08 -1.74
C11 BWA Q . -25.13 -28.94 -6.50
C12 BWA Q . -24.73 -28.40 -5.26
C13 BWA Q . -21.03 -29.58 1.41
C15 BWA Q . -19.02 -28.41 0.79
C16 BWA Q . -19.76 -27.57 -0.06
C17 BWA Q . -21.16 -27.76 -0.14
C18 BWA Q . -26.38 -30.59 -7.91
C20 BWA Q . -28.34 -29.43 -8.91
C21 BWA Q . -29.80 -29.73 -9.18
C22 BWA Q . -30.02 -31.02 -8.70
C23 BWA Q . -28.72 -31.46 -8.08
C24 BWA Q . -30.84 -29.01 -9.79
C25 BWA Q . -32.10 -29.64 -9.92
C26 BWA Q . -32.30 -30.97 -9.46
C27 BWA Q . -31.27 -31.67 -8.80
N2 BWA Q . -24.71 -28.38 -2.90
N4 BWA Q . -23.75 -28.42 -0.80
O5 BWA Q . -24.99 -30.19 -1.53
C6 BWA Q . -23.36 -28.94 0.50
C7 BWA Q . -21.83 -28.75 0.60
C8 BWA Q . -26.12 -30.05 -4.13
C9 BWA Q . -26.51 -30.59 -5.35
C10 BWA Q . -26.02 -30.01 -6.54
N14 BWA Q . -19.68 -29.40 1.46
N19 BWA Q . -27.80 -30.48 -8.24
O28 BWA Q . -27.78 -28.38 -9.20
O29 BWA Q . -28.59 -32.53 -7.51
C1 GOL R . -8.42 -35.58 -29.28
O1 GOL R . -7.50 -36.43 -28.61
C2 GOL R . -8.43 -34.21 -28.64
O2 GOL R . -8.81 -34.33 -27.27
C3 GOL R . -9.36 -33.26 -29.35
O3 GOL R . -8.89 -33.00 -30.66
#